data_6WOH
# 
_entry.id   6WOH 
# 
_audit_conform.dict_name       mmcif_pdbx.dic 
_audit_conform.dict_version    5.387 
_audit_conform.dict_location   http://mmcif.pdb.org/dictionaries/ascii/mmcif_pdbx.dic 
# 
loop_
_database_2.database_id 
_database_2.database_code 
_database_2.pdbx_database_accession 
_database_2.pdbx_DOI 
PDB   6WOH         pdb_00006woh 10.2210/pdb6woh/pdb 
WWPDB D_1000248640 ?            ?                   
# 
loop_
_pdbx_audit_revision_history.ordinal 
_pdbx_audit_revision_history.data_content_type 
_pdbx_audit_revision_history.major_revision 
_pdbx_audit_revision_history.minor_revision 
_pdbx_audit_revision_history.revision_date 
1 'Structure model' 1 0 2021-03-03 
2 'Structure model' 1 1 2024-03-06 
# 
_pdbx_audit_revision_details.ordinal             1 
_pdbx_audit_revision_details.revision_ordinal    1 
_pdbx_audit_revision_details.data_content_type   'Structure model' 
_pdbx_audit_revision_details.provider            repository 
_pdbx_audit_revision_details.type                'Initial release' 
_pdbx_audit_revision_details.description         ? 
_pdbx_audit_revision_details.details             ? 
# 
loop_
_pdbx_audit_revision_group.ordinal 
_pdbx_audit_revision_group.revision_ordinal 
_pdbx_audit_revision_group.data_content_type 
_pdbx_audit_revision_group.group 
1 2 'Structure model' 'Data collection'     
2 2 'Structure model' 'Database references' 
# 
loop_
_pdbx_audit_revision_category.ordinal 
_pdbx_audit_revision_category.revision_ordinal 
_pdbx_audit_revision_category.data_content_type 
_pdbx_audit_revision_category.category 
1 2 'Structure model' chem_comp_atom 
2 2 'Structure model' chem_comp_bond 
3 2 'Structure model' database_2     
# 
loop_
_pdbx_audit_revision_item.ordinal 
_pdbx_audit_revision_item.revision_ordinal 
_pdbx_audit_revision_item.data_content_type 
_pdbx_audit_revision_item.item 
1 2 'Structure model' '_database_2.pdbx_DOI'                
2 2 'Structure model' '_database_2.pdbx_database_accession' 
# 
_pdbx_database_status.status_code                     REL 
_pdbx_database_status.status_code_sf                  REL 
_pdbx_database_status.status_code_mr                  ? 
_pdbx_database_status.entry_id                        6WOH 
_pdbx_database_status.recvd_initial_deposition_date   2020-04-24 
_pdbx_database_status.SG_entry                        N 
_pdbx_database_status.deposit_site                    RCSB 
_pdbx_database_status.process_site                    RCSB 
_pdbx_database_status.status_code_cs                  ? 
_pdbx_database_status.status_code_nmr_data            ? 
_pdbx_database_status.methods_development_category    ? 
_pdbx_database_status.pdb_format_compatible           Y 
# 
loop_
_audit_author.name 
_audit_author.pdbx_ordinal 
_audit_author.identifier_ORCID 
'Zong, G.N.'   1 ? 
'Wang, H.C.'   2 ? 
'Shears, S.B.' 3 ? 
# 
_citation.abstract                  ? 
_citation.abstract_id_CAS           ? 
_citation.book_id_ISBN              ? 
_citation.book_publisher            ? 
_citation.book_publisher_city       ? 
_citation.book_title                ? 
_citation.coordinate_linkage        ? 
_citation.country                   US 
_citation.database_id_Medline       ? 
_citation.details                   ? 
_citation.id                        primary 
_citation.journal_abbrev            'Faseb J.' 
_citation.journal_id_ASTM           FAJOEC 
_citation.journal_id_CSD            2074 
_citation.journal_id_ISSN           1530-6860 
_citation.journal_full              ? 
_citation.journal_issue             ? 
_citation.journal_volume            35 
_citation.language                  ? 
_citation.page_first                e21275 
_citation.page_last                 e21275 
_citation.title                     
'New structural insights reveal an expanded reaction cycle for inositol pyrophosphate hydrolysis by human DIPP1.' 
_citation.year                      2021 
_citation.database_id_CSD           ? 
_citation.pdbx_database_id_DOI      10.1096/fj.202001489R 
_citation.pdbx_database_id_PubMed   33475202 
_citation.unpublished_flag          ? 
# 
loop_
_citation_author.citation_id 
_citation_author.name 
_citation_author.ordinal 
_citation_author.identifier_ORCID 
primary 'Zong, G.'     1 0000-0001-6019-5741 
primary 'Jork, N.'     2 ?                   
primary 'Hostachy, S.' 3 ?                   
primary 'Fiedler, D.'  4 ?                   
primary 'Jessen, H.J.' 5 ?                   
primary 'Shears, S.B.' 6 ?                   
primary 'Wang, H.'     7 ?                   
# 
loop_
_entity.id 
_entity.type 
_entity.src_method 
_entity.pdbx_description 
_entity.formula_weight 
_entity.pdbx_number_of_molecules 
_entity.pdbx_ec 
_entity.pdbx_mutation 
_entity.pdbx_fragment 
_entity.details 
1 polymer     man 'Diphosphoinositol polyphosphate phosphohydrolase 1' 19542.922 1   3.6.1.52,3.6.1.- ? ? ? 
2 non-polymer syn 
'{[(1R,3S,4S,5R,6S)-2,4,5,6-tetrakis(phosphonooxy)cyclohexane-1,3-diyl]bis[oxy(hydroxyphosphoryl)methanediyl]}bis(phosphonic acid)' 
816.049   1   ?                ? ? ? 
3 non-polymer syn 'SULFATE ION' 96.063    2   ?                ? ? ? 
4 water       nat water 18.015    110 ?                ? ? ? 
# 
_entity_name_com.entity_id   1 
_entity_name_com.name        
;DIPP-1,Diadenosine 5',5'''-P1,P6-hexaphosphate hydrolase 1,Nucleoside diphosphate-linked moiety X motif 3,Nudix motif 3
;
# 
_entity_poly.entity_id                      1 
_entity_poly.type                           'polypeptide(L)' 
_entity_poly.nstd_linkage                   no 
_entity_poly.nstd_monomer                   no 
_entity_poly.pdbx_seq_one_letter_code       
;HHHHHHSSGVDLGTENLYFQSMMKLKSNQTRTYDGDGYKKRAACLCFRSESEEEVLLVSSSRHPDRWIVPGGGMEPEEEP
SVAAVREVCEEAGVKGTLGRLVGIFENQERKHRTYVYVLIVTEVLEDWEDSVNIGRKREWFKIEDAIKVLQYHKPVQASY
FETLRQGYS
;
_entity_poly.pdbx_seq_one_letter_code_can   
;HHHHHHSSGVDLGTENLYFQSMMKLKSNQTRTYDGDGYKKRAACLCFRSESEEEVLLVSSSRHPDRWIVPGGGMEPEEEP
SVAAVREVCEEAGVKGTLGRLVGIFENQERKHRTYVYVLIVTEVLEDWEDSVNIGRKREWFKIEDAIKVLQYHKPVQASY
FETLRQGYS
;
_entity_poly.pdbx_strand_id                 A 
_entity_poly.pdbx_target_identifier         ? 
# 
loop_
_pdbx_entity_nonpoly.entity_id 
_pdbx_entity_nonpoly.name 
_pdbx_entity_nonpoly.comp_id 
2 
'{[(1R,3S,4S,5R,6S)-2,4,5,6-tetrakis(phosphonooxy)cyclohexane-1,3-diyl]bis[oxy(hydroxyphosphoryl)methanediyl]}bis(phosphonic acid)' 
4WZ 
3 'SULFATE ION' SO4 
4 water HOH 
# 
loop_
_entity_poly_seq.entity_id 
_entity_poly_seq.num 
_entity_poly_seq.mon_id 
_entity_poly_seq.hetero 
1 1   HIS n 
1 2   HIS n 
1 3   HIS n 
1 4   HIS n 
1 5   HIS n 
1 6   HIS n 
1 7   SER n 
1 8   SER n 
1 9   GLY n 
1 10  VAL n 
1 11  ASP n 
1 12  LEU n 
1 13  GLY n 
1 14  THR n 
1 15  GLU n 
1 16  ASN n 
1 17  LEU n 
1 18  TYR n 
1 19  PHE n 
1 20  GLN n 
1 21  SER n 
1 22  MET n 
1 23  MET n 
1 24  LYS n 
1 25  LEU n 
1 26  LYS n 
1 27  SER n 
1 28  ASN n 
1 29  GLN n 
1 30  THR n 
1 31  ARG n 
1 32  THR n 
1 33  TYR n 
1 34  ASP n 
1 35  GLY n 
1 36  ASP n 
1 37  GLY n 
1 38  TYR n 
1 39  LYS n 
1 40  LYS n 
1 41  ARG n 
1 42  ALA n 
1 43  ALA n 
1 44  CYS n 
1 45  LEU n 
1 46  CYS n 
1 47  PHE n 
1 48  ARG n 
1 49  SER n 
1 50  GLU n 
1 51  SER n 
1 52  GLU n 
1 53  GLU n 
1 54  GLU n 
1 55  VAL n 
1 56  LEU n 
1 57  LEU n 
1 58  VAL n 
1 59  SER n 
1 60  SER n 
1 61  SER n 
1 62  ARG n 
1 63  HIS n 
1 64  PRO n 
1 65  ASP n 
1 66  ARG n 
1 67  TRP n 
1 68  ILE n 
1 69  VAL n 
1 70  PRO n 
1 71  GLY n 
1 72  GLY n 
1 73  GLY n 
1 74  MET n 
1 75  GLU n 
1 76  PRO n 
1 77  GLU n 
1 78  GLU n 
1 79  GLU n 
1 80  PRO n 
1 81  SER n 
1 82  VAL n 
1 83  ALA n 
1 84  ALA n 
1 85  VAL n 
1 86  ARG n 
1 87  GLU n 
1 88  VAL n 
1 89  CYS n 
1 90  GLU n 
1 91  GLU n 
1 92  ALA n 
1 93  GLY n 
1 94  VAL n 
1 95  LYS n 
1 96  GLY n 
1 97  THR n 
1 98  LEU n 
1 99  GLY n 
1 100 ARG n 
1 101 LEU n 
1 102 VAL n 
1 103 GLY n 
1 104 ILE n 
1 105 PHE n 
1 106 GLU n 
1 107 ASN n 
1 108 GLN n 
1 109 GLU n 
1 110 ARG n 
1 111 LYS n 
1 112 HIS n 
1 113 ARG n 
1 114 THR n 
1 115 TYR n 
1 116 VAL n 
1 117 TYR n 
1 118 VAL n 
1 119 LEU n 
1 120 ILE n 
1 121 VAL n 
1 122 THR n 
1 123 GLU n 
1 124 VAL n 
1 125 LEU n 
1 126 GLU n 
1 127 ASP n 
1 128 TRP n 
1 129 GLU n 
1 130 ASP n 
1 131 SER n 
1 132 VAL n 
1 133 ASN n 
1 134 ILE n 
1 135 GLY n 
1 136 ARG n 
1 137 LYS n 
1 138 ARG n 
1 139 GLU n 
1 140 TRP n 
1 141 PHE n 
1 142 LYS n 
1 143 ILE n 
1 144 GLU n 
1 145 ASP n 
1 146 ALA n 
1 147 ILE n 
1 148 LYS n 
1 149 VAL n 
1 150 LEU n 
1 151 GLN n 
1 152 TYR n 
1 153 HIS n 
1 154 LYS n 
1 155 PRO n 
1 156 VAL n 
1 157 GLN n 
1 158 ALA n 
1 159 SER n 
1 160 TYR n 
1 161 PHE n 
1 162 GLU n 
1 163 THR n 
1 164 LEU n 
1 165 ARG n 
1 166 GLN n 
1 167 GLY n 
1 168 TYR n 
1 169 SER n 
# 
_entity_src_gen.entity_id                          1 
_entity_src_gen.pdbx_src_id                        1 
_entity_src_gen.pdbx_alt_source_flag               sample 
_entity_src_gen.pdbx_seq_type                      'Biological sequence' 
_entity_src_gen.pdbx_beg_seq_num                   1 
_entity_src_gen.pdbx_end_seq_num                   169 
_entity_src_gen.gene_src_common_name               Human 
_entity_src_gen.gene_src_genus                     ? 
_entity_src_gen.pdbx_gene_src_gene                 'NUDT3, DIPP, DIPP1' 
_entity_src_gen.gene_src_species                   ? 
_entity_src_gen.gene_src_strain                    ? 
_entity_src_gen.gene_src_tissue                    ? 
_entity_src_gen.gene_src_tissue_fraction           ? 
_entity_src_gen.gene_src_details                   ? 
_entity_src_gen.pdbx_gene_src_fragment             ? 
_entity_src_gen.pdbx_gene_src_scientific_name      'Homo sapiens' 
_entity_src_gen.pdbx_gene_src_ncbi_taxonomy_id     9606 
_entity_src_gen.pdbx_gene_src_variant              ? 
_entity_src_gen.pdbx_gene_src_cell_line            ? 
_entity_src_gen.pdbx_gene_src_atcc                 ? 
_entity_src_gen.pdbx_gene_src_organ                ? 
_entity_src_gen.pdbx_gene_src_organelle            ? 
_entity_src_gen.pdbx_gene_src_cell                 ? 
_entity_src_gen.pdbx_gene_src_cellular_location    ? 
_entity_src_gen.host_org_common_name               ? 
_entity_src_gen.pdbx_host_org_scientific_name      'Escherichia coli' 
_entity_src_gen.pdbx_host_org_ncbi_taxonomy_id     562 
_entity_src_gen.host_org_genus                     ? 
_entity_src_gen.pdbx_host_org_gene                 ? 
_entity_src_gen.pdbx_host_org_organ                ? 
_entity_src_gen.host_org_species                   ? 
_entity_src_gen.pdbx_host_org_tissue               ? 
_entity_src_gen.pdbx_host_org_tissue_fraction      ? 
_entity_src_gen.pdbx_host_org_strain               ? 
_entity_src_gen.pdbx_host_org_variant              ? 
_entity_src_gen.pdbx_host_org_cell_line            ? 
_entity_src_gen.pdbx_host_org_atcc                 ? 
_entity_src_gen.pdbx_host_org_culture_collection   ? 
_entity_src_gen.pdbx_host_org_cell                 ? 
_entity_src_gen.pdbx_host_org_organelle            ? 
_entity_src_gen.pdbx_host_org_cellular_location    ? 
_entity_src_gen.pdbx_host_org_vector_type          ? 
_entity_src_gen.pdbx_host_org_vector               ? 
_entity_src_gen.host_org_details                   ? 
_entity_src_gen.expression_system_id               ? 
_entity_src_gen.plasmid_name                       ? 
_entity_src_gen.plasmid_details                    ? 
_entity_src_gen.pdbx_description                   ? 
# 
loop_
_chem_comp.id 
_chem_comp.type 
_chem_comp.mon_nstd_flag 
_chem_comp.name 
_chem_comp.pdbx_synonyms 
_chem_comp.formula 
_chem_comp.formula_weight 
4WZ non-polymer         . 
'{[(1R,3S,4S,5R,6S)-2,4,5,6-tetrakis(phosphonooxy)cyclohexane-1,3-diyl]bis[oxy(hydroxyphosphoryl)methanediyl]}bis(phosphonic acid)' 
? 'C8 H24 O28 P8'  816.049 
ALA 'L-peptide linking' y ALANINE ? 'C3 H7 N O2'     89.093  
ARG 'L-peptide linking' y ARGININE ? 'C6 H15 N4 O2 1' 175.209 
ASN 'L-peptide linking' y ASPARAGINE ? 'C4 H8 N2 O3'    132.118 
ASP 'L-peptide linking' y 'ASPARTIC ACID' ? 'C4 H7 N O4'     133.103 
CYS 'L-peptide linking' y CYSTEINE ? 'C3 H7 N O2 S'   121.158 
GLN 'L-peptide linking' y GLUTAMINE ? 'C5 H10 N2 O3'   146.144 
GLU 'L-peptide linking' y 'GLUTAMIC ACID' ? 'C5 H9 N O4'     147.129 
GLY 'peptide linking'   y GLYCINE ? 'C2 H5 N O2'     75.067  
HIS 'L-peptide linking' y HISTIDINE ? 'C6 H10 N3 O2 1' 156.162 
HOH non-polymer         . WATER ? 'H2 O'           18.015  
ILE 'L-peptide linking' y ISOLEUCINE ? 'C6 H13 N O2'    131.173 
LEU 'L-peptide linking' y LEUCINE ? 'C6 H13 N O2'    131.173 
LYS 'L-peptide linking' y LYSINE ? 'C6 H15 N2 O2 1' 147.195 
MET 'L-peptide linking' y METHIONINE ? 'C5 H11 N O2 S'  149.211 
PHE 'L-peptide linking' y PHENYLALANINE ? 'C9 H11 N O2'    165.189 
PRO 'L-peptide linking' y PROLINE ? 'C5 H9 N O2'     115.130 
SER 'L-peptide linking' y SERINE ? 'C3 H7 N O3'     105.093 
SO4 non-polymer         . 'SULFATE ION' ? 'O4 S -2'        96.063  
THR 'L-peptide linking' y THREONINE ? 'C4 H9 N O3'     119.119 
TRP 'L-peptide linking' y TRYPTOPHAN ? 'C11 H12 N2 O2'  204.225 
TYR 'L-peptide linking' y TYROSINE ? 'C9 H11 N O3'    181.189 
VAL 'L-peptide linking' y VALINE ? 'C5 H11 N O2'    117.146 
# 
loop_
_pdbx_poly_seq_scheme.asym_id 
_pdbx_poly_seq_scheme.entity_id 
_pdbx_poly_seq_scheme.seq_id 
_pdbx_poly_seq_scheme.mon_id 
_pdbx_poly_seq_scheme.ndb_seq_num 
_pdbx_poly_seq_scheme.pdb_seq_num 
_pdbx_poly_seq_scheme.auth_seq_num 
_pdbx_poly_seq_scheme.pdb_mon_id 
_pdbx_poly_seq_scheme.auth_mon_id 
_pdbx_poly_seq_scheme.pdb_strand_id 
_pdbx_poly_seq_scheme.pdb_ins_code 
_pdbx_poly_seq_scheme.hetero 
A 1 1   HIS 1   -20 ?   ?   ?   A . n 
A 1 2   HIS 2   -19 ?   ?   ?   A . n 
A 1 3   HIS 3   -18 ?   ?   ?   A . n 
A 1 4   HIS 4   -17 ?   ?   ?   A . n 
A 1 5   HIS 5   -16 ?   ?   ?   A . n 
A 1 6   HIS 6   -15 ?   ?   ?   A . n 
A 1 7   SER 7   -14 ?   ?   ?   A . n 
A 1 8   SER 8   -13 ?   ?   ?   A . n 
A 1 9   GLY 9   -12 ?   ?   ?   A . n 
A 1 10  VAL 10  -11 ?   ?   ?   A . n 
A 1 11  ASP 11  -10 ?   ?   ?   A . n 
A 1 12  LEU 12  -9  ?   ?   ?   A . n 
A 1 13  GLY 13  -8  ?   ?   ?   A . n 
A 1 14  THR 14  -7  ?   ?   ?   A . n 
A 1 15  GLU 15  -6  ?   ?   ?   A . n 
A 1 16  ASN 16  -5  ?   ?   ?   A . n 
A 1 17  LEU 17  -4  ?   ?   ?   A . n 
A 1 18  TYR 18  -3  ?   ?   ?   A . n 
A 1 19  PHE 19  -2  ?   ?   ?   A . n 
A 1 20  GLN 20  -1  ?   ?   ?   A . n 
A 1 21  SER 21  0   ?   ?   ?   A . n 
A 1 22  MET 22  1   ?   ?   ?   A . n 
A 1 23  MET 23  2   ?   ?   ?   A . n 
A 1 24  LYS 24  3   ?   ?   ?   A . n 
A 1 25  LEU 25  4   ?   ?   ?   A . n 
A 1 26  LYS 26  5   ?   ?   ?   A . n 
A 1 27  SER 27  6   ?   ?   ?   A . n 
A 1 28  ASN 28  7   ?   ?   ?   A . n 
A 1 29  GLN 29  8   ?   ?   ?   A . n 
A 1 30  THR 30  9   9   THR THR A . n 
A 1 31  ARG 31  10  10  ARG ARG A . n 
A 1 32  THR 32  11  11  THR THR A . n 
A 1 33  TYR 33  12  12  TYR TYR A . n 
A 1 34  ASP 34  13  13  ASP ASP A . n 
A 1 35  GLY 35  14  14  GLY GLY A . n 
A 1 36  ASP 36  15  15  ASP ASP A . n 
A 1 37  GLY 37  16  16  GLY GLY A . n 
A 1 38  TYR 38  17  17  TYR TYR A . n 
A 1 39  LYS 39  18  18  LYS LYS A . n 
A 1 40  LYS 40  19  19  LYS LYS A . n 
A 1 41  ARG 41  20  20  ARG ARG A . n 
A 1 42  ALA 42  21  21  ALA ALA A . n 
A 1 43  ALA 43  22  22  ALA ALA A . n 
A 1 44  CYS 44  23  23  CYS CYS A . n 
A 1 45  LEU 45  24  24  LEU LEU A . n 
A 1 46  CYS 46  25  25  CYS CYS A . n 
A 1 47  PHE 47  26  26  PHE PHE A . n 
A 1 48  ARG 48  27  27  ARG ARG A . n 
A 1 49  SER 49  28  28  SER SER A . n 
A 1 50  GLU 50  29  29  GLU GLU A . n 
A 1 51  SER 51  30  30  SER SER A . n 
A 1 52  GLU 52  31  31  GLU GLU A . n 
A 1 53  GLU 53  32  32  GLU GLU A . n 
A 1 54  GLU 54  33  33  GLU GLU A . n 
A 1 55  VAL 55  34  34  VAL VAL A . n 
A 1 56  LEU 56  35  35  LEU LEU A . n 
A 1 57  LEU 57  36  36  LEU LEU A . n 
A 1 58  VAL 58  37  37  VAL VAL A . n 
A 1 59  SER 59  38  38  SER SER A . n 
A 1 60  SER 60  39  39  SER SER A . n 
A 1 61  SER 61  40  40  SER SER A . n 
A 1 62  ARG 62  41  41  ARG ARG A . n 
A 1 63  HIS 63  42  42  HIS HIS A . n 
A 1 64  PRO 64  43  43  PRO PRO A . n 
A 1 65  ASP 65  44  44  ASP ASP A . n 
A 1 66  ARG 66  45  45  ARG ARG A . n 
A 1 67  TRP 67  46  46  TRP TRP A . n 
A 1 68  ILE 68  47  47  ILE ILE A . n 
A 1 69  VAL 69  48  48  VAL VAL A . n 
A 1 70  PRO 70  49  49  PRO PRO A . n 
A 1 71  GLY 71  50  50  GLY GLY A . n 
A 1 72  GLY 72  51  51  GLY GLY A . n 
A 1 73  GLY 73  52  52  GLY GLY A . n 
A 1 74  MET 74  53  53  MET MET A . n 
A 1 75  GLU 75  54  54  GLU GLU A . n 
A 1 76  PRO 76  55  55  PRO PRO A . n 
A 1 77  GLU 77  56  56  GLU GLU A . n 
A 1 78  GLU 78  57  57  GLU GLU A . n 
A 1 79  GLU 79  58  58  GLU GLU A . n 
A 1 80  PRO 80  59  59  PRO PRO A . n 
A 1 81  SER 81  60  60  SER SER A . n 
A 1 82  VAL 82  61  61  VAL VAL A . n 
A 1 83  ALA 83  62  62  ALA ALA A . n 
A 1 84  ALA 84  63  63  ALA ALA A . n 
A 1 85  VAL 85  64  64  VAL VAL A . n 
A 1 86  ARG 86  65  65  ARG ARG A . n 
A 1 87  GLU 87  66  66  GLU GLU A . n 
A 1 88  VAL 88  67  67  VAL VAL A . n 
A 1 89  CYS 89  68  68  CYS CYS A . n 
A 1 90  GLU 90  69  69  GLU GLU A . n 
A 1 91  GLU 91  70  70  GLU GLU A . n 
A 1 92  ALA 92  71  71  ALA ALA A . n 
A 1 93  GLY 93  72  72  GLY GLY A . n 
A 1 94  VAL 94  73  73  VAL VAL A . n 
A 1 95  LYS 95  74  74  LYS LYS A . n 
A 1 96  GLY 96  75  75  GLY GLY A . n 
A 1 97  THR 97  76  76  THR THR A . n 
A 1 98  LEU 98  77  77  LEU LEU A . n 
A 1 99  GLY 99  78  78  GLY GLY A . n 
A 1 100 ARG 100 79  79  ARG ARG A . n 
A 1 101 LEU 101 80  80  LEU LEU A . n 
A 1 102 VAL 102 81  81  VAL VAL A . n 
A 1 103 GLY 103 82  82  GLY GLY A . n 
A 1 104 ILE 104 83  83  ILE ILE A . n 
A 1 105 PHE 105 84  84  PHE PHE A . n 
A 1 106 GLU 106 85  85  GLU GLU A . n 
A 1 107 ASN 107 86  86  ASN ASN A . n 
A 1 108 GLN 108 87  87  GLN GLN A . n 
A 1 109 GLU 109 88  88  GLU GLU A . n 
A 1 110 ARG 110 89  89  ARG ARG A . n 
A 1 111 LYS 111 90  90  LYS LYS A . n 
A 1 112 HIS 112 91  91  HIS HIS A . n 
A 1 113 ARG 113 92  92  ARG ARG A . n 
A 1 114 THR 114 93  93  THR THR A . n 
A 1 115 TYR 115 94  94  TYR TYR A . n 
A 1 116 VAL 116 95  95  VAL VAL A . n 
A 1 117 TYR 117 96  96  TYR TYR A . n 
A 1 118 VAL 118 97  97  VAL VAL A . n 
A 1 119 LEU 119 98  98  LEU LEU A . n 
A 1 120 ILE 120 99  99  ILE ILE A . n 
A 1 121 VAL 121 100 100 VAL VAL A . n 
A 1 122 THR 122 101 101 THR THR A . n 
A 1 123 GLU 123 102 102 GLU GLU A . n 
A 1 124 VAL 124 103 103 VAL VAL A . n 
A 1 125 LEU 125 104 104 LEU LEU A . n 
A 1 126 GLU 126 105 105 GLU GLU A . n 
A 1 127 ASP 127 106 106 ASP ASP A . n 
A 1 128 TRP 128 107 107 TRP TRP A . n 
A 1 129 GLU 129 108 108 GLU GLU A . n 
A 1 130 ASP 130 109 109 ASP ASP A . n 
A 1 131 SER 131 110 110 SER SER A . n 
A 1 132 VAL 132 111 111 VAL VAL A . n 
A 1 133 ASN 133 112 112 ASN ASN A . n 
A 1 134 ILE 134 113 113 ILE ILE A . n 
A 1 135 GLY 135 114 114 GLY GLY A . n 
A 1 136 ARG 136 115 115 ARG ARG A . n 
A 1 137 LYS 137 116 116 LYS LYS A . n 
A 1 138 ARG 138 117 117 ARG ARG A . n 
A 1 139 GLU 139 118 118 GLU GLU A . n 
A 1 140 TRP 140 119 119 TRP TRP A . n 
A 1 141 PHE 141 120 120 PHE PHE A . n 
A 1 142 LYS 142 121 121 LYS LYS A . n 
A 1 143 ILE 143 122 122 ILE ILE A . n 
A 1 144 GLU 144 123 123 GLU GLU A . n 
A 1 145 ASP 145 124 124 ASP ASP A . n 
A 1 146 ALA 146 125 125 ALA ALA A . n 
A 1 147 ILE 147 126 126 ILE ILE A . n 
A 1 148 LYS 148 127 127 LYS LYS A . n 
A 1 149 VAL 149 128 128 VAL VAL A . n 
A 1 150 LEU 150 129 129 LEU LEU A . n 
A 1 151 GLN 151 130 130 GLN GLN A . n 
A 1 152 TYR 152 131 131 TYR TYR A . n 
A 1 153 HIS 153 132 132 HIS HIS A . n 
A 1 154 LYS 154 133 133 LYS LYS A . n 
A 1 155 PRO 155 134 134 PRO PRO A . n 
A 1 156 VAL 156 135 135 VAL VAL A . n 
A 1 157 GLN 157 136 136 GLN GLN A . n 
A 1 158 ALA 158 137 137 ALA ALA A . n 
A 1 159 SER 159 138 138 SER SER A . n 
A 1 160 TYR 160 139 139 TYR TYR A . n 
A 1 161 PHE 161 140 140 PHE PHE A . n 
A 1 162 GLU 162 141 141 GLU GLU A . n 
A 1 163 THR 163 142 142 THR THR A . n 
A 1 164 LEU 164 143 ?   ?   ?   A . n 
A 1 165 ARG 165 144 ?   ?   ?   A . n 
A 1 166 GLN 166 145 ?   ?   ?   A . n 
A 1 167 GLY 167 146 ?   ?   ?   A . n 
A 1 168 TYR 168 147 ?   ?   ?   A . n 
A 1 169 SER 169 148 ?   ?   ?   A . n 
# 
loop_
_pdbx_nonpoly_scheme.asym_id 
_pdbx_nonpoly_scheme.entity_id 
_pdbx_nonpoly_scheme.mon_id 
_pdbx_nonpoly_scheme.ndb_seq_num 
_pdbx_nonpoly_scheme.pdb_seq_num 
_pdbx_nonpoly_scheme.auth_seq_num 
_pdbx_nonpoly_scheme.pdb_mon_id 
_pdbx_nonpoly_scheme.auth_mon_id 
_pdbx_nonpoly_scheme.pdb_strand_id 
_pdbx_nonpoly_scheme.pdb_ins_code 
B 2 4WZ 1   401 401 4WZ 4WZ A . 
C 3 SO4 1   402 701 SO4 SO4 A . 
D 3 SO4 1   403 702 SO4 SO4 A . 
E 4 HOH 1   501 110 HOH HOH A . 
E 4 HOH 2   502 97  HOH HOH A . 
E 4 HOH 3   503 46  HOH HOH A . 
E 4 HOH 4   504 108 HOH HOH A . 
E 4 HOH 5   505 24  HOH HOH A . 
E 4 HOH 6   506 70  HOH HOH A . 
E 4 HOH 7   507 84  HOH HOH A . 
E 4 HOH 8   508 26  HOH HOH A . 
E 4 HOH 9   509 88  HOH HOH A . 
E 4 HOH 10  510 12  HOH HOH A . 
E 4 HOH 11  511 11  HOH HOH A . 
E 4 HOH 12  512 6   HOH HOH A . 
E 4 HOH 13  513 111 HOH HOH A . 
E 4 HOH 14  514 104 HOH HOH A . 
E 4 HOH 15  515 60  HOH HOH A . 
E 4 HOH 16  516 32  HOH HOH A . 
E 4 HOH 17  517 47  HOH HOH A . 
E 4 HOH 18  518 66  HOH HOH A . 
E 4 HOH 19  519 37  HOH HOH A . 
E 4 HOH 20  520 91  HOH HOH A . 
E 4 HOH 21  521 2   HOH HOH A . 
E 4 HOH 22  522 55  HOH HOH A . 
E 4 HOH 23  523 65  HOH HOH A . 
E 4 HOH 24  524 1   HOH HOH A . 
E 4 HOH 25  525 7   HOH HOH A . 
E 4 HOH 26  526 3   HOH HOH A . 
E 4 HOH 27  527 63  HOH HOH A . 
E 4 HOH 28  528 58  HOH HOH A . 
E 4 HOH 29  529 71  HOH HOH A . 
E 4 HOH 30  530 28  HOH HOH A . 
E 4 HOH 31  531 83  HOH HOH A . 
E 4 HOH 32  532 109 HOH HOH A . 
E 4 HOH 33  533 42  HOH HOH A . 
E 4 HOH 34  534 106 HOH HOH A . 
E 4 HOH 35  535 96  HOH HOH A . 
E 4 HOH 36  536 89  HOH HOH A . 
E 4 HOH 37  537 23  HOH HOH A . 
E 4 HOH 38  538 90  HOH HOH A . 
E 4 HOH 39  539 92  HOH HOH A . 
E 4 HOH 40  540 102 HOH HOH A . 
E 4 HOH 41  541 98  HOH HOH A . 
E 4 HOH 42  542 36  HOH HOH A . 
E 4 HOH 43  543 9   HOH HOH A . 
E 4 HOH 44  544 13  HOH HOH A . 
E 4 HOH 45  545 15  HOH HOH A . 
E 4 HOH 46  546 43  HOH HOH A . 
E 4 HOH 47  547 62  HOH HOH A . 
E 4 HOH 48  548 21  HOH HOH A . 
E 4 HOH 49  549 101 HOH HOH A . 
E 4 HOH 50  550 20  HOH HOH A . 
E 4 HOH 51  551 18  HOH HOH A . 
E 4 HOH 52  552 73  HOH HOH A . 
E 4 HOH 53  553 57  HOH HOH A . 
E 4 HOH 54  554 103 HOH HOH A . 
E 4 HOH 55  555 78  HOH HOH A . 
E 4 HOH 56  556 17  HOH HOH A . 
E 4 HOH 57  557 10  HOH HOH A . 
E 4 HOH 58  558 44  HOH HOH A . 
E 4 HOH 59  559 51  HOH HOH A . 
E 4 HOH 60  560 74  HOH HOH A . 
E 4 HOH 61  561 29  HOH HOH A . 
E 4 HOH 62  562 54  HOH HOH A . 
E 4 HOH 63  563 93  HOH HOH A . 
E 4 HOH 64  564 68  HOH HOH A . 
E 4 HOH 65  565 4   HOH HOH A . 
E 4 HOH 66  566 16  HOH HOH A . 
E 4 HOH 67  567 48  HOH HOH A . 
E 4 HOH 68  568 27  HOH HOH A . 
E 4 HOH 69  569 50  HOH HOH A . 
E 4 HOH 70  570 14  HOH HOH A . 
E 4 HOH 71  571 8   HOH HOH A . 
E 4 HOH 72  572 49  HOH HOH A . 
E 4 HOH 73  573 19  HOH HOH A . 
E 4 HOH 74  574 5   HOH HOH A . 
E 4 HOH 75  575 25  HOH HOH A . 
E 4 HOH 76  576 95  HOH HOH A . 
E 4 HOH 77  577 61  HOH HOH A . 
E 4 HOH 78  578 40  HOH HOH A . 
E 4 HOH 79  579 94  HOH HOH A . 
E 4 HOH 80  580 30  HOH HOH A . 
E 4 HOH 81  581 41  HOH HOH A . 
E 4 HOH 82  582 35  HOH HOH A . 
E 4 HOH 83  583 67  HOH HOH A . 
E 4 HOH 84  584 81  HOH HOH A . 
E 4 HOH 85  585 99  HOH HOH A . 
E 4 HOH 86  586 22  HOH HOH A . 
E 4 HOH 87  587 75  HOH HOH A . 
E 4 HOH 88  588 100 HOH HOH A . 
E 4 HOH 89  589 76  HOH HOH A . 
E 4 HOH 90  590 80  HOH HOH A . 
E 4 HOH 91  591 56  HOH HOH A . 
E 4 HOH 92  592 45  HOH HOH A . 
E 4 HOH 93  593 59  HOH HOH A . 
E 4 HOH 94  594 77  HOH HOH A . 
E 4 HOH 95  595 53  HOH HOH A . 
E 4 HOH 96  596 39  HOH HOH A . 
E 4 HOH 97  597 85  HOH HOH A . 
E 4 HOH 98  598 86  HOH HOH A . 
E 4 HOH 99  599 79  HOH HOH A . 
E 4 HOH 100 600 64  HOH HOH A . 
E 4 HOH 101 601 105 HOH HOH A . 
E 4 HOH 102 602 38  HOH HOH A . 
E 4 HOH 103 603 72  HOH HOH A . 
E 4 HOH 104 604 31  HOH HOH A . 
E 4 HOH 105 605 34  HOH HOH A . 
E 4 HOH 106 606 87  HOH HOH A . 
E 4 HOH 107 607 107 HOH HOH A . 
E 4 HOH 108 608 33  HOH HOH A . 
E 4 HOH 109 609 82  HOH HOH A . 
E 4 HOH 110 610 52  HOH HOH A . 
# 
loop_
_software.citation_id 
_software.classification 
_software.compiler_name 
_software.compiler_version 
_software.contact_author 
_software.contact_author_email 
_software.date 
_software.description 
_software.dependencies 
_software.hardware 
_software.language 
_software.location 
_software.mods 
_software.name 
_software.os 
_software.os_version 
_software.type 
_software.version 
_software.pdbx_ordinal 
? refinement        ? ? ? ? ? ? ? ? ? ? ? REFMAC      ? ? ? 5.8.0253 1 
? 'data scaling'    ? ? ? ? ? ? ? ? ? ? ? SCALEPACK   ? ? ? .        2 
? 'data extraction' ? ? ? ? ? ? ? ? ? ? ? PDB_EXTRACT ? ? ? 3.25     3 
? 'data reduction'  ? ? ? ? ? ? ? ? ? ? ? DENZO       ? ? ? .        4 
? phasing           ? ? ? ? ? ? ? ? ? ? ? PHASER      ? ? ? .        5 
# 
_cell.angle_alpha                  90.000 
_cell.angle_alpha_esd              ? 
_cell.angle_beta                   90.000 
_cell.angle_beta_esd               ? 
_cell.angle_gamma                  90.000 
_cell.angle_gamma_esd              ? 
_cell.entry_id                     6WOH 
_cell.details                      ? 
_cell.formula_units_Z              ? 
_cell.length_a                     45.537 
_cell.length_a_esd                 ? 
_cell.length_b                     59.904 
_cell.length_b_esd                 ? 
_cell.length_c                     62.653 
_cell.length_c_esd                 ? 
_cell.volume                       ? 
_cell.volume_esd                   ? 
_cell.Z_PDB                        4 
_cell.reciprocal_angle_alpha       ? 
_cell.reciprocal_angle_beta        ? 
_cell.reciprocal_angle_gamma       ? 
_cell.reciprocal_angle_alpha_esd   ? 
_cell.reciprocal_angle_beta_esd    ? 
_cell.reciprocal_angle_gamma_esd   ? 
_cell.reciprocal_length_a          ? 
_cell.reciprocal_length_b          ? 
_cell.reciprocal_length_c          ? 
_cell.reciprocal_length_a_esd      ? 
_cell.reciprocal_length_b_esd      ? 
_cell.reciprocal_length_c_esd      ? 
_cell.pdbx_unique_axis             ? 
# 
_symmetry.entry_id                         6WOH 
_symmetry.cell_setting                     ? 
_symmetry.Int_Tables_number                19 
_symmetry.space_group_name_Hall            ? 
_symmetry.space_group_name_H-M             'P 21 21 21' 
_symmetry.pdbx_full_space_group_name_H-M   ? 
# 
_exptl.absorpt_coefficient_mu     ? 
_exptl.absorpt_correction_T_max   ? 
_exptl.absorpt_correction_T_min   ? 
_exptl.absorpt_correction_type    ? 
_exptl.absorpt_process_details    ? 
_exptl.entry_id                   6WOH 
_exptl.crystals_number            1 
_exptl.details                    ? 
_exptl.method                     'X-RAY DIFFRACTION' 
_exptl.method_details             ? 
# 
_exptl_crystal.colour                      ? 
_exptl_crystal.density_diffrn              ? 
_exptl_crystal.density_Matthews            2.19 
_exptl_crystal.density_method              ? 
_exptl_crystal.density_percent_sol         43.74 
_exptl_crystal.description                 ? 
_exptl_crystal.F_000                       ? 
_exptl_crystal.id                          1 
_exptl_crystal.preparation                 ? 
_exptl_crystal.size_max                    ? 
_exptl_crystal.size_mid                    ? 
_exptl_crystal.size_min                    ? 
_exptl_crystal.size_rad                    ? 
_exptl_crystal.colour_lustre               ? 
_exptl_crystal.colour_modifier             ? 
_exptl_crystal.colour_primary              ? 
_exptl_crystal.density_meas                ? 
_exptl_crystal.density_meas_esd            ? 
_exptl_crystal.density_meas_gt             ? 
_exptl_crystal.density_meas_lt             ? 
_exptl_crystal.density_meas_temp           ? 
_exptl_crystal.density_meas_temp_esd       ? 
_exptl_crystal.density_meas_temp_gt        ? 
_exptl_crystal.density_meas_temp_lt        ? 
_exptl_crystal.pdbx_crystal_image_url      ? 
_exptl_crystal.pdbx_crystal_image_format   ? 
_exptl_crystal.pdbx_mosaicity              ? 
_exptl_crystal.pdbx_mosaicity_esd          ? 
# 
_exptl_crystal_grow.apparatus       ? 
_exptl_crystal_grow.atmosphere      ? 
_exptl_crystal_grow.crystal_id      1 
_exptl_crystal_grow.details         ? 
_exptl_crystal_grow.method          'VAPOR DIFFUSION, HANGING DROP' 
_exptl_crystal_grow.method_ref      ? 
_exptl_crystal_grow.pH              6.0 
_exptl_crystal_grow.pressure        ? 
_exptl_crystal_grow.pressure_esd    ? 
_exptl_crystal_grow.seeding         ? 
_exptl_crystal_grow.seeding_ref     ? 
_exptl_crystal_grow.temp            293 
_exptl_crystal_grow.temp_details    ? 
_exptl_crystal_grow.temp_esd        ? 
_exptl_crystal_grow.time            ? 
_exptl_crystal_grow.pdbx_details    
;10% (w/v) PEG 8000, 10% (v/v) isopropanol, 200 mM Li2SO4, 75 mM NaAc, pH 5.5 and 25 mM HEPES, pH 7.0 and soaking in solution of 200 mM LiCl, 20% (w/v) PEG 8000, 20% (v/v) isopropanol, 100 mM HEPES, pH 7.0, 20 mM MgCl2 and 80 mM NaF in present of 2mM 1,5-PCP-IP4
;
_exptl_crystal_grow.pdbx_pH_range   ? 
# 
_diffrn.ambient_environment              ? 
_diffrn.ambient_temp                     100 
_diffrn.ambient_temp_details             ? 
_diffrn.ambient_temp_esd                 ? 
_diffrn.crystal_id                       1 
_diffrn.crystal_support                  ? 
_diffrn.crystal_treatment                ? 
_diffrn.details                          ? 
_diffrn.id                               1 
_diffrn.ambient_pressure                 ? 
_diffrn.ambient_pressure_esd             ? 
_diffrn.ambient_pressure_gt              ? 
_diffrn.ambient_pressure_lt              ? 
_diffrn.ambient_temp_gt                  ? 
_diffrn.ambient_temp_lt                  ? 
_diffrn.pdbx_serial_crystal_experiment   N 
# 
_diffrn_detector.details                      ? 
_diffrn_detector.detector                     PIXEL 
_diffrn_detector.diffrn_id                    1 
_diffrn_detector.type                         'DECTRIS EIGER X 16M' 
_diffrn_detector.area_resol_mean              ? 
_diffrn_detector.dtime                        ? 
_diffrn_detector.pdbx_frames_total            ? 
_diffrn_detector.pdbx_collection_time_total   ? 
_diffrn_detector.pdbx_collection_date         2019-06-14 
_diffrn_detector.pdbx_frequency               ? 
# 
_diffrn_radiation.collimation                      ? 
_diffrn_radiation.diffrn_id                        1 
_diffrn_radiation.filter_edge                      ? 
_diffrn_radiation.inhomogeneity                    ? 
_diffrn_radiation.monochromator                    ? 
_diffrn_radiation.polarisn_norm                    ? 
_diffrn_radiation.polarisn_ratio                   ? 
_diffrn_radiation.probe                            ? 
_diffrn_radiation.type                             ? 
_diffrn_radiation.xray_symbol                      ? 
_diffrn_radiation.wavelength_id                    1 
_diffrn_radiation.pdbx_monochromatic_or_laue_m_l   M 
_diffrn_radiation.pdbx_wavelength_list             ? 
_diffrn_radiation.pdbx_wavelength                  ? 
_diffrn_radiation.pdbx_diffrn_protocol             'SINGLE WAVELENGTH' 
_diffrn_radiation.pdbx_analyzer                    ? 
_diffrn_radiation.pdbx_scattering_type             x-ray 
# 
_diffrn_radiation_wavelength.id           1 
_diffrn_radiation_wavelength.wavelength   1.0 
_diffrn_radiation_wavelength.wt           1.0 
# 
_diffrn_source.current                     ? 
_diffrn_source.details                     ? 
_diffrn_source.diffrn_id                   1 
_diffrn_source.power                       ? 
_diffrn_source.size                        ? 
_diffrn_source.source                      SYNCHROTRON 
_diffrn_source.target                      ? 
_diffrn_source.type                        'APS BEAMLINE 22-ID' 
_diffrn_source.voltage                     ? 
_diffrn_source.take-off_angle              ? 
_diffrn_source.pdbx_wavelength_list        1.0 
_diffrn_source.pdbx_wavelength             ? 
_diffrn_source.pdbx_synchrotron_beamline   22-ID 
_diffrn_source.pdbx_synchrotron_site       APS 
# 
_reflns.B_iso_Wilson_estimate            ? 
_reflns.entry_id                         6WOH 
_reflns.data_reduction_details           ? 
_reflns.data_reduction_method            ? 
_reflns.d_resolution_high                1.700 
_reflns.d_resolution_low                 50.000 
_reflns.details                          ? 
_reflns.limit_h_max                      ? 
_reflns.limit_h_min                      ? 
_reflns.limit_k_max                      ? 
_reflns.limit_k_min                      ? 
_reflns.limit_l_max                      ? 
_reflns.limit_l_min                      ? 
_reflns.number_all                       ? 
_reflns.number_obs                       19240 
_reflns.observed_criterion               ? 
_reflns.observed_criterion_F_max         ? 
_reflns.observed_criterion_F_min         ? 
_reflns.observed_criterion_I_max         ? 
_reflns.observed_criterion_I_min         ? 
_reflns.observed_criterion_sigma_F       ? 
_reflns.observed_criterion_sigma_I       ? 
_reflns.percent_possible_obs             98.600 
_reflns.R_free_details                   ? 
_reflns.Rmerge_F_all                     ? 
_reflns.Rmerge_F_obs                     ? 
_reflns.Friedel_coverage                 ? 
_reflns.number_gt                        ? 
_reflns.threshold_expression             ? 
_reflns.pdbx_redundancy                  7.300 
_reflns.pdbx_Rmerge_I_obs                0.075 
_reflns.pdbx_Rmerge_I_all                ? 
_reflns.pdbx_Rsym_value                  ? 
_reflns.pdbx_netI_over_av_sigmaI         ? 
_reflns.pdbx_netI_over_sigmaI            10.900 
_reflns.pdbx_res_netI_over_av_sigmaI_2   ? 
_reflns.pdbx_res_netI_over_sigmaI_2      ? 
_reflns.pdbx_chi_squared                 0.890 
_reflns.pdbx_scaling_rejects             ? 
_reflns.pdbx_d_res_high_opt              ? 
_reflns.pdbx_d_res_low_opt               ? 
_reflns.pdbx_d_res_opt_method            ? 
_reflns.phase_calculation_details        ? 
_reflns.pdbx_Rrim_I_all                  0.080 
_reflns.pdbx_Rpim_I_all                  0.027 
_reflns.pdbx_d_opt                       ? 
_reflns.pdbx_number_measured_all         140892 
_reflns.pdbx_diffrn_id                   1 
_reflns.pdbx_ordinal                     1 
_reflns.pdbx_CC_half                     ? 
_reflns.pdbx_CC_star                     ? 
_reflns.pdbx_R_split                     ? 
# 
loop_
_reflns_shell.d_res_high 
_reflns_shell.d_res_low 
_reflns_shell.meanI_over_sigI_all 
_reflns_shell.meanI_over_sigI_obs 
_reflns_shell.number_measured_all 
_reflns_shell.number_measured_obs 
_reflns_shell.number_possible 
_reflns_shell.number_unique_all 
_reflns_shell.number_unique_obs 
_reflns_shell.percent_possible_all 
_reflns_shell.percent_possible_obs 
_reflns_shell.Rmerge_F_all 
_reflns_shell.Rmerge_F_obs 
_reflns_shell.Rmerge_I_all 
_reflns_shell.Rmerge_I_obs 
_reflns_shell.meanI_over_sigI_gt 
_reflns_shell.meanI_over_uI_all 
_reflns_shell.meanI_over_uI_gt 
_reflns_shell.number_measured_gt 
_reflns_shell.number_unique_gt 
_reflns_shell.percent_possible_gt 
_reflns_shell.Rmerge_F_gt 
_reflns_shell.Rmerge_I_gt 
_reflns_shell.pdbx_redundancy 
_reflns_shell.pdbx_Rsym_value 
_reflns_shell.pdbx_chi_squared 
_reflns_shell.pdbx_netI_over_sigmaI_all 
_reflns_shell.pdbx_netI_over_sigmaI_obs 
_reflns_shell.pdbx_Rrim_I_all 
_reflns_shell.pdbx_Rpim_I_all 
_reflns_shell.pdbx_rejects 
_reflns_shell.pdbx_ordinal 
_reflns_shell.pdbx_diffrn_id 
_reflns_shell.pdbx_CC_half 
_reflns_shell.pdbx_CC_star 
_reflns_shell.pdbx_R_split 
1.700 1.730  ? ? ? ? ? ? 899  96.100  ? ? ? ? 0.757 ? ? ? ? ? ? ? ? 7.600 ? 0.774 ? ? 0.809 0.275 ? 1  1 0.924 ? ? 
1.730 1.760  ? ? ? ? ? ? 944  96.600  ? ? ? ? 0.560 ? ? ? ? ? ? ? ? 7.400 ? 0.773 ? ? 0.599 0.205 ? 2  1 0.927 ? ? 
1.760 1.790  ? ? ? ? ? ? 919  98.000  ? ? ? ? 0.445 ? ? ? ? ? ? ? ? 7.400 ? 0.808 ? ? 0.476 0.163 ? 3  1 0.962 ? ? 
1.790 1.830  ? ? ? ? ? ? 944  98.500  ? ? ? ? 0.368 ? ? ? ? ? ? ? ? 7.100 ? 0.834 ? ? 0.394 0.138 ? 4  1 0.960 ? ? 
1.830 1.870  ? ? ? ? ? ? 933  98.400  ? ? ? ? 0.333 ? ? ? ? ? ? ? ? 7.100 ? 0.871 ? ? 0.358 0.126 ? 5  1 0.960 ? ? 
1.870 1.910  ? ? ? ? ? ? 962  98.800  ? ? ? ? 0.286 ? ? ? ? ? ? ? ? 6.900 ? 0.914 ? ? 0.308 0.110 ? 6  1 0.972 ? ? 
1.910 1.960  ? ? ? ? ? ? 948  99.400  ? ? ? ? 0.229 ? ? ? ? ? ? ? ? 6.200 ? 0.929 ? ? 0.249 0.094 ? 7  1 0.971 ? ? 
1.960 2.020  ? ? ? ? ? ? 952  99.000  ? ? ? ? 0.182 ? ? ? ? ? ? ? ? 6.100 ? 0.879 ? ? 0.197 0.073 ? 8  1 0.981 ? ? 
2.020 2.070  ? ? ? ? ? ? 953  98.800  ? ? ? ? 0.154 ? ? ? ? ? ? ? ? 7.000 ? 0.887 ? ? 0.166 0.058 ? 9  1 0.987 ? ? 
2.070 2.140  ? ? ? ? ? ? 968  99.900  ? ? ? ? 0.135 ? ? ? ? ? ? ? ? 7.900 ? 0.927 ? ? 0.144 0.048 ? 10 1 0.989 ? ? 
2.140 2.220  ? ? ? ? ? ? 980  100.000 ? ? ? ? 0.116 ? ? ? ? ? ? ? ? 8.100 ? 0.951 ? ? 0.124 0.041 ? 11 1 0.989 ? ? 
2.220 2.310  ? ? ? ? ? ? 942  99.500  ? ? ? ? 0.100 ? ? ? ? ? ? ? ? 8.000 ? 0.943 ? ? 0.106 0.035 ? 12 1 0.995 ? ? 
2.310 2.410  ? ? ? ? ? ? 990  99.500  ? ? ? ? 0.086 ? ? ? ? ? ? ? ? 8.000 ? 0.940 ? ? 0.092 0.030 ? 13 1 0.995 ? ? 
2.410 2.540  ? ? ? ? ? ? 957  99.900  ? ? ? ? 0.082 ? ? ? ? ? ? ? ? 7.800 ? 0.944 ? ? 0.087 0.029 ? 14 1 0.993 ? ? 
2.540 2.700  ? ? ? ? ? ? 986  100.000 ? ? ? ? 0.072 ? ? ? ? ? ? ? ? 7.800 ? 0.914 ? ? 0.076 0.026 ? 15 1 0.996 ? ? 
2.700 2.910  ? ? ? ? ? ? 970  99.300  ? ? ? ? 0.065 ? ? ? ? ? ? ? ? 7.500 ? 0.967 ? ? 0.069 0.023 ? 16 1 0.996 ? ? 
2.910 3.200  ? ? ? ? ? ? 970  98.600  ? ? ? ? 0.059 ? ? ? ? ? ? ? ? 7.200 ? 0.936 ? ? 0.063 0.022 ? 17 1 0.995 ? ? 
3.200 3.660  ? ? ? ? ? ? 964  96.400  ? ? ? ? 0.060 ? ? ? ? ? ? ? ? 6.400 ? 0.964 ? ? 0.064 0.024 ? 18 1 0.994 ? ? 
3.660 4.610  ? ? ? ? ? ? 1001 97.800  ? ? ? ? 0.055 ? ? ? ? ? ? ? ? 7.400 ? 0.925 ? ? 0.059 0.020 ? 19 1 0.996 ? ? 
4.610 50.000 ? ? ? ? ? ? 1058 97.200  ? ? ? ? 0.052 ? ? ? ? ? ? ? ? 7.500 ? 0.724 ? ? 0.056 0.019 ? 20 1 0.996 ? ? 
# 
_refine.aniso_B[1][1]                            0.7500 
_refine.aniso_B[1][2]                            -0.0000 
_refine.aniso_B[1][3]                            0.0000 
_refine.aniso_B[2][2]                            -0.2700 
_refine.aniso_B[2][3]                            0.0000 
_refine.aniso_B[3][3]                            -0.4900 
_refine.B_iso_max                                75.310 
_refine.B_iso_mean                               17.0660 
_refine.B_iso_min                                6.460 
_refine.correlation_coeff_Fo_to_Fc               0.9490 
_refine.correlation_coeff_Fo_to_Fc_free          0.9310 
_refine.details                                  
'HYDROGENS HAVE BEEN ADDED IN THE RIDING POSITIONS U VALUES      : REFINED INDIVIDUALLY' 
_refine.diff_density_max                         ? 
_refine.diff_density_max_esd                     ? 
_refine.diff_density_min                         ? 
_refine.diff_density_min_esd                     ? 
_refine.diff_density_rms                         ? 
_refine.diff_density_rms_esd                     ? 
_refine.entry_id                                 6WOH 
_refine.pdbx_refine_id                           'X-RAY DIFFRACTION' 
_refine.ls_abs_structure_details                 ? 
_refine.ls_abs_structure_Flack                   ? 
_refine.ls_abs_structure_Flack_esd               ? 
_refine.ls_abs_structure_Rogers                  ? 
_refine.ls_abs_structure_Rogers_esd              ? 
_refine.ls_d_res_high                            1.7000 
_refine.ls_d_res_low                             31.3500 
_refine.ls_extinction_coef                       ? 
_refine.ls_extinction_coef_esd                   ? 
_refine.ls_extinction_expression                 ? 
_refine.ls_extinction_method                     ? 
_refine.ls_goodness_of_fit_all                   ? 
_refine.ls_goodness_of_fit_all_esd               ? 
_refine.ls_goodness_of_fit_obs                   ? 
_refine.ls_goodness_of_fit_obs_esd               ? 
_refine.ls_hydrogen_treatment                    ? 
_refine.ls_matrix_type                           ? 
_refine.ls_number_constraints                    ? 
_refine.ls_number_parameters                     ? 
_refine.ls_number_reflns_all                     ? 
_refine.ls_number_reflns_obs                     16142 
_refine.ls_number_reflns_R_free                  813 
_refine.ls_number_reflns_R_work                  ? 
_refine.ls_number_restraints                     ? 
_refine.ls_percent_reflns_obs                    87.0200 
_refine.ls_percent_reflns_R_free                 4.8000 
_refine.ls_R_factor_all                          ? 
_refine.ls_R_factor_obs                          0.1865 
_refine.ls_R_factor_R_free                       0.2161 
_refine.ls_R_factor_R_free_error                 ? 
_refine.ls_R_factor_R_free_error_details         ? 
_refine.ls_R_factor_R_work                       0.1850 
_refine.ls_R_Fsqd_factor_obs                     ? 
_refine.ls_R_I_factor_obs                        ? 
_refine.ls_redundancy_reflns_all                 ? 
_refine.ls_redundancy_reflns_obs                 ? 
_refine.ls_restrained_S_all                      ? 
_refine.ls_restrained_S_obs                      ? 
_refine.ls_shift_over_esd_max                    ? 
_refine.ls_shift_over_esd_mean                   ? 
_refine.ls_structure_factor_coef                 ? 
_refine.ls_weighting_details                     ? 
_refine.ls_weighting_scheme                      ? 
_refine.ls_wR_factor_all                         ? 
_refine.ls_wR_factor_obs                         ? 
_refine.ls_wR_factor_R_free                      ? 
_refine.ls_wR_factor_R_work                      ? 
_refine.occupancy_max                            ? 
_refine.occupancy_min                            ? 
_refine.solvent_model_details                    MASK 
_refine.solvent_model_param_bsol                 ? 
_refine.solvent_model_param_ksol                 ? 
_refine.pdbx_R_complete                          ? 
_refine.ls_R_factor_gt                           ? 
_refine.ls_goodness_of_fit_gt                    ? 
_refine.ls_goodness_of_fit_ref                   ? 
_refine.ls_shift_over_su_max                     ? 
_refine.ls_shift_over_su_max_lt                  ? 
_refine.ls_shift_over_su_mean                    ? 
_refine.ls_shift_over_su_mean_lt                 ? 
_refine.pdbx_ls_sigma_I                          ? 
_refine.pdbx_ls_sigma_F                          0.000 
_refine.pdbx_ls_sigma_Fsqd                       ? 
_refine.pdbx_data_cutoff_high_absF               ? 
_refine.pdbx_data_cutoff_high_rms_absF           ? 
_refine.pdbx_data_cutoff_low_absF                ? 
_refine.pdbx_isotropic_thermal_model             ? 
_refine.pdbx_ls_cross_valid_method               THROUGHOUT 
_refine.pdbx_method_to_determine_struct          'FOURIER SYNTHESIS' 
_refine.pdbx_starting_model                      ? 
_refine.pdbx_stereochemistry_target_values       'MAXIMUM LIKELIHOOD' 
_refine.pdbx_R_Free_selection_details            RANDOM 
_refine.pdbx_stereochem_target_val_spec_case     ? 
_refine.pdbx_overall_ESU_R                       0.1140 
_refine.pdbx_overall_ESU_R_Free                  0.1100 
_refine.pdbx_solvent_vdw_probe_radii             1.2000 
_refine.pdbx_solvent_ion_probe_radii             0.8000 
_refine.pdbx_solvent_shrinkage_radii             0.8000 
_refine.pdbx_real_space_R                        ? 
_refine.pdbx_density_correlation                 ? 
_refine.pdbx_pd_number_of_powder_patterns        ? 
_refine.pdbx_pd_number_of_points                 ? 
_refine.pdbx_pd_meas_number_of_points            ? 
_refine.pdbx_pd_proc_ls_prof_R_factor            ? 
_refine.pdbx_pd_proc_ls_prof_wR_factor           ? 
_refine.pdbx_pd_Marquardt_correlation_coeff      ? 
_refine.pdbx_pd_Fsqrd_R_factor                   ? 
_refine.pdbx_pd_ls_matrix_band_width             ? 
_refine.pdbx_overall_phase_error                 ? 
_refine.pdbx_overall_SU_R_free_Cruickshank_DPI   ? 
_refine.pdbx_overall_SU_R_free_Blow_DPI          ? 
_refine.pdbx_overall_SU_R_Blow_DPI               ? 
_refine.pdbx_TLS_residual_ADP_flag               ? 
_refine.pdbx_diffrn_id                           1 
_refine.overall_SU_B                             1.9860 
_refine.overall_SU_ML                            0.0660 
_refine.overall_SU_R_Cruickshank_DPI             ? 
_refine.overall_SU_R_free                        ? 
_refine.overall_FOM_free_R_set                   ? 
_refine.overall_FOM_work_R_set                   ? 
_refine.pdbx_average_fsc_overall                 ? 
_refine.pdbx_average_fsc_work                    ? 
_refine.pdbx_average_fsc_free                    ? 
# 
_refine_hist.pdbx_refine_id                   'X-RAY DIFFRACTION' 
_refine_hist.cycle_id                         final 
_refine_hist.details                          ? 
_refine_hist.d_res_high                       1.7000 
_refine_hist.d_res_low                        31.3500 
_refine_hist.number_atoms_solvent             110 
_refine_hist.number_atoms_total               1250 
_refine_hist.number_reflns_all                ? 
_refine_hist.number_reflns_obs                ? 
_refine_hist.number_reflns_R_free             ? 
_refine_hist.number_reflns_R_work             ? 
_refine_hist.R_factor_all                     ? 
_refine_hist.R_factor_obs                     ? 
_refine_hist.R_factor_R_free                  ? 
_refine_hist.R_factor_R_work                  ? 
_refine_hist.pdbx_number_residues_total       134 
_refine_hist.pdbx_B_iso_mean_ligand           41.49 
_refine_hist.pdbx_B_iso_mean_solvent          32.25 
_refine_hist.pdbx_number_atoms_protein        1086 
_refine_hist.pdbx_number_atoms_nucleic_acid   0 
_refine_hist.pdbx_number_atoms_ligand         54 
_refine_hist.pdbx_number_atoms_lipid          ? 
_refine_hist.pdbx_number_atoms_carb           ? 
_refine_hist.pdbx_pseudo_atom_details         ? 
# 
loop_
_refine_ls_restr.pdbx_refine_id 
_refine_ls_restr.criterion 
_refine_ls_restr.dev_ideal 
_refine_ls_restr.dev_ideal_target 
_refine_ls_restr.number 
_refine_ls_restr.rejects 
_refine_ls_restr.type 
_refine_ls_restr.weight 
_refine_ls_restr.pdbx_restraint_function 
'X-RAY DIFFRACTION' ? 0.009  0.013  1196 ? r_bond_refined_d       ? ? 
'X-RAY DIFFRACTION' ? 0.001  0.018  1070 ? r_bond_other_d         ? ? 
'X-RAY DIFFRACTION' ? 1.738  1.697  1641 ? r_angle_refined_deg    ? ? 
'X-RAY DIFFRACTION' ? 1.370  1.601  2490 ? r_angle_other_deg      ? ? 
'X-RAY DIFFRACTION' ? 7.271  5.000  145  ? r_dihedral_angle_1_deg ? ? 
'X-RAY DIFFRACTION' ? 26.628 21.176 68   ? r_dihedral_angle_2_deg ? ? 
'X-RAY DIFFRACTION' ? 12.010 15.000 205  ? r_dihedral_angle_3_deg ? ? 
'X-RAY DIFFRACTION' ? 15.612 15.000 11   ? r_dihedral_angle_4_deg ? ? 
'X-RAY DIFFRACTION' ? 0.170  0.200  156  ? r_chiral_restr         ? ? 
'X-RAY DIFFRACTION' ? 0.007  0.020  1302 ? r_gen_planes_refined   ? ? 
'X-RAY DIFFRACTION' ? 0.001  0.020  259  ? r_gen_planes_other     ? ? 
# 
_refine_ls_shell.pdbx_refine_id                   'X-RAY DIFFRACTION' 
_refine_ls_shell.d_res_high                       1.70 
_refine_ls_shell.d_res_low                        1.7430 
_refine_ls_shell.number_reflns_all                ? 
_refine_ls_shell.number_reflns_obs                ? 
_refine_ls_shell.number_reflns_R_free             34 
_refine_ls_shell.number_reflns_R_work             770 
_refine_ls_shell.percent_reflns_obs               57.3900 
_refine_ls_shell.percent_reflns_R_free            ? 
_refine_ls_shell.R_factor_all                     ? 
_refine_ls_shell.R_factor_obs                     ? 
_refine_ls_shell.R_factor_R_free                  0.2540 
_refine_ls_shell.R_factor_R_free_error            0.0000 
_refine_ls_shell.R_factor_R_work                  0.2310 
_refine_ls_shell.redundancy_reflns_all            ? 
_refine_ls_shell.redundancy_reflns_obs            ? 
_refine_ls_shell.wR_factor_all                    ? 
_refine_ls_shell.wR_factor_obs                    ? 
_refine_ls_shell.wR_factor_R_free                 ? 
_refine_ls_shell.wR_factor_R_work                 ? 
_refine_ls_shell.pdbx_R_complete                  ? 
_refine_ls_shell.pdbx_total_number_of_bins_used   ? 
_refine_ls_shell.pdbx_phase_error                 ? 
_refine_ls_shell.pdbx_fsc_work                    ? 
_refine_ls_shell.pdbx_fsc_free                    ? 
# 
_struct.entry_id                     6WOH 
_struct.title                        
;Diphosphoinositol polyphosphate phosphohydrolase 1 (DIPP1/NUDT3) in complex with 1,5-di-methylenebisphosphonate inositol tetrakisphosphate (1,5-PCP-IP4)
;
_struct.pdbx_model_details           ? 
_struct.pdbx_formula_weight          ? 
_struct.pdbx_formula_weight_method   ? 
_struct.pdbx_model_type_details      ? 
_struct.pdbx_CASP_flag               N 
# 
_struct_keywords.entry_id        6WOH 
_struct_keywords.text            
'phosphatase, nudix, catalysis mechanism, Substrate Specificity, inositol, inositol pyrophosphate, HYDROLASE' 
_struct_keywords.pdbx_keywords   HYDROLASE 
# 
loop_
_struct_asym.id 
_struct_asym.pdbx_blank_PDB_chainid_flag 
_struct_asym.pdbx_modified 
_struct_asym.entity_id 
_struct_asym.details 
A N N 1 ? 
B N N 2 ? 
C N N 3 ? 
D N N 3 ? 
E N N 4 ? 
# 
_struct_ref.id                         1 
_struct_ref.db_name                    UNP 
_struct_ref.db_code                    NUDT3_HUMAN 
_struct_ref.pdbx_db_accession          O95989 
_struct_ref.pdbx_db_isoform            ? 
_struct_ref.entity_id                  1 
_struct_ref.pdbx_seq_one_letter_code   
;MMKLKSNQTRTYDGDGYKKRAACLCFRSESEEEVLLVSSSRHPDRWIVPGGGMEPEEEPSVAAVREVCEEAGVKGTLGRL
VGIFENQERKHRTYVYVLIVTEVLEDWEDSVNIGRKREWFKIEDAIKVLQYHKPVQASYFETLRQGYS
;
_struct_ref.pdbx_align_begin           1 
# 
_struct_ref_seq.align_id                      1 
_struct_ref_seq.ref_id                        1 
_struct_ref_seq.pdbx_PDB_id_code              6WOH 
_struct_ref_seq.pdbx_strand_id                A 
_struct_ref_seq.seq_align_beg                 22 
_struct_ref_seq.pdbx_seq_align_beg_ins_code   ? 
_struct_ref_seq.seq_align_end                 169 
_struct_ref_seq.pdbx_seq_align_end_ins_code   ? 
_struct_ref_seq.pdbx_db_accession             O95989 
_struct_ref_seq.db_align_beg                  1 
_struct_ref_seq.pdbx_db_align_beg_ins_code    ? 
_struct_ref_seq.db_align_end                  148 
_struct_ref_seq.pdbx_db_align_end_ins_code    ? 
_struct_ref_seq.pdbx_auth_seq_align_beg       1 
_struct_ref_seq.pdbx_auth_seq_align_end       148 
# 
loop_
_struct_ref_seq_dif.align_id 
_struct_ref_seq_dif.pdbx_pdb_id_code 
_struct_ref_seq_dif.mon_id 
_struct_ref_seq_dif.pdbx_pdb_strand_id 
_struct_ref_seq_dif.seq_num 
_struct_ref_seq_dif.pdbx_pdb_ins_code 
_struct_ref_seq_dif.pdbx_seq_db_name 
_struct_ref_seq_dif.pdbx_seq_db_accession_code 
_struct_ref_seq_dif.db_mon_id 
_struct_ref_seq_dif.pdbx_seq_db_seq_num 
_struct_ref_seq_dif.details 
_struct_ref_seq_dif.pdbx_auth_seq_num 
_struct_ref_seq_dif.pdbx_ordinal 
1 6WOH HIS A 1  ? UNP O95989 ? ? 'expression tag' -20 1  
1 6WOH HIS A 2  ? UNP O95989 ? ? 'expression tag' -19 2  
1 6WOH HIS A 3  ? UNP O95989 ? ? 'expression tag' -18 3  
1 6WOH HIS A 4  ? UNP O95989 ? ? 'expression tag' -17 4  
1 6WOH HIS A 5  ? UNP O95989 ? ? 'expression tag' -16 5  
1 6WOH HIS A 6  ? UNP O95989 ? ? 'expression tag' -15 6  
1 6WOH SER A 7  ? UNP O95989 ? ? 'expression tag' -14 7  
1 6WOH SER A 8  ? UNP O95989 ? ? 'expression tag' -13 8  
1 6WOH GLY A 9  ? UNP O95989 ? ? 'expression tag' -12 9  
1 6WOH VAL A 10 ? UNP O95989 ? ? 'expression tag' -11 10 
1 6WOH ASP A 11 ? UNP O95989 ? ? 'expression tag' -10 11 
1 6WOH LEU A 12 ? UNP O95989 ? ? 'expression tag' -9  12 
1 6WOH GLY A 13 ? UNP O95989 ? ? 'expression tag' -8  13 
1 6WOH THR A 14 ? UNP O95989 ? ? 'expression tag' -7  14 
1 6WOH GLU A 15 ? UNP O95989 ? ? 'expression tag' -6  15 
1 6WOH ASN A 16 ? UNP O95989 ? ? 'expression tag' -5  16 
1 6WOH LEU A 17 ? UNP O95989 ? ? 'expression tag' -4  17 
1 6WOH TYR A 18 ? UNP O95989 ? ? 'expression tag' -3  18 
1 6WOH PHE A 19 ? UNP O95989 ? ? 'expression tag' -2  19 
1 6WOH GLN A 20 ? UNP O95989 ? ? 'expression tag' -1  20 
1 6WOH SER A 21 ? UNP O95989 ? ? 'expression tag' 0   21 
# 
_pdbx_struct_assembly.id                   1 
_pdbx_struct_assembly.details              author_and_software_defined_assembly 
_pdbx_struct_assembly.method_details       PISA 
_pdbx_struct_assembly.oligomeric_details   monomeric 
_pdbx_struct_assembly.oligomeric_count     1 
# 
_pdbx_struct_assembly_gen.assembly_id       1 
_pdbx_struct_assembly_gen.oper_expression   1 
_pdbx_struct_assembly_gen.asym_id_list      A,B,C,D,E 
# 
_pdbx_struct_assembly_auth_evidence.id                     1 
_pdbx_struct_assembly_auth_evidence.assembly_id            1 
_pdbx_struct_assembly_auth_evidence.experimental_support   'gel filtration' 
_pdbx_struct_assembly_auth_evidence.details                ? 
# 
_pdbx_struct_oper_list.id                   1 
_pdbx_struct_oper_list.type                 'identity operation' 
_pdbx_struct_oper_list.name                 1_555 
_pdbx_struct_oper_list.symmetry_operation   x,y,z 
_pdbx_struct_oper_list.matrix[1][1]         1.0000000000 
_pdbx_struct_oper_list.matrix[1][2]         0.0000000000 
_pdbx_struct_oper_list.matrix[1][3]         0.0000000000 
_pdbx_struct_oper_list.vector[1]            0.0000000000 
_pdbx_struct_oper_list.matrix[2][1]         0.0000000000 
_pdbx_struct_oper_list.matrix[2][2]         1.0000000000 
_pdbx_struct_oper_list.matrix[2][3]         0.0000000000 
_pdbx_struct_oper_list.vector[2]            0.0000000000 
_pdbx_struct_oper_list.matrix[3][1]         0.0000000000 
_pdbx_struct_oper_list.matrix[3][2]         0.0000000000 
_pdbx_struct_oper_list.matrix[3][3]         1.0000000000 
_pdbx_struct_oper_list.vector[3]            0.0000000000 
# 
loop_
_struct_conf.conf_type_id 
_struct_conf.id 
_struct_conf.pdbx_PDB_helix_id 
_struct_conf.beg_label_comp_id 
_struct_conf.beg_label_asym_id 
_struct_conf.beg_label_seq_id 
_struct_conf.pdbx_beg_PDB_ins_code 
_struct_conf.end_label_comp_id 
_struct_conf.end_label_asym_id 
_struct_conf.end_label_seq_id 
_struct_conf.pdbx_end_PDB_ins_code 
_struct_conf.beg_auth_comp_id 
_struct_conf.beg_auth_asym_id 
_struct_conf.beg_auth_seq_id 
_struct_conf.end_auth_comp_id 
_struct_conf.end_auth_asym_id 
_struct_conf.end_auth_seq_id 
_struct_conf.pdbx_PDB_helix_class 
_struct_conf.details 
_struct_conf.pdbx_PDB_helix_length 
HELX_P HELX_P1 AA1 GLU A 79  ? GLY A 93  ? GLU A 58  GLY A 72  1 ? 15 
HELX_P HELX_P2 AA2 TRP A 128 ? GLY A 135 ? TRP A 107 GLY A 114 1 ? 8  
HELX_P HELX_P3 AA3 ILE A 143 ? GLN A 151 ? ILE A 122 GLN A 130 1 ? 9  
HELX_P HELX_P4 AA4 LYS A 154 ? TYR A 160 ? LYS A 133 TYR A 139 1 ? 7  
# 
_struct_conf_type.id          HELX_P 
_struct_conf_type.criteria    ? 
_struct_conf_type.reference   ? 
# 
loop_
_struct_sheet.id 
_struct_sheet.type 
_struct_sheet.number_strands 
_struct_sheet.details 
AA1 ? 5 ? 
AA2 ? 4 ? 
# 
loop_
_struct_sheet_order.sheet_id 
_struct_sheet_order.range_id_1 
_struct_sheet_order.range_id_2 
_struct_sheet_order.offset 
_struct_sheet_order.sense 
AA1 1 2 ? anti-parallel 
AA1 2 3 ? anti-parallel 
AA1 3 4 ? parallel      
AA1 4 5 ? anti-parallel 
AA2 1 2 ? anti-parallel 
AA2 2 3 ? anti-parallel 
AA2 3 4 ? anti-parallel 
# 
loop_
_struct_sheet_range.sheet_id 
_struct_sheet_range.id 
_struct_sheet_range.beg_label_comp_id 
_struct_sheet_range.beg_label_asym_id 
_struct_sheet_range.beg_label_seq_id 
_struct_sheet_range.pdbx_beg_PDB_ins_code 
_struct_sheet_range.end_label_comp_id 
_struct_sheet_range.end_label_asym_id 
_struct_sheet_range.end_label_seq_id 
_struct_sheet_range.pdbx_end_PDB_ins_code 
_struct_sheet_range.beg_auth_comp_id 
_struct_sheet_range.beg_auth_asym_id 
_struct_sheet_range.beg_auth_seq_id 
_struct_sheet_range.end_auth_comp_id 
_struct_sheet_range.end_auth_asym_id 
_struct_sheet_range.end_auth_seq_id 
AA1 1 TRP A 67  ? ILE A 68  ? TRP A 46  ILE A 47  
AA1 2 GLU A 54  ? SER A 59  ? GLU A 33  SER A 38  
AA1 3 LYS A 39  ? PHE A 47  ? LYS A 18  PHE A 26  
AA1 4 HIS A 112 ? VAL A 124 ? HIS A 91  VAL A 103 
AA1 5 VAL A 94  ? ASN A 107 ? VAL A 73  ASN A 86  
AA2 1 GLY A 71  ? GLY A 73  ? GLY A 50  GLY A 52  
AA2 2 LYS A 39  ? PHE A 47  ? LYS A 18  PHE A 26  
AA2 3 GLU A 54  ? SER A 59  ? GLU A 33  SER A 38  
AA2 4 ARG A 138 ? LYS A 142 ? ARG A 117 LYS A 121 
# 
loop_
_pdbx_struct_sheet_hbond.sheet_id 
_pdbx_struct_sheet_hbond.range_id_1 
_pdbx_struct_sheet_hbond.range_id_2 
_pdbx_struct_sheet_hbond.range_1_label_atom_id 
_pdbx_struct_sheet_hbond.range_1_label_comp_id 
_pdbx_struct_sheet_hbond.range_1_label_asym_id 
_pdbx_struct_sheet_hbond.range_1_label_seq_id 
_pdbx_struct_sheet_hbond.range_1_PDB_ins_code 
_pdbx_struct_sheet_hbond.range_1_auth_atom_id 
_pdbx_struct_sheet_hbond.range_1_auth_comp_id 
_pdbx_struct_sheet_hbond.range_1_auth_asym_id 
_pdbx_struct_sheet_hbond.range_1_auth_seq_id 
_pdbx_struct_sheet_hbond.range_2_label_atom_id 
_pdbx_struct_sheet_hbond.range_2_label_comp_id 
_pdbx_struct_sheet_hbond.range_2_label_asym_id 
_pdbx_struct_sheet_hbond.range_2_label_seq_id 
_pdbx_struct_sheet_hbond.range_2_PDB_ins_code 
_pdbx_struct_sheet_hbond.range_2_auth_atom_id 
_pdbx_struct_sheet_hbond.range_2_auth_comp_id 
_pdbx_struct_sheet_hbond.range_2_auth_asym_id 
_pdbx_struct_sheet_hbond.range_2_auth_seq_id 
AA1 1 2 O ILE A 68  ? O ILE A 47 N VAL A 58  ? N VAL A 37  
AA1 2 3 O LEU A 56  ? O LEU A 35 N CYS A 46  ? N CYS A 25  
AA1 3 4 N LEU A 45  ? N LEU A 24 O TYR A 117 ? O TYR A 96  
AA1 4 5 O VAL A 118 ? O VAL A 97 N GLY A 99  ? N GLY A 78  
AA2 1 2 O GLY A 72  ? O GLY A 51 N ALA A 42  ? N ALA A 21  
AA2 2 3 N CYS A 46  ? N CYS A 25 O LEU A 56  ? O LEU A 35  
AA2 3 4 N VAL A 55  ? N VAL A 34 O PHE A 141 ? O PHE A 120 
# 
loop_
_struct_site.id 
_struct_site.pdbx_evidence_code 
_struct_site.pdbx_auth_asym_id 
_struct_site.pdbx_auth_comp_id 
_struct_site.pdbx_auth_seq_id 
_struct_site.pdbx_auth_ins_code 
_struct_site.pdbx_num_residues 
_struct_site.details 
AC1 Software A 4WZ 401 ? 14 'binding site for residue 4WZ A 401' 
AC2 Software A SO4 402 ? 10 'binding site for residue SO4 A 402' 
AC3 Software A SO4 403 ? 8  'binding site for residue SO4 A 403' 
# 
loop_
_struct_site_gen.id 
_struct_site_gen.site_id 
_struct_site_gen.pdbx_num_res 
_struct_site_gen.label_comp_id 
_struct_site_gen.label_asym_id 
_struct_site_gen.label_seq_id 
_struct_site_gen.pdbx_auth_ins_code 
_struct_site_gen.auth_comp_id 
_struct_site_gen.auth_asym_id 
_struct_site_gen.auth_seq_id 
_struct_site_gen.label_atom_id 
_struct_site_gen.label_alt_id 
_struct_site_gen.symmetry 
_struct_site_gen.details 
1  AC1 14 SER A 60  ? SER A 39  . ? 1_555 ? 
2  AC1 14 SER A 61  ? SER A 40  . ? 1_555 ? 
3  AC1 14 ARG A 62  ? ARG A 41  . ? 1_555 ? 
4  AC1 14 HIS A 63  ? HIS A 42  . ? 1_555 ? 
5  AC1 14 ARG A 66  ? ARG A 45  . ? 1_555 ? 
6  AC1 14 ARG A 110 ? ARG A 89  . ? 1_555 ? 
7  AC1 14 ARG A 136 ? ARG A 115 . ? 1_555 ? 
8  AC1 14 LYS A 154 ? LYS A 133 . ? 1_555 ? 
9  AC1 14 HOH E .   ? HOH A 501 . ? 1_555 ? 
10 AC1 14 HOH E .   ? HOH A 514 . ? 1_555 ? 
11 AC1 14 HOH E .   ? HOH A 532 . ? 1_555 ? 
12 AC1 14 HOH E .   ? HOH A 540 . ? 1_555 ? 
13 AC1 14 HOH E .   ? HOH A 546 . ? 1_555 ? 
14 AC1 14 HOH E .   ? HOH A 576 . ? 1_555 ? 
15 AC2 10 ARG A 41  ? ARG A 20  . ? 1_555 ? 
16 AC2 10 ASN A 107 ? ASN A 86  . ? 1_555 ? 
17 AC2 10 ARG A 110 ? ARG A 89  . ? 1_555 ? 
18 AC2 10 HIS A 112 ? HIS A 91  . ? 1_555 ? 
19 AC2 10 LYS A 154 ? LYS A 133 . ? 1_555 ? 
20 AC2 10 GLN A 157 ? GLN A 136 . ? 1_555 ? 
21 AC2 10 HOH E .   ? HOH A 511 . ? 1_555 ? 
22 AC2 10 HOH E .   ? HOH A 536 . ? 1_555 ? 
23 AC2 10 HOH E .   ? HOH A 543 . ? 1_555 ? 
24 AC2 10 HOH E .   ? HOH A 561 . ? 1_555 ? 
25 AC3 8  LYS A 39  ? LYS A 18  . ? 1_555 ? 
26 AC3 8  ARG A 41  ? ARG A 20  . ? 1_555 ? 
27 AC3 8  GLY A 72  ? GLY A 51  . ? 1_555 ? 
28 AC3 8  GLY A 73  ? GLY A 52  . ? 1_555 ? 
29 AC3 8  HIS A 112 ? HIS A 91  . ? 1_555 ? 
30 AC3 8  HOH E .   ? HOH A 501 . ? 1_555 ? 
31 AC3 8  HOH E .   ? HOH A 532 . ? 1_555 ? 
32 AC3 8  HOH E .   ? HOH A 539 . ? 1_555 ? 
# 
_pdbx_entry_details.entry_id                 6WOH 
_pdbx_entry_details.has_ligand_of_interest   Y 
_pdbx_entry_details.compound_details         ? 
_pdbx_entry_details.source_details           ? 
_pdbx_entry_details.nonpolymer_details       ? 
_pdbx_entry_details.sequence_details         ? 
# 
loop_
_pdbx_unobs_or_zero_occ_residues.id 
_pdbx_unobs_or_zero_occ_residues.PDB_model_num 
_pdbx_unobs_or_zero_occ_residues.polymer_flag 
_pdbx_unobs_or_zero_occ_residues.occupancy_flag 
_pdbx_unobs_or_zero_occ_residues.auth_asym_id 
_pdbx_unobs_or_zero_occ_residues.auth_comp_id 
_pdbx_unobs_or_zero_occ_residues.auth_seq_id 
_pdbx_unobs_or_zero_occ_residues.PDB_ins_code 
_pdbx_unobs_or_zero_occ_residues.label_asym_id 
_pdbx_unobs_or_zero_occ_residues.label_comp_id 
_pdbx_unobs_or_zero_occ_residues.label_seq_id 
1  1 Y 1 A HIS -20 ? A HIS 1   
2  1 Y 1 A HIS -19 ? A HIS 2   
3  1 Y 1 A HIS -18 ? A HIS 3   
4  1 Y 1 A HIS -17 ? A HIS 4   
5  1 Y 1 A HIS -16 ? A HIS 5   
6  1 Y 1 A HIS -15 ? A HIS 6   
7  1 Y 1 A SER -14 ? A SER 7   
8  1 Y 1 A SER -13 ? A SER 8   
9  1 Y 1 A GLY -12 ? A GLY 9   
10 1 Y 1 A VAL -11 ? A VAL 10  
11 1 Y 1 A ASP -10 ? A ASP 11  
12 1 Y 1 A LEU -9  ? A LEU 12  
13 1 Y 1 A GLY -8  ? A GLY 13  
14 1 Y 1 A THR -7  ? A THR 14  
15 1 Y 1 A GLU -6  ? A GLU 15  
16 1 Y 1 A ASN -5  ? A ASN 16  
17 1 Y 1 A LEU -4  ? A LEU 17  
18 1 Y 1 A TYR -3  ? A TYR 18  
19 1 Y 1 A PHE -2  ? A PHE 19  
20 1 Y 1 A GLN -1  ? A GLN 20  
21 1 Y 1 A SER 0   ? A SER 21  
22 1 Y 1 A MET 1   ? A MET 22  
23 1 Y 1 A MET 2   ? A MET 23  
24 1 Y 1 A LYS 3   ? A LYS 24  
25 1 Y 1 A LEU 4   ? A LEU 25  
26 1 Y 1 A LYS 5   ? A LYS 26  
27 1 Y 1 A SER 6   ? A SER 27  
28 1 Y 1 A ASN 7   ? A ASN 28  
29 1 Y 1 A GLN 8   ? A GLN 29  
30 1 Y 1 A LEU 143 ? A LEU 164 
31 1 Y 1 A ARG 144 ? A ARG 165 
32 1 Y 1 A GLN 145 ? A GLN 166 
33 1 Y 1 A GLY 146 ? A GLY 167 
34 1 Y 1 A TYR 147 ? A TYR 168 
35 1 Y 1 A SER 148 ? A SER 169 
# 
loop_
_chem_comp_atom.comp_id 
_chem_comp_atom.atom_id 
_chem_comp_atom.type_symbol 
_chem_comp_atom.pdbx_aromatic_flag 
_chem_comp_atom.pdbx_stereo_config 
_chem_comp_atom.pdbx_ordinal 
4WZ C1   C N S 1   
4WZ C2   C N S 2   
4WZ C3   C N N 3   
4WZ C4   C N S 4   
4WZ C5   C N R 5   
4WZ C6   C N N 6   
4WZ O55  O N N 7   
4WZ PB5  P N N 8   
4WZ O65  O N N 9   
4WZ O75  O N N 10  
4WZ CB5  C N N 11  
4WZ PA5  P N N 12  
4WZ O25  O N N 13  
4WZ O35  O N N 14  
4WZ O15  O N N 15  
4WZ O16  O N N 16  
4WZ PA6  P N N 17  
4WZ O46  O N N 18  
4WZ O36  O N N 19  
4WZ O26  O N N 20  
4WZ O14  O N N 21  
4WZ PA4  P N N 22  
4WZ O24  O N N 23  
4WZ O44  O N N 24  
4WZ O34  O N N 25  
4WZ O13  O N N 26  
4WZ PA3  P N N 27  
4WZ O43  O N N 28  
4WZ O33  O N N 29  
4WZ O23  O N N 30  
4WZ O12  O N N 31  
4WZ PA2  P N N 32  
4WZ O42  O N N 33  
4WZ O22  O N N 34  
4WZ O32  O N N 35  
4WZ O11  O N N 36  
4WZ PA1  P N N 37  
4WZ O21  O N N 38  
4WZ O31  O N N 39  
4WZ CB1  C N N 40  
4WZ PB1  P N N 41  
4WZ O61  O N N 42  
4WZ O71  O N N 43  
4WZ O51  O N N 44  
4WZ H1   H N N 45  
4WZ H2   H N N 46  
4WZ H3   H N N 47  
4WZ H4   H N N 48  
4WZ H5   H N N 49  
4WZ H6   H N N 50  
4WZ H7   H N N 51  
4WZ H8   H N N 52  
4WZ H9   H N N 53  
4WZ H10  H N N 54  
4WZ H11  H N N 55  
4WZ H12  H N N 56  
4WZ H13  H N N 57  
4WZ H14  H N N 58  
4WZ H15  H N N 59  
4WZ H16  H N N 60  
4WZ H17  H N N 61  
4WZ H18  H N N 62  
4WZ H19  H N N 63  
4WZ H20  H N N 64  
4WZ H21  H N N 65  
4WZ H22  H N N 66  
4WZ H23  H N N 67  
4WZ H24  H N N 68  
ALA N    N N N 69  
ALA CA   C N S 70  
ALA C    C N N 71  
ALA O    O N N 72  
ALA CB   C N N 73  
ALA OXT  O N N 74  
ALA H    H N N 75  
ALA H2   H N N 76  
ALA HA   H N N 77  
ALA HB1  H N N 78  
ALA HB2  H N N 79  
ALA HB3  H N N 80  
ALA HXT  H N N 81  
ARG N    N N N 82  
ARG CA   C N S 83  
ARG C    C N N 84  
ARG O    O N N 85  
ARG CB   C N N 86  
ARG CG   C N N 87  
ARG CD   C N N 88  
ARG NE   N N N 89  
ARG CZ   C N N 90  
ARG NH1  N N N 91  
ARG NH2  N N N 92  
ARG OXT  O N N 93  
ARG H    H N N 94  
ARG H2   H N N 95  
ARG HA   H N N 96  
ARG HB2  H N N 97  
ARG HB3  H N N 98  
ARG HG2  H N N 99  
ARG HG3  H N N 100 
ARG HD2  H N N 101 
ARG HD3  H N N 102 
ARG HE   H N N 103 
ARG HH11 H N N 104 
ARG HH12 H N N 105 
ARG HH21 H N N 106 
ARG HH22 H N N 107 
ARG HXT  H N N 108 
ASN N    N N N 109 
ASN CA   C N S 110 
ASN C    C N N 111 
ASN O    O N N 112 
ASN CB   C N N 113 
ASN CG   C N N 114 
ASN OD1  O N N 115 
ASN ND2  N N N 116 
ASN OXT  O N N 117 
ASN H    H N N 118 
ASN H2   H N N 119 
ASN HA   H N N 120 
ASN HB2  H N N 121 
ASN HB3  H N N 122 
ASN HD21 H N N 123 
ASN HD22 H N N 124 
ASN HXT  H N N 125 
ASP N    N N N 126 
ASP CA   C N S 127 
ASP C    C N N 128 
ASP O    O N N 129 
ASP CB   C N N 130 
ASP CG   C N N 131 
ASP OD1  O N N 132 
ASP OD2  O N N 133 
ASP OXT  O N N 134 
ASP H    H N N 135 
ASP H2   H N N 136 
ASP HA   H N N 137 
ASP HB2  H N N 138 
ASP HB3  H N N 139 
ASP HD2  H N N 140 
ASP HXT  H N N 141 
CYS N    N N N 142 
CYS CA   C N R 143 
CYS C    C N N 144 
CYS O    O N N 145 
CYS CB   C N N 146 
CYS SG   S N N 147 
CYS OXT  O N N 148 
CYS H    H N N 149 
CYS H2   H N N 150 
CYS HA   H N N 151 
CYS HB2  H N N 152 
CYS HB3  H N N 153 
CYS HG   H N N 154 
CYS HXT  H N N 155 
GLN N    N N N 156 
GLN CA   C N S 157 
GLN C    C N N 158 
GLN O    O N N 159 
GLN CB   C N N 160 
GLN CG   C N N 161 
GLN CD   C N N 162 
GLN OE1  O N N 163 
GLN NE2  N N N 164 
GLN OXT  O N N 165 
GLN H    H N N 166 
GLN H2   H N N 167 
GLN HA   H N N 168 
GLN HB2  H N N 169 
GLN HB3  H N N 170 
GLN HG2  H N N 171 
GLN HG3  H N N 172 
GLN HE21 H N N 173 
GLN HE22 H N N 174 
GLN HXT  H N N 175 
GLU N    N N N 176 
GLU CA   C N S 177 
GLU C    C N N 178 
GLU O    O N N 179 
GLU CB   C N N 180 
GLU CG   C N N 181 
GLU CD   C N N 182 
GLU OE1  O N N 183 
GLU OE2  O N N 184 
GLU OXT  O N N 185 
GLU H    H N N 186 
GLU H2   H N N 187 
GLU HA   H N N 188 
GLU HB2  H N N 189 
GLU HB3  H N N 190 
GLU HG2  H N N 191 
GLU HG3  H N N 192 
GLU HE2  H N N 193 
GLU HXT  H N N 194 
GLY N    N N N 195 
GLY CA   C N N 196 
GLY C    C N N 197 
GLY O    O N N 198 
GLY OXT  O N N 199 
GLY H    H N N 200 
GLY H2   H N N 201 
GLY HA2  H N N 202 
GLY HA3  H N N 203 
GLY HXT  H N N 204 
HIS N    N N N 205 
HIS CA   C N S 206 
HIS C    C N N 207 
HIS O    O N N 208 
HIS CB   C N N 209 
HIS CG   C Y N 210 
HIS ND1  N Y N 211 
HIS CD2  C Y N 212 
HIS CE1  C Y N 213 
HIS NE2  N Y N 214 
HIS OXT  O N N 215 
HIS H    H N N 216 
HIS H2   H N N 217 
HIS HA   H N N 218 
HIS HB2  H N N 219 
HIS HB3  H N N 220 
HIS HD1  H N N 221 
HIS HD2  H N N 222 
HIS HE1  H N N 223 
HIS HE2  H N N 224 
HIS HXT  H N N 225 
HOH O    O N N 226 
HOH H1   H N N 227 
HOH H2   H N N 228 
ILE N    N N N 229 
ILE CA   C N S 230 
ILE C    C N N 231 
ILE O    O N N 232 
ILE CB   C N S 233 
ILE CG1  C N N 234 
ILE CG2  C N N 235 
ILE CD1  C N N 236 
ILE OXT  O N N 237 
ILE H    H N N 238 
ILE H2   H N N 239 
ILE HA   H N N 240 
ILE HB   H N N 241 
ILE HG12 H N N 242 
ILE HG13 H N N 243 
ILE HG21 H N N 244 
ILE HG22 H N N 245 
ILE HG23 H N N 246 
ILE HD11 H N N 247 
ILE HD12 H N N 248 
ILE HD13 H N N 249 
ILE HXT  H N N 250 
LEU N    N N N 251 
LEU CA   C N S 252 
LEU C    C N N 253 
LEU O    O N N 254 
LEU CB   C N N 255 
LEU CG   C N N 256 
LEU CD1  C N N 257 
LEU CD2  C N N 258 
LEU OXT  O N N 259 
LEU H    H N N 260 
LEU H2   H N N 261 
LEU HA   H N N 262 
LEU HB2  H N N 263 
LEU HB3  H N N 264 
LEU HG   H N N 265 
LEU HD11 H N N 266 
LEU HD12 H N N 267 
LEU HD13 H N N 268 
LEU HD21 H N N 269 
LEU HD22 H N N 270 
LEU HD23 H N N 271 
LEU HXT  H N N 272 
LYS N    N N N 273 
LYS CA   C N S 274 
LYS C    C N N 275 
LYS O    O N N 276 
LYS CB   C N N 277 
LYS CG   C N N 278 
LYS CD   C N N 279 
LYS CE   C N N 280 
LYS NZ   N N N 281 
LYS OXT  O N N 282 
LYS H    H N N 283 
LYS H2   H N N 284 
LYS HA   H N N 285 
LYS HB2  H N N 286 
LYS HB3  H N N 287 
LYS HG2  H N N 288 
LYS HG3  H N N 289 
LYS HD2  H N N 290 
LYS HD3  H N N 291 
LYS HE2  H N N 292 
LYS HE3  H N N 293 
LYS HZ1  H N N 294 
LYS HZ2  H N N 295 
LYS HZ3  H N N 296 
LYS HXT  H N N 297 
MET N    N N N 298 
MET CA   C N S 299 
MET C    C N N 300 
MET O    O N N 301 
MET CB   C N N 302 
MET CG   C N N 303 
MET SD   S N N 304 
MET CE   C N N 305 
MET OXT  O N N 306 
MET H    H N N 307 
MET H2   H N N 308 
MET HA   H N N 309 
MET HB2  H N N 310 
MET HB3  H N N 311 
MET HG2  H N N 312 
MET HG3  H N N 313 
MET HE1  H N N 314 
MET HE2  H N N 315 
MET HE3  H N N 316 
MET HXT  H N N 317 
PHE N    N N N 318 
PHE CA   C N S 319 
PHE C    C N N 320 
PHE O    O N N 321 
PHE CB   C N N 322 
PHE CG   C Y N 323 
PHE CD1  C Y N 324 
PHE CD2  C Y N 325 
PHE CE1  C Y N 326 
PHE CE2  C Y N 327 
PHE CZ   C Y N 328 
PHE OXT  O N N 329 
PHE H    H N N 330 
PHE H2   H N N 331 
PHE HA   H N N 332 
PHE HB2  H N N 333 
PHE HB3  H N N 334 
PHE HD1  H N N 335 
PHE HD2  H N N 336 
PHE HE1  H N N 337 
PHE HE2  H N N 338 
PHE HZ   H N N 339 
PHE HXT  H N N 340 
PRO N    N N N 341 
PRO CA   C N S 342 
PRO C    C N N 343 
PRO O    O N N 344 
PRO CB   C N N 345 
PRO CG   C N N 346 
PRO CD   C N N 347 
PRO OXT  O N N 348 
PRO H    H N N 349 
PRO HA   H N N 350 
PRO HB2  H N N 351 
PRO HB3  H N N 352 
PRO HG2  H N N 353 
PRO HG3  H N N 354 
PRO HD2  H N N 355 
PRO HD3  H N N 356 
PRO HXT  H N N 357 
SER N    N N N 358 
SER CA   C N S 359 
SER C    C N N 360 
SER O    O N N 361 
SER CB   C N N 362 
SER OG   O N N 363 
SER OXT  O N N 364 
SER H    H N N 365 
SER H2   H N N 366 
SER HA   H N N 367 
SER HB2  H N N 368 
SER HB3  H N N 369 
SER HG   H N N 370 
SER HXT  H N N 371 
SO4 S    S N N 372 
SO4 O1   O N N 373 
SO4 O2   O N N 374 
SO4 O3   O N N 375 
SO4 O4   O N N 376 
THR N    N N N 377 
THR CA   C N S 378 
THR C    C N N 379 
THR O    O N N 380 
THR CB   C N R 381 
THR OG1  O N N 382 
THR CG2  C N N 383 
THR OXT  O N N 384 
THR H    H N N 385 
THR H2   H N N 386 
THR HA   H N N 387 
THR HB   H N N 388 
THR HG1  H N N 389 
THR HG21 H N N 390 
THR HG22 H N N 391 
THR HG23 H N N 392 
THR HXT  H N N 393 
TRP N    N N N 394 
TRP CA   C N S 395 
TRP C    C N N 396 
TRP O    O N N 397 
TRP CB   C N N 398 
TRP CG   C Y N 399 
TRP CD1  C Y N 400 
TRP CD2  C Y N 401 
TRP NE1  N Y N 402 
TRP CE2  C Y N 403 
TRP CE3  C Y N 404 
TRP CZ2  C Y N 405 
TRP CZ3  C Y N 406 
TRP CH2  C Y N 407 
TRP OXT  O N N 408 
TRP H    H N N 409 
TRP H2   H N N 410 
TRP HA   H N N 411 
TRP HB2  H N N 412 
TRP HB3  H N N 413 
TRP HD1  H N N 414 
TRP HE1  H N N 415 
TRP HE3  H N N 416 
TRP HZ2  H N N 417 
TRP HZ3  H N N 418 
TRP HH2  H N N 419 
TRP HXT  H N N 420 
TYR N    N N N 421 
TYR CA   C N S 422 
TYR C    C N N 423 
TYR O    O N N 424 
TYR CB   C N N 425 
TYR CG   C Y N 426 
TYR CD1  C Y N 427 
TYR CD2  C Y N 428 
TYR CE1  C Y N 429 
TYR CE2  C Y N 430 
TYR CZ   C Y N 431 
TYR OH   O N N 432 
TYR OXT  O N N 433 
TYR H    H N N 434 
TYR H2   H N N 435 
TYR HA   H N N 436 
TYR HB2  H N N 437 
TYR HB3  H N N 438 
TYR HD1  H N N 439 
TYR HD2  H N N 440 
TYR HE1  H N N 441 
TYR HE2  H N N 442 
TYR HH   H N N 443 
TYR HXT  H N N 444 
VAL N    N N N 445 
VAL CA   C N S 446 
VAL C    C N N 447 
VAL O    O N N 448 
VAL CB   C N N 449 
VAL CG1  C N N 450 
VAL CG2  C N N 451 
VAL OXT  O N N 452 
VAL H    H N N 453 
VAL H2   H N N 454 
VAL HA   H N N 455 
VAL HB   H N N 456 
VAL HG11 H N N 457 
VAL HG12 H N N 458 
VAL HG13 H N N 459 
VAL HG21 H N N 460 
VAL HG22 H N N 461 
VAL HG23 H N N 462 
VAL HXT  H N N 463 
# 
loop_
_chem_comp_bond.comp_id 
_chem_comp_bond.atom_id_1 
_chem_comp_bond.atom_id_2 
_chem_comp_bond.value_order 
_chem_comp_bond.pdbx_aromatic_flag 
_chem_comp_bond.pdbx_stereo_config 
_chem_comp_bond.pdbx_ordinal 
4WZ O32 PA2  doub N N 1   
4WZ O71 PB1  doub N N 2   
4WZ O42 PA2  sing N N 3   
4WZ O22 PA2  sing N N 4   
4WZ PA2 O12  sing N N 5   
4WZ O51 PB1  sing N N 6   
4WZ CB1 PB1  sing N N 7   
4WZ CB1 PA1  sing N N 8   
4WZ PB1 O61  sing N N 9   
4WZ O31 PA1  doub N N 10  
4WZ PA1 O11  sing N N 11  
4WZ PA1 O21  sing N N 12  
4WZ O12 C2   sing N N 13  
4WZ O11 C1   sing N N 14  
4WZ O36 PA6  doub N N 15  
4WZ C2  C1   sing N N 16  
4WZ C2  C3   sing N N 17  
4WZ C1  C6   sing N N 18  
4WZ O43 PA3  doub N N 19  
4WZ O33 PA3  sing N N 20  
4WZ O46 PA6  sing N N 21  
4WZ O13 PA3  sing N N 22  
4WZ O13 C3   sing N N 23  
4WZ PA6 O16  sing N N 24  
4WZ PA6 O26  sing N N 25  
4WZ PA3 O23  sing N N 26  
4WZ C3  C4   sing N N 27  
4WZ C6  O16  sing N N 28  
4WZ C6  C5   sing N N 29  
4WZ C4  C5   sing N N 30  
4WZ C4  O14  sing N N 31  
4WZ C5  O15  sing N N 32  
4WZ O15 PA5  sing N N 33  
4WZ O34 PA4  doub N N 34  
4WZ O14 PA4  sing N N 35  
4WZ O24 PA4  sing N N 36  
4WZ PA4 O44  sing N N 37  
4WZ O35 PA5  doub N N 38  
4WZ PA5 O25  sing N N 39  
4WZ PA5 CB5  sing N N 40  
4WZ CB5 PB5  sing N N 41  
4WZ O55 PB5  doub N N 42  
4WZ PB5 O75  sing N N 43  
4WZ PB5 O65  sing N N 44  
4WZ C1  H1   sing N N 45  
4WZ C2  H2   sing N N 46  
4WZ C3  H3   sing N N 47  
4WZ C4  H4   sing N N 48  
4WZ C5  H5   sing N N 49  
4WZ C6  H6   sing N N 50  
4WZ O65 H7   sing N N 51  
4WZ O75 H8   sing N N 52  
4WZ CB5 H9   sing N N 53  
4WZ CB5 H10  sing N N 54  
4WZ O25 H11  sing N N 55  
4WZ O46 H12  sing N N 56  
4WZ O26 H13  sing N N 57  
4WZ O24 H14  sing N N 58  
4WZ O44 H15  sing N N 59  
4WZ O33 H16  sing N N 60  
4WZ O23 H17  sing N N 61  
4WZ O42 H18  sing N N 62  
4WZ O22 H19  sing N N 63  
4WZ O21 H20  sing N N 64  
4WZ CB1 H21  sing N N 65  
4WZ CB1 H22  sing N N 66  
4WZ O61 H23  sing N N 67  
4WZ O51 H24  sing N N 68  
ALA N   CA   sing N N 69  
ALA N   H    sing N N 70  
ALA N   H2   sing N N 71  
ALA CA  C    sing N N 72  
ALA CA  CB   sing N N 73  
ALA CA  HA   sing N N 74  
ALA C   O    doub N N 75  
ALA C   OXT  sing N N 76  
ALA CB  HB1  sing N N 77  
ALA CB  HB2  sing N N 78  
ALA CB  HB3  sing N N 79  
ALA OXT HXT  sing N N 80  
ARG N   CA   sing N N 81  
ARG N   H    sing N N 82  
ARG N   H2   sing N N 83  
ARG CA  C    sing N N 84  
ARG CA  CB   sing N N 85  
ARG CA  HA   sing N N 86  
ARG C   O    doub N N 87  
ARG C   OXT  sing N N 88  
ARG CB  CG   sing N N 89  
ARG CB  HB2  sing N N 90  
ARG CB  HB3  sing N N 91  
ARG CG  CD   sing N N 92  
ARG CG  HG2  sing N N 93  
ARG CG  HG3  sing N N 94  
ARG CD  NE   sing N N 95  
ARG CD  HD2  sing N N 96  
ARG CD  HD3  sing N N 97  
ARG NE  CZ   sing N N 98  
ARG NE  HE   sing N N 99  
ARG CZ  NH1  sing N N 100 
ARG CZ  NH2  doub N N 101 
ARG NH1 HH11 sing N N 102 
ARG NH1 HH12 sing N N 103 
ARG NH2 HH21 sing N N 104 
ARG NH2 HH22 sing N N 105 
ARG OXT HXT  sing N N 106 
ASN N   CA   sing N N 107 
ASN N   H    sing N N 108 
ASN N   H2   sing N N 109 
ASN CA  C    sing N N 110 
ASN CA  CB   sing N N 111 
ASN CA  HA   sing N N 112 
ASN C   O    doub N N 113 
ASN C   OXT  sing N N 114 
ASN CB  CG   sing N N 115 
ASN CB  HB2  sing N N 116 
ASN CB  HB3  sing N N 117 
ASN CG  OD1  doub N N 118 
ASN CG  ND2  sing N N 119 
ASN ND2 HD21 sing N N 120 
ASN ND2 HD22 sing N N 121 
ASN OXT HXT  sing N N 122 
ASP N   CA   sing N N 123 
ASP N   H    sing N N 124 
ASP N   H2   sing N N 125 
ASP CA  C    sing N N 126 
ASP CA  CB   sing N N 127 
ASP CA  HA   sing N N 128 
ASP C   O    doub N N 129 
ASP C   OXT  sing N N 130 
ASP CB  CG   sing N N 131 
ASP CB  HB2  sing N N 132 
ASP CB  HB3  sing N N 133 
ASP CG  OD1  doub N N 134 
ASP CG  OD2  sing N N 135 
ASP OD2 HD2  sing N N 136 
ASP OXT HXT  sing N N 137 
CYS N   CA   sing N N 138 
CYS N   H    sing N N 139 
CYS N   H2   sing N N 140 
CYS CA  C    sing N N 141 
CYS CA  CB   sing N N 142 
CYS CA  HA   sing N N 143 
CYS C   O    doub N N 144 
CYS C   OXT  sing N N 145 
CYS CB  SG   sing N N 146 
CYS CB  HB2  sing N N 147 
CYS CB  HB3  sing N N 148 
CYS SG  HG   sing N N 149 
CYS OXT HXT  sing N N 150 
GLN N   CA   sing N N 151 
GLN N   H    sing N N 152 
GLN N   H2   sing N N 153 
GLN CA  C    sing N N 154 
GLN CA  CB   sing N N 155 
GLN CA  HA   sing N N 156 
GLN C   O    doub N N 157 
GLN C   OXT  sing N N 158 
GLN CB  CG   sing N N 159 
GLN CB  HB2  sing N N 160 
GLN CB  HB3  sing N N 161 
GLN CG  CD   sing N N 162 
GLN CG  HG2  sing N N 163 
GLN CG  HG3  sing N N 164 
GLN CD  OE1  doub N N 165 
GLN CD  NE2  sing N N 166 
GLN NE2 HE21 sing N N 167 
GLN NE2 HE22 sing N N 168 
GLN OXT HXT  sing N N 169 
GLU N   CA   sing N N 170 
GLU N   H    sing N N 171 
GLU N   H2   sing N N 172 
GLU CA  C    sing N N 173 
GLU CA  CB   sing N N 174 
GLU CA  HA   sing N N 175 
GLU C   O    doub N N 176 
GLU C   OXT  sing N N 177 
GLU CB  CG   sing N N 178 
GLU CB  HB2  sing N N 179 
GLU CB  HB3  sing N N 180 
GLU CG  CD   sing N N 181 
GLU CG  HG2  sing N N 182 
GLU CG  HG3  sing N N 183 
GLU CD  OE1  doub N N 184 
GLU CD  OE2  sing N N 185 
GLU OE2 HE2  sing N N 186 
GLU OXT HXT  sing N N 187 
GLY N   CA   sing N N 188 
GLY N   H    sing N N 189 
GLY N   H2   sing N N 190 
GLY CA  C    sing N N 191 
GLY CA  HA2  sing N N 192 
GLY CA  HA3  sing N N 193 
GLY C   O    doub N N 194 
GLY C   OXT  sing N N 195 
GLY OXT HXT  sing N N 196 
HIS N   CA   sing N N 197 
HIS N   H    sing N N 198 
HIS N   H2   sing N N 199 
HIS CA  C    sing N N 200 
HIS CA  CB   sing N N 201 
HIS CA  HA   sing N N 202 
HIS C   O    doub N N 203 
HIS C   OXT  sing N N 204 
HIS CB  CG   sing N N 205 
HIS CB  HB2  sing N N 206 
HIS CB  HB3  sing N N 207 
HIS CG  ND1  sing Y N 208 
HIS CG  CD2  doub Y N 209 
HIS ND1 CE1  doub Y N 210 
HIS ND1 HD1  sing N N 211 
HIS CD2 NE2  sing Y N 212 
HIS CD2 HD2  sing N N 213 
HIS CE1 NE2  sing Y N 214 
HIS CE1 HE1  sing N N 215 
HIS NE2 HE2  sing N N 216 
HIS OXT HXT  sing N N 217 
HOH O   H1   sing N N 218 
HOH O   H2   sing N N 219 
ILE N   CA   sing N N 220 
ILE N   H    sing N N 221 
ILE N   H2   sing N N 222 
ILE CA  C    sing N N 223 
ILE CA  CB   sing N N 224 
ILE CA  HA   sing N N 225 
ILE C   O    doub N N 226 
ILE C   OXT  sing N N 227 
ILE CB  CG1  sing N N 228 
ILE CB  CG2  sing N N 229 
ILE CB  HB   sing N N 230 
ILE CG1 CD1  sing N N 231 
ILE CG1 HG12 sing N N 232 
ILE CG1 HG13 sing N N 233 
ILE CG2 HG21 sing N N 234 
ILE CG2 HG22 sing N N 235 
ILE CG2 HG23 sing N N 236 
ILE CD1 HD11 sing N N 237 
ILE CD1 HD12 sing N N 238 
ILE CD1 HD13 sing N N 239 
ILE OXT HXT  sing N N 240 
LEU N   CA   sing N N 241 
LEU N   H    sing N N 242 
LEU N   H2   sing N N 243 
LEU CA  C    sing N N 244 
LEU CA  CB   sing N N 245 
LEU CA  HA   sing N N 246 
LEU C   O    doub N N 247 
LEU C   OXT  sing N N 248 
LEU CB  CG   sing N N 249 
LEU CB  HB2  sing N N 250 
LEU CB  HB3  sing N N 251 
LEU CG  CD1  sing N N 252 
LEU CG  CD2  sing N N 253 
LEU CG  HG   sing N N 254 
LEU CD1 HD11 sing N N 255 
LEU CD1 HD12 sing N N 256 
LEU CD1 HD13 sing N N 257 
LEU CD2 HD21 sing N N 258 
LEU CD2 HD22 sing N N 259 
LEU CD2 HD23 sing N N 260 
LEU OXT HXT  sing N N 261 
LYS N   CA   sing N N 262 
LYS N   H    sing N N 263 
LYS N   H2   sing N N 264 
LYS CA  C    sing N N 265 
LYS CA  CB   sing N N 266 
LYS CA  HA   sing N N 267 
LYS C   O    doub N N 268 
LYS C   OXT  sing N N 269 
LYS CB  CG   sing N N 270 
LYS CB  HB2  sing N N 271 
LYS CB  HB3  sing N N 272 
LYS CG  CD   sing N N 273 
LYS CG  HG2  sing N N 274 
LYS CG  HG3  sing N N 275 
LYS CD  CE   sing N N 276 
LYS CD  HD2  sing N N 277 
LYS CD  HD3  sing N N 278 
LYS CE  NZ   sing N N 279 
LYS CE  HE2  sing N N 280 
LYS CE  HE3  sing N N 281 
LYS NZ  HZ1  sing N N 282 
LYS NZ  HZ2  sing N N 283 
LYS NZ  HZ3  sing N N 284 
LYS OXT HXT  sing N N 285 
MET N   CA   sing N N 286 
MET N   H    sing N N 287 
MET N   H2   sing N N 288 
MET CA  C    sing N N 289 
MET CA  CB   sing N N 290 
MET CA  HA   sing N N 291 
MET C   O    doub N N 292 
MET C   OXT  sing N N 293 
MET CB  CG   sing N N 294 
MET CB  HB2  sing N N 295 
MET CB  HB3  sing N N 296 
MET CG  SD   sing N N 297 
MET CG  HG2  sing N N 298 
MET CG  HG3  sing N N 299 
MET SD  CE   sing N N 300 
MET CE  HE1  sing N N 301 
MET CE  HE2  sing N N 302 
MET CE  HE3  sing N N 303 
MET OXT HXT  sing N N 304 
PHE N   CA   sing N N 305 
PHE N   H    sing N N 306 
PHE N   H2   sing N N 307 
PHE CA  C    sing N N 308 
PHE CA  CB   sing N N 309 
PHE CA  HA   sing N N 310 
PHE C   O    doub N N 311 
PHE C   OXT  sing N N 312 
PHE CB  CG   sing N N 313 
PHE CB  HB2  sing N N 314 
PHE CB  HB3  sing N N 315 
PHE CG  CD1  doub Y N 316 
PHE CG  CD2  sing Y N 317 
PHE CD1 CE1  sing Y N 318 
PHE CD1 HD1  sing N N 319 
PHE CD2 CE2  doub Y N 320 
PHE CD2 HD2  sing N N 321 
PHE CE1 CZ   doub Y N 322 
PHE CE1 HE1  sing N N 323 
PHE CE2 CZ   sing Y N 324 
PHE CE2 HE2  sing N N 325 
PHE CZ  HZ   sing N N 326 
PHE OXT HXT  sing N N 327 
PRO N   CA   sing N N 328 
PRO N   CD   sing N N 329 
PRO N   H    sing N N 330 
PRO CA  C    sing N N 331 
PRO CA  CB   sing N N 332 
PRO CA  HA   sing N N 333 
PRO C   O    doub N N 334 
PRO C   OXT  sing N N 335 
PRO CB  CG   sing N N 336 
PRO CB  HB2  sing N N 337 
PRO CB  HB3  sing N N 338 
PRO CG  CD   sing N N 339 
PRO CG  HG2  sing N N 340 
PRO CG  HG3  sing N N 341 
PRO CD  HD2  sing N N 342 
PRO CD  HD3  sing N N 343 
PRO OXT HXT  sing N N 344 
SER N   CA   sing N N 345 
SER N   H    sing N N 346 
SER N   H2   sing N N 347 
SER CA  C    sing N N 348 
SER CA  CB   sing N N 349 
SER CA  HA   sing N N 350 
SER C   O    doub N N 351 
SER C   OXT  sing N N 352 
SER CB  OG   sing N N 353 
SER CB  HB2  sing N N 354 
SER CB  HB3  sing N N 355 
SER OG  HG   sing N N 356 
SER OXT HXT  sing N N 357 
SO4 S   O1   doub N N 358 
SO4 S   O2   doub N N 359 
SO4 S   O3   sing N N 360 
SO4 S   O4   sing N N 361 
THR N   CA   sing N N 362 
THR N   H    sing N N 363 
THR N   H2   sing N N 364 
THR CA  C    sing N N 365 
THR CA  CB   sing N N 366 
THR CA  HA   sing N N 367 
THR C   O    doub N N 368 
THR C   OXT  sing N N 369 
THR CB  OG1  sing N N 370 
THR CB  CG2  sing N N 371 
THR CB  HB   sing N N 372 
THR OG1 HG1  sing N N 373 
THR CG2 HG21 sing N N 374 
THR CG2 HG22 sing N N 375 
THR CG2 HG23 sing N N 376 
THR OXT HXT  sing N N 377 
TRP N   CA   sing N N 378 
TRP N   H    sing N N 379 
TRP N   H2   sing N N 380 
TRP CA  C    sing N N 381 
TRP CA  CB   sing N N 382 
TRP CA  HA   sing N N 383 
TRP C   O    doub N N 384 
TRP C   OXT  sing N N 385 
TRP CB  CG   sing N N 386 
TRP CB  HB2  sing N N 387 
TRP CB  HB3  sing N N 388 
TRP CG  CD1  doub Y N 389 
TRP CG  CD2  sing Y N 390 
TRP CD1 NE1  sing Y N 391 
TRP CD1 HD1  sing N N 392 
TRP CD2 CE2  doub Y N 393 
TRP CD2 CE3  sing Y N 394 
TRP NE1 CE2  sing Y N 395 
TRP NE1 HE1  sing N N 396 
TRP CE2 CZ2  sing Y N 397 
TRP CE3 CZ3  doub Y N 398 
TRP CE3 HE3  sing N N 399 
TRP CZ2 CH2  doub Y N 400 
TRP CZ2 HZ2  sing N N 401 
TRP CZ3 CH2  sing Y N 402 
TRP CZ3 HZ3  sing N N 403 
TRP CH2 HH2  sing N N 404 
TRP OXT HXT  sing N N 405 
TYR N   CA   sing N N 406 
TYR N   H    sing N N 407 
TYR N   H2   sing N N 408 
TYR CA  C    sing N N 409 
TYR CA  CB   sing N N 410 
TYR CA  HA   sing N N 411 
TYR C   O    doub N N 412 
TYR C   OXT  sing N N 413 
TYR CB  CG   sing N N 414 
TYR CB  HB2  sing N N 415 
TYR CB  HB3  sing N N 416 
TYR CG  CD1  doub Y N 417 
TYR CG  CD2  sing Y N 418 
TYR CD1 CE1  sing Y N 419 
TYR CD1 HD1  sing N N 420 
TYR CD2 CE2  doub Y N 421 
TYR CD2 HD2  sing N N 422 
TYR CE1 CZ   doub Y N 423 
TYR CE1 HE1  sing N N 424 
TYR CE2 CZ   sing Y N 425 
TYR CE2 HE2  sing N N 426 
TYR CZ  OH   sing N N 427 
TYR OH  HH   sing N N 428 
TYR OXT HXT  sing N N 429 
VAL N   CA   sing N N 430 
VAL N   H    sing N N 431 
VAL N   H2   sing N N 432 
VAL CA  C    sing N N 433 
VAL CA  CB   sing N N 434 
VAL CA  HA   sing N N 435 
VAL C   O    doub N N 436 
VAL C   OXT  sing N N 437 
VAL CB  CG1  sing N N 438 
VAL CB  CG2  sing N N 439 
VAL CB  HB   sing N N 440 
VAL CG1 HG11 sing N N 441 
VAL CG1 HG12 sing N N 442 
VAL CG1 HG13 sing N N 443 
VAL CG2 HG21 sing N N 444 
VAL CG2 HG22 sing N N 445 
VAL CG2 HG23 sing N N 446 
VAL OXT HXT  sing N N 447 
# 
_pdbx_audit_support.funding_organization   
'National Institutes of Health/National Institute of Environmental Health Sciences (NIH/NIEHS)' 
_pdbx_audit_support.country                'United States' 
_pdbx_audit_support.grant_number           1ZIAES080046-31 
_pdbx_audit_support.ordinal                1 
# 
loop_
_pdbx_entity_instance_feature.ordinal 
_pdbx_entity_instance_feature.comp_id 
_pdbx_entity_instance_feature.asym_id 
_pdbx_entity_instance_feature.seq_num 
_pdbx_entity_instance_feature.auth_comp_id 
_pdbx_entity_instance_feature.auth_asym_id 
_pdbx_entity_instance_feature.auth_seq_num 
_pdbx_entity_instance_feature.feature_type 
_pdbx_entity_instance_feature.details 
1 4WZ ? ? 4WZ ? ? 'SUBJECT OF INVESTIGATION' ? 
2 SO4 ? ? SO4 ? ? 'SUBJECT OF INVESTIGATION' ? 
# 
_atom_sites.entry_id                    6WOH 
_atom_sites.Cartn_transf_matrix[1][1]   ? 
_atom_sites.Cartn_transf_matrix[1][2]   ? 
_atom_sites.Cartn_transf_matrix[1][3]   ? 
_atom_sites.Cartn_transf_matrix[2][1]   ? 
_atom_sites.Cartn_transf_matrix[2][2]   ? 
_atom_sites.Cartn_transf_matrix[2][3]   ? 
_atom_sites.Cartn_transf_matrix[3][1]   ? 
_atom_sites.Cartn_transf_matrix[3][2]   ? 
_atom_sites.Cartn_transf_matrix[3][3]   ? 
_atom_sites.Cartn_transf_vector[1]      ? 
_atom_sites.Cartn_transf_vector[2]      ? 
_atom_sites.Cartn_transf_vector[3]      ? 
_atom_sites.fract_transf_matrix[1][1]   -0.00273849 
_atom_sites.fract_transf_matrix[1][2]   -0.00777915 
_atom_sites.fract_transf_matrix[1][3]   -0.02035257 
_atom_sites.fract_transf_matrix[2][1]   -0.00872587 
_atom_sites.fract_transf_matrix[2][2]   0.01364491 
_atom_sites.fract_transf_matrix[2][3]   -0.00404126 
_atom_sites.fract_transf_matrix[3][1]   0.01346040 
_atom_sites.fract_transf_matrix[3][2]   0.00725066 
_atom_sites.fract_transf_matrix[3][3]   -0.00458248 
_atom_sites.fract_transf_vector[1]      0.119877 
_atom_sites.fract_transf_vector[2]      0.127410 
_atom_sites.fract_transf_vector[3]      0.227996 
_atom_sites.solution_primary            ? 
_atom_sites.solution_secondary          ? 
_atom_sites.solution_hydrogens          ? 
_atom_sites.special_details             ? 
# 
loop_
_atom_type.symbol 
C 
N 
O 
P 
S 
# 
loop_
_atom_site.group_PDB 
_atom_site.id 
_atom_site.type_symbol 
_atom_site.label_atom_id 
_atom_site.label_alt_id 
_atom_site.label_comp_id 
_atom_site.label_asym_id 
_atom_site.label_entity_id 
_atom_site.label_seq_id 
_atom_site.pdbx_PDB_ins_code 
_atom_site.Cartn_x 
_atom_site.Cartn_y 
_atom_site.Cartn_z 
_atom_site.occupancy 
_atom_site.B_iso_or_equiv 
_atom_site.pdbx_formal_charge 
_atom_site.auth_seq_id 
_atom_site.auth_comp_id 
_atom_site.auth_asym_id 
_atom_site.auth_atom_id 
_atom_site.pdbx_PDB_model_num 
ATOM   1    N N   . THR A 1 30  ? 9.441   3.110   -15.030 1.00 38.49 ? 9   THR A N   1 
ATOM   2    C CA  . THR A 1 30  ? 10.529  2.087   -15.148 1.00 36.72 ? 9   THR A CA  1 
ATOM   3    C C   . THR A 1 30  ? 10.538  1.182   -13.909 1.00 32.99 ? 9   THR A C   1 
ATOM   4    O O   . THR A 1 30  ? 10.672  1.714   -12.780 1.00 32.84 ? 9   THR A O   1 
ATOM   5    C CB  . THR A 1 30  ? 11.902  2.747   -15.323 1.00 38.98 ? 9   THR A CB  1 
ATOM   6    O OG1 . THR A 1 30  ? 11.846  3.523   -16.520 1.00 41.70 ? 9   THR A OG1 1 
ATOM   7    C CG2 . THR A 1 30  ? 13.044  1.756   -15.404 1.00 38.10 ? 9   THR A CG2 1 
ATOM   8    N N   . ARG A 1 31  ? 10.462  -0.135  -14.125 1.00 28.93 ? 10  ARG A N   1 
ATOM   9    C CA  . ARG A 1 31  ? 10.534  -1.169  -13.058 1.00 25.72 ? 10  ARG A CA  1 
ATOM   10   C C   . ARG A 1 31  ? 11.978  -1.296  -12.557 1.00 19.97 ? 10  ARG A C   1 
ATOM   11   O O   . ARG A 1 31  ? 12.930  -1.277  -13.386 1.00 17.91 ? 10  ARG A O   1 
ATOM   12   C CB  . ARG A 1 31  ? 10.067  -2.531  -13.583 1.00 28.78 ? 10  ARG A CB  1 
ATOM   13   C CG  . ARG A 1 31  ? 8.655   -2.562  -14.156 1.00 34.99 ? 10  ARG A CG  1 
ATOM   14   C CD  . ARG A 1 31  ? 8.408   -3.863  -14.901 1.00 40.47 ? 10  ARG A CD  1 
ATOM   15   N NE  . ARG A 1 31  ? 7.021   -4.300  -14.810 1.00 49.48 ? 10  ARG A NE  1 
ATOM   16   C CZ  . ARG A 1 31  ? 6.605   -5.571  -14.749 1.00 56.77 ? 10  ARG A CZ  1 
ATOM   17   N NH1 . ARG A 1 31  ? 7.469   -6.576  -14.770 1.00 57.96 ? 10  ARG A NH1 1 
ATOM   18   N NH2 . ARG A 1 31  ? 5.309   -5.831  -14.659 1.00 59.74 ? 10  ARG A NH2 1 
ATOM   19   N N   . THR A 1 32  ? 12.142  -1.522  -11.257 1.00 14.15 ? 11  THR A N   1 
ATOM   20   C CA  . THR A 1 32  ? 13.463  -1.725  -10.635 1.00 12.08 ? 11  THR A CA  1 
ATOM   21   C C   . THR A 1 32  ? 13.475  -3.035  -9.845  1.00 11.31 ? 11  THR A C   1 
ATOM   22   O O   . THR A 1 32  ? 12.394  -3.568  -9.456  1.00 10.12 ? 11  THR A O   1 
ATOM   23   C CB  . THR A 1 32  ? 13.842  -0.539  -9.749  1.00 12.12 ? 11  THR A CB  1 
ATOM   24   O OG1 . THR A 1 32  ? 12.858  -0.450  -8.713  1.00 13.10 ? 11  THR A OG1 1 
ATOM   25   C CG2 . THR A 1 32  ? 13.908  0.760   -10.522 1.00 12.16 ? 11  THR A CG2 1 
ATOM   26   N N   . TYR A 1 33  ? 14.678  -3.536  -9.618  1.00 10.93 ? 12  TYR A N   1 
ATOM   27   C CA  . TYR A 1 33  ? 14.938  -4.911  -9.132  1.00 12.11 ? 12  TYR A CA  1 
ATOM   28   C C   . TYR A 1 33  ? 16.117  -4.919  -8.163  1.00 12.58 ? 12  TYR A C   1 
ATOM   29   O O   . TYR A 1 33  ? 17.096  -4.171  -8.327  1.00 11.74 ? 12  TYR A O   1 
ATOM   30   C CB  . TYR A 1 33  ? 15.182  -5.844  -10.311 1.00 12.66 ? 12  TYR A CB  1 
ATOM   31   C CG  . TYR A 1 33  ? 14.032  -5.879  -11.273 1.00 14.37 ? 12  TYR A CG  1 
ATOM   32   C CD1 . TYR A 1 33  ? 13.908  -4.912  -12.265 1.00 14.36 ? 12  TYR A CD1 1 
ATOM   33   C CD2 . TYR A 1 33  ? 13.049  -6.858  -11.187 1.00 15.62 ? 12  TYR A CD2 1 
ATOM   34   C CE1 . TYR A 1 33  ? 12.846  -4.924  -13.152 1.00 16.27 ? 12  TYR A CE1 1 
ATOM   35   C CE2 . TYR A 1 33  ? 11.971  -6.870  -12.060 1.00 16.04 ? 12  TYR A CE2 1 
ATOM   36   C CZ  . TYR A 1 33  ? 11.876  -5.904  -13.045 1.00 16.78 ? 12  TYR A CZ  1 
ATOM   37   O OH  . TYR A 1 33  ? 10.829  -5.900  -13.924 1.00 20.46 ? 12  TYR A OH  1 
ATOM   38   N N   . ASP A 1 34  ? 16.018  -5.788  -7.161  1.00 11.90 ? 13  ASP A N   1 
ATOM   39   C CA  . ASP A 1 34  ? 17.155  -6.117  -6.273  1.00 13.64 ? 13  ASP A CA  1 
ATOM   40   C C   . ASP A 1 34  ? 18.126  -7.023  -7.041  1.00 13.54 ? 13  ASP A C   1 
ATOM   41   O O   . ASP A 1 34  ? 17.749  -7.560  -8.112  1.00 12.35 ? 13  ASP A O   1 
ATOM   42   C CB  . ASP A 1 34  ? 16.666  -6.745  -4.969  1.00 14.34 ? 13  ASP A CB  1 
ATOM   43   C CG  . ASP A 1 34  ? 16.029  -5.735  -4.034  1.00 15.55 ? 13  ASP A CG  1 
ATOM   44   O OD1 . ASP A 1 34  ? 16.573  -4.596  -3.907  1.00 17.52 ? 13  ASP A OD1 1 
ATOM   45   O OD2 . ASP A 1 34  ? 14.989  -6.084  -3.429  1.00 18.10 ? 13  ASP A OD2 1 
ATOM   46   N N   . GLY A 1 35  ? 19.322  -7.199  -6.479  1.00 15.81 ? 14  GLY A N   1 
ATOM   47   C CA  . GLY A 1 35  ? 20.397  -8.026  -7.064  1.00 16.79 ? 14  GLY A CA  1 
ATOM   48   C C   . GLY A 1 35  ? 19.953  -9.460  -7.345  1.00 18.00 ? 14  GLY A C   1 
ATOM   49   O O   . GLY A 1 35  ? 20.531  -10.084 -8.259  1.00 19.86 ? 14  GLY A O   1 
ATOM   50   N N   . ASP A 1 36  ? 18.947  -9.981  -6.634  1.00 17.26 ? 15  ASP A N   1 
ATOM   51   C CA  . ASP A 1 36  ? 18.422  -11.354 -6.844  1.00 17.46 ? 15  ASP A CA  1 
ATOM   52   C C   . ASP A 1 36  ? 17.267  -11.382 -7.848  1.00 16.35 ? 15  ASP A C   1 
ATOM   53   O O   . ASP A 1 36  ? 16.725  -12.470 -8.071  1.00 18.06 ? 15  ASP A O   1 
ATOM   54   C CB  . ASP A 1 36  ? 18.022  -12.009 -5.517  1.00 18.72 ? 15  ASP A CB  1 
ATOM   55   C CG  . ASP A 1 36  ? 16.955  -11.272 -4.732  1.00 19.88 ? 15  ASP A CG  1 
ATOM   56   O OD1 . ASP A 1 36  ? 16.492  -10.223 -5.220  1.00 18.00 ? 15  ASP A OD1 1 
ATOM   57   O OD2 . ASP A 1 36  ? 16.601  -11.766 -3.619  1.00 20.76 ? 15  ASP A OD2 1 
ATOM   58   N N   . GLY A 1 37  ? 16.891  -10.251 -8.453  1.00 15.67 ? 16  GLY A N   1 
ATOM   59   C CA  . GLY A 1 37  ? 15.851  -10.228 -9.502  1.00 14.89 ? 16  GLY A CA  1 
ATOM   60   C C   . GLY A 1 37  ? 14.451  -9.962  -8.958  1.00 13.82 ? 16  GLY A C   1 
ATOM   61   O O   . GLY A 1 37  ? 13.515  -9.945  -9.754  1.00 15.78 ? 16  GLY A O   1 
ATOM   62   N N   . TYR A 1 38  ? 14.288  -9.809  -7.647  1.00 12.90 ? 17  TYR A N   1 
ATOM   63   C CA  . TYR A 1 38  ? 12.983  -9.435  -7.044  1.00 12.42 ? 17  TYR A CA  1 
ATOM   64   C C   . TYR A 1 38  ? 12.670  -7.979  -7.404  1.00 11.34 ? 17  TYR A C   1 
ATOM   65   O O   . TYR A 1 38  ? 13.549  -7.099  -7.272  1.00 10.98 ? 17  TYR A O   1 
ATOM   66   C CB  . TYR A 1 38  ? 12.962  -9.640  -5.532  1.00 12.92 ? 17  TYR A CB  1 
ATOM   67   C CG  . TYR A 1 38  ? 12.699  -11.068 -5.101  1.00 14.43 ? 17  TYR A CG  1 
ATOM   68   C CD1 . TYR A 1 38  ? 13.372  -12.136 -5.679  1.00 16.83 ? 17  TYR A CD1 1 
ATOM   69   C CD2 . TYR A 1 38  ? 11.820  -11.343 -4.068  1.00 14.60 ? 17  TYR A CD2 1 
ATOM   70   C CE1 . TYR A 1 38  ? 13.143  -13.444 -5.268  1.00 17.74 ? 17  TYR A CE1 1 
ATOM   71   C CE2 . TYR A 1 38  ? 11.587  -12.645 -3.639  1.00 16.19 ? 17  TYR A CE2 1 
ATOM   72   C CZ  . TYR A 1 38  ? 12.246  -13.695 -4.243  1.00 17.53 ? 17  TYR A CZ  1 
ATOM   73   O OH  . TYR A 1 38  ? 12.003  -14.965 -3.794  1.00 19.39 ? 17  TYR A OH  1 
ATOM   74   N N   . LYS A 1 39  ? 11.429  -7.741  -7.815  1.00 11.07 ? 18  LYS A N   1 
ATOM   75   C CA  . LYS A 1 39  ? 10.918  -6.385  -8.146  1.00 11.74 ? 18  LYS A CA  1 
ATOM   76   C C   . LYS A 1 39  ? 10.855  -5.564  -6.858  1.00 10.91 ? 18  LYS A C   1 
ATOM   77   O O   . LYS A 1 39  ? 10.303  -6.060  -5.829  1.00 10.25 ? 18  LYS A O   1 
ATOM   78   C CB  . LYS A 1 39  ? 9.576   -6.496  -8.867  1.00 14.09 ? 18  LYS A CB  1 
ATOM   79   C CG  . LYS A 1 39  ? 9.039   -5.189  -9.430  1.00 17.34 ? 18  LYS A CG  1 
ATOM   80   C CD  . LYS A 1 39  ? 7.631   -5.347  -10.003 1.00 21.58 ? 18  LYS A CD  1 
ATOM   81   C CE  . LYS A 1 39  ? 7.083   -4.115  -10.693 1.00 26.15 ? 18  LYS A CE  1 
ATOM   82   N NZ  . LYS A 1 39  ? 7.365   -2.865  -9.952  1.00 28.93 ? 18  LYS A NZ  1 
ATOM   83   N N   . LYS A 1 40  ? 11.380  -4.337  -6.892  1.00 10.14 ? 19  LYS A N   1 
ATOM   84   C CA  . LYS A 1 40  ? 11.413  -3.462  -5.700  1.00 10.12 ? 19  LYS A CA  1 
ATOM   85   C C   . LYS A 1 40  ? 10.070  -2.725  -5.618  1.00 8.95  ? 19  LYS A C   1 
ATOM   86   O O   . LYS A 1 40  ? 9.672   -2.053  -6.597  1.00 8.75  ? 19  LYS A O   1 
ATOM   87   C CB  . LYS A 1 40  ? 12.580  -2.473  -5.746  1.00 10.36 ? 19  LYS A CB  1 
ATOM   88   C CG  . LYS A 1 40  ? 13.949  -3.125  -5.834  1.00 12.02 ? 19  LYS A CG  1 
ATOM   89   C CD  . LYS A 1 40  ? 15.088  -2.139  -5.873  1.00 12.97 ? 19  LYS A CD  1 
ATOM   90   C CE  . LYS A 1 40  ? 15.207  -1.346  -4.592  1.00 13.87 ? 19  LYS A CE  1 
ATOM   91   N NZ  . LYS A 1 40  ? 15.207  -2.217  -3.396  1.00 14.80 ? 19  LYS A NZ  1 
ATOM   92   N N   . ARG A 1 41  ? 9.445   -2.765  -4.449  1.00 8.48  ? 20  ARG A N   1 
ATOM   93   C CA  . ARG A 1 41  ? 8.136   -2.112  -4.250  1.00 8.91  ? 20  ARG A CA  1 
ATOM   94   C C   . ARG A 1 41  ? 8.092   -1.416  -2.899  1.00 8.24  ? 20  ARG A C   1 
ATOM   95   O O   . ARG A 1 41  ? 8.900   -1.717  -2.038  1.00 7.57  ? 20  ARG A O   1 
ATOM   96   C CB  . ARG A 1 41  ? 7.009   -3.137  -4.323  1.00 9.76  ? 20  ARG A CB  1 
ATOM   97   C CG  . ARG A 1 41  ? 6.940   -3.852  -5.654  1.00 10.73 ? 20  ARG A CG  1 
ATOM   98   C CD  . ARG A 1 41  ? 5.838   -4.893  -5.603  1.00 11.87 ? 20  ARG A CD  1 
ATOM   99   N NE  . ARG A 1 41  ? 4.500   -4.319  -5.637  1.00 12.78 ? 20  ARG A NE  1 
ATOM   100  C CZ  . ARG A 1 41  ? 3.676   -4.155  -4.590  1.00 13.98 ? 20  ARG A CZ  1 
ATOM   101  N NH1 . ARG A 1 41  ? 2.484   -3.587  -4.776  1.00 15.32 ? 20  ARG A NH1 1 
ATOM   102  N NH2 . ARG A 1 41  ? 4.025   -4.531  -3.371  1.00 13.88 ? 20  ARG A NH2 1 
ATOM   103  N N   . ALA A 1 42  ? 7.167   -0.475  -2.766  1.00 8.48  ? 21  ALA A N   1 
ATOM   104  C CA  . ALA A 1 42  ? 6.889   0.170   -1.471  1.00 8.75  ? 21  ALA A CA  1 
ATOM   105  C C   . ALA A 1 42  ? 5.387   0.290   -1.301  1.00 9.09  ? 21  ALA A C   1 
ATOM   106  O O   . ALA A 1 42  ? 4.655   0.431   -2.309  1.00 10.19 ? 21  ALA A O   1 
ATOM   107  C CB  . ALA A 1 42  ? 7.581   1.505   -1.387  1.00 8.77  ? 21  ALA A CB  1 
ATOM   108  N N   . ALA A 1 43  ? 4.947   0.175   -0.051  1.00 8.89  ? 22  ALA A N   1 
ATOM   109  C CA  . ALA A 1 43  ? 3.511   0.164   0.289   1.00 9.65  ? 22  ALA A CA  1 
ATOM   110  C C   . ALA A 1 43  ? 3.350   0.886   1.606   1.00 9.90  ? 22  ALA A C   1 
ATOM   111  O O   . ALA A 1 43  ? 4.312   1.009   2.371   1.00 8.73  ? 22  ALA A O   1 
ATOM   112  C CB  . ALA A 1 43  ? 2.997   -1.238  0.364   1.00 9.63  ? 22  ALA A CB  1 
ATOM   113  N N   A CYS A 1 44  ? 2.176   1.478   1.849   0.50 8.96  ? 23  CYS A N   1 
ATOM   114  N N   B CYS A 1 44  ? 2.113   1.257   1.881   0.50 11.11 ? 23  CYS A N   1 
ATOM   115  C CA  A CYS A 1 44  ? 1.851   2.141   3.146   0.50 8.77  ? 23  CYS A CA  1 
ATOM   116  C CA  B CYS A 1 44  ? 1.816   1.995   3.113   0.50 12.35 ? 23  CYS A CA  1 
ATOM   117  C C   A CYS A 1 44  ? 0.627   1.491   3.781   0.50 9.06  ? 23  CYS A C   1 
ATOM   118  C C   B CYS A 1 44  ? 0.586   1.423   3.783   0.50 11.09 ? 23  CYS A C   1 
ATOM   119  O O   A CYS A 1 44  ? -0.375  1.275   3.049   0.50 8.61  ? 23  CYS A O   1 
ATOM   120  O O   B CYS A 1 44  ? -0.427  1.155   3.086   0.50 10.36 ? 23  CYS A O   1 
ATOM   121  C CB  A CYS A 1 44  ? 1.522   3.625   3.011   0.50 8.45  ? 23  CYS A CB  1 
ATOM   122  C CB  B CYS A 1 44  ? 1.638   3.474   2.839   0.50 14.93 ? 23  CYS A CB  1 
ATOM   123  S SG  A CYS A 1 44  ? 2.953   4.692   2.710   0.50 6.88  ? 23  CYS A SG  1 
ATOM   124  S SG  B CYS A 1 44  ? 2.046   4.411   4.323   0.50 19.13 ? 23  CYS A SG  1 
ATOM   125  N N   . LEU A 1 45  ? 0.704   1.229   5.087   1.00 9.47  ? 24  LEU A N   1 
ATOM   126  C CA  . LEU A 1 45  ? -0.464  1.029   5.961   1.00 9.89  ? 24  LEU A CA  1 
ATOM   127  C C   . LEU A 1 45  ? -0.995  2.416   6.287   1.00 9.12  ? 24  LEU A C   1 
ATOM   128  O O   . LEU A 1 45  ? -0.335  3.154   7.071   1.00 8.75  ? 24  LEU A O   1 
ATOM   129  C CB  . LEU A 1 45  ? -0.061  0.259   7.214   1.00 10.09 ? 24  LEU A CB  1 
ATOM   130  C CG  . LEU A 1 45  ? 0.773   -0.994  6.969   1.00 10.72 ? 24  LEU A CG  1 
ATOM   131  C CD1 . LEU A 1 45  ? 0.987   -1.744  8.269   1.00 11.38 ? 24  LEU A CD1 1 
ATOM   132  C CD2 . LEU A 1 45  ? 0.078   -1.898  5.957   1.00 10.90 ? 24  LEU A CD2 1 
ATOM   133  N N   . CYS A 1 46  ? -2.096  2.784   5.645   1.00 8.74  ? 25  CYS A N   1 
ATOM   134  C CA  . CYS A 1 46  ? -2.667  4.146   5.670   1.00 9.13  ? 25  CYS A CA  1 
ATOM   135  C C   . CYS A 1 46  ? -3.732  4.159   6.756   1.00 8.93  ? 25  CYS A C   1 
ATOM   136  O O   . CYS A 1 46  ? -4.856  3.749   6.473   1.00 8.68  ? 25  CYS A O   1 
ATOM   137  C CB  . CYS A 1 46  ? -3.306  4.517   4.359   1.00 9.14  ? 25  CYS A CB  1 
ATOM   138  S SG  . CYS A 1 46  ? -2.118  4.585   2.996   1.00 11.24 ? 25  CYS A SG  1 
ATOM   139  N N   . PHE A 1 47  ? -3.348  4.600   7.938   1.00 9.28  ? 26  PHE A N   1 
ATOM   140  C CA  . PHE A 1 47  ? -4.257  4.591   9.110   1.00 10.99 ? 26  PHE A CA  1 
ATOM   141  C C   . PHE A 1 47  ? -5.064  5.885   9.152   1.00 11.72 ? 26  PHE A C   1 
ATOM   142  O O   . PHE A 1 47  ? -4.570  6.985   8.806   1.00 10.76 ? 26  PHE A O   1 
ATOM   143  C CB  . PHE A 1 47  ? -3.476  4.379   10.402  1.00 12.22 ? 26  PHE A CB  1 
ATOM   144  C CG  . PHE A 1 47  ? -2.861  3.009   10.514  1.00 13.61 ? 26  PHE A CG  1 
ATOM   145  C CD1 . PHE A 1 47  ? -3.653  1.877   10.547  1.00 14.68 ? 26  PHE A CD1 1 
ATOM   146  C CD2 . PHE A 1 47  ? -1.485  2.857   10.554  1.00 14.52 ? 26  PHE A CD2 1 
ATOM   147  C CE1 . PHE A 1 47  ? -3.084  0.616   10.661  1.00 15.65 ? 26  PHE A CE1 1 
ATOM   148  C CE2 . PHE A 1 47  ? -0.920  1.597   10.660  1.00 15.58 ? 26  PHE A CE2 1 
ATOM   149  C CZ  . PHE A 1 47  ? -1.720  0.480   10.702  1.00 15.50 ? 26  PHE A CZ  1 
ATOM   150  N N   . ARG A 1 48  ? -6.300  5.756   9.613   1.00 13.09 ? 27  ARG A N   1 
ATOM   151  C CA  . ARG A 1 48  ? -7.227  6.905   9.710   1.00 14.99 ? 27  ARG A CA  1 
ATOM   152  C C   . ARG A 1 48  ? -6.713  7.885   10.772  1.00 15.43 ? 27  ARG A C   1 
ATOM   153  O O   . ARG A 1 48  ? -6.935  9.111   10.604  1.00 17.30 ? 27  ARG A O   1 
ATOM   154  C CB  . ARG A 1 48  ? -8.631  6.384   9.997   1.00 16.68 ? 27  ARG A CB  1 
ATOM   155  C CG  . ARG A 1 48  ? -9.723  7.342   9.566   1.00 19.23 ? 27  ARG A CG  1 
ATOM   156  C CD  . ARG A 1 48  ? -11.037 6.639   9.652   1.00 19.86 ? 27  ARG A CD  1 
ATOM   157  N NE  . ARG A 1 48  ? -12.059 7.629   9.437   1.00 23.47 ? 27  ARG A NE  1 
ATOM   158  C CZ  . ARG A 1 48  ? -13.339 7.361   9.279   1.00 25.55 ? 27  ARG A CZ  1 
ATOM   159  N NH1 . ARG A 1 48  ? -13.768 6.113   9.306   1.00 26.42 ? 27  ARG A NH1 1 
ATOM   160  N NH2 . ARG A 1 48  ? -14.189 8.354   9.093   1.00 28.11 ? 27  ARG A NH2 1 
ATOM   161  N N   . SER A 1 49  ? -6.059  7.380   11.817  1.00 15.76 ? 28  SER A N   1 
ATOM   162  C CA  . SER A 1 49  ? -5.577  8.182   12.964  1.00 17.01 ? 28  SER A CA  1 
ATOM   163  C C   . SER A 1 49  ? -4.379  7.527   13.647  1.00 17.82 ? 28  SER A C   1 
ATOM   164  O O   . SER A 1 49  ? -4.067  6.363   13.365  1.00 16.29 ? 28  SER A O   1 
ATOM   165  C CB  . SER A 1 49  ? -6.712  8.400   13.952  1.00 18.15 ? 28  SER A CB  1 
ATOM   166  O OG  . SER A 1 49  ? -6.928  7.228   14.724  1.00 17.81 ? 28  SER A OG  1 
ATOM   167  N N   . GLU A 1 50  ? -3.748  8.265   14.561  1.00 20.14 ? 29  GLU A N   1 
ATOM   168  C CA  . GLU A 1 50  ? -2.617  7.777   15.389  1.00 23.86 ? 29  GLU A CA  1 
ATOM   169  C C   . GLU A 1 50  ? -3.016  6.524   16.189  1.00 23.50 ? 29  GLU A C   1 
ATOM   170  O O   . GLU A 1 50  ? -2.103  5.801   16.594  1.00 25.83 ? 29  GLU A O   1 
ATOM   171  C CB  . GLU A 1 50  ? -2.126  8.917   16.281  1.00 27.82 ? 29  GLU A CB  1 
ATOM   172  C CG  . GLU A 1 50  ? -1.405  9.998   15.502  1.00 32.31 ? 29  GLU A CG  1 
ATOM   173  C CD  . GLU A 1 50  ? -0.995  11.224  16.299  1.00 37.99 ? 29  GLU A CD  1 
ATOM   174  O OE1 . GLU A 1 50  ? -0.529  12.203  15.667  1.00 43.99 ? 29  GLU A OE1 1 
ATOM   175  O OE2 . GLU A 1 50  ? -1.149  11.208  17.544  1.00 42.53 ? 29  GLU A OE2 1 
ATOM   176  N N   . SER A 1 51  ? -4.309  6.230   16.359  1.00 23.68 ? 30  SER A N   1 
ATOM   177  C CA  A SER A 1 51  ? -4.793  5.034   17.108  0.51 23.49 ? 30  SER A CA  1 
ATOM   178  C CA  B SER A 1 51  ? -4.786  5.033   17.108  0.49 23.90 ? 30  SER A CA  1 
ATOM   179  C C   . SER A 1 51  ? -4.549  3.753   16.293  1.00 24.30 ? 30  SER A C   1 
ATOM   180  O O   . SER A 1 51  ? -4.520  2.668   16.906  1.00 23.38 ? 30  SER A O   1 
ATOM   181  C CB  A SER A 1 51  ? -6.247  5.176   17.507  0.51 23.84 ? 30  SER A CB  1 
ATOM   182  C CB  B SER A 1 51  ? -6.228  5.185   17.493  0.49 24.69 ? 30  SER A CB  1 
ATOM   183  O OG  A SER A 1 51  ? -7.122  4.973   16.405  0.51 23.30 ? 30  SER A OG  1 
ATOM   184  O OG  B SER A 1 51  ? -6.380  6.271   18.394  0.49 25.48 ? 30  SER A OG  1 
ATOM   185  N N   . GLU A 1 52  ? -4.375  3.881   14.971  1.00 23.05 ? 31  GLU A N   1 
ATOM   186  C CA  . GLU A 1 52  ? -4.078  2.759   14.042  1.00 24.03 ? 31  GLU A CA  1 
ATOM   187  C C   . GLU A 1 52  ? -5.176  1.689   14.154  1.00 22.12 ? 31  GLU A C   1 
ATOM   188  O O   . GLU A 1 52  ? -4.845  0.497   14.178  1.00 22.42 ? 31  GLU A O   1 
ATOM   189  C CB  . GLU A 1 52  ? -2.670  2.228   14.326  1.00 26.27 ? 31  GLU A CB  1 
ATOM   190  C CG  . GLU A 1 52  ? -1.586  3.301   14.244  1.00 28.69 ? 31  GLU A CG  1 
ATOM   191  C CD  . GLU A 1 52  ? -0.142  2.814   14.214  1.00 31.32 ? 31  GLU A CD  1 
ATOM   192  O OE1 . GLU A 1 52  ? 0.089   1.625   14.467  1.00 32.62 ? 31  GLU A OE1 1 
ATOM   193  O OE2 . GLU A 1 52  ? 0.756   3.635   13.944  1.00 34.38 ? 31  GLU A OE2 1 
ATOM   194  N N   . GLU A 1 53  ? -6.443  2.101   14.234  1.00 22.91 ? 32  GLU A N   1 
ATOM   195  C CA  . GLU A 1 53  ? -7.600  1.185   14.425  1.00 22.71 ? 32  GLU A CA  1 
ATOM   196  C C   . GLU A 1 53  ? -8.305  0.918   13.093  1.00 19.98 ? 32  GLU A C   1 
ATOM   197  O O   . GLU A 1 53  ? -8.957  -0.137  12.976  1.00 18.83 ? 32  GLU A O   1 
ATOM   198  C CB  . GLU A 1 53  ? -8.564  1.752   15.468  1.00 27.10 ? 32  GLU A CB  1 
ATOM   199  C CG  . GLU A 1 53  ? -7.976  1.709   16.867  1.00 30.33 ? 32  GLU A CG  1 
ATOM   200  C CD  . GLU A 1 53  ? -8.934  2.102   17.977  1.00 35.37 ? 32  GLU A CD  1 
ATOM   201  O OE1 . GLU A 1 53  ? -9.866  2.894   17.712  1.00 37.99 ? 32  GLU A OE1 1 
ATOM   202  O OE2 . GLU A 1 53  ? -8.742  1.611   19.107  1.00 41.97 ? 32  GLU A OE2 1 
ATOM   203  N N   . GLU A 1 54  ? -8.167  1.819   12.117  1.00 15.84 ? 33  GLU A N   1 
ATOM   204  C CA  . GLU A 1 54  ? -8.794  1.665   10.787  1.00 14.26 ? 33  GLU A CA  1 
ATOM   205  C C   . GLU A 1 54  ? -7.720  1.940   9.743   1.00 11.61 ? 33  GLU A C   1 
ATOM   206  O O   . GLU A 1 54  ? -6.883  2.845   9.971   1.00 10.84 ? 33  GLU A O   1 
ATOM   207  C CB  . GLU A 1 54  ? -9.963  2.621   10.592  1.00 16.65 ? 33  GLU A CB  1 
ATOM   208  C CG  . GLU A 1 54  ? -11.124 2.335   11.535  1.00 20.93 ? 33  GLU A CG  1 
ATOM   209  C CD  . GLU A 1 54  ? -12.323 3.242   11.355  1.00 25.16 ? 33  GLU A CD  1 
ATOM   210  O OE1 . GLU A 1 54  ? -12.581 3.700   10.221  1.00 27.42 ? 33  GLU A OE1 1 
ATOM   211  O OE2 . GLU A 1 54  ? -13.013 3.482   12.373  1.00 34.69 ? 33  GLU A OE2 1 
ATOM   212  N N   . VAL A 1 55  ? -7.754  1.174   8.667   1.00 10.43 ? 34  VAL A N   1 
ATOM   213  C CA  . VAL A 1 55  ? -6.738  1.282   7.585   1.00 9.59  ? 34  VAL A CA  1 
ATOM   214  C C   . VAL A 1 55  ? -7.444  1.367   6.243   1.00 9.81  ? 34  VAL A C   1 
ATOM   215  O O   . VAL A 1 55  ? -8.490  0.754   6.079   1.00 10.01 ? 34  VAL A O   1 
ATOM   216  C CB  . VAL A 1 55  ? -5.751  0.102   7.650   1.00 10.25 ? 34  VAL A CB  1 
ATOM   217  C CG1 . VAL A 1 55  ? -6.422  -1.235  7.314   1.00 10.13 ? 34  VAL A CG1 1 
ATOM   218  C CG2 . VAL A 1 55  ? -4.550  0.348   6.755   1.00 10.53 ? 34  VAL A CG2 1 
ATOM   219  N N   . LEU A 1 56  ? -6.838  2.061   5.281   1.00 9.38  ? 35  LEU A N   1 
ATOM   220  C CA  . LEU A 1 56  ? -7.413  2.234   3.935   1.00 9.81  ? 35  LEU A CA  1 
ATOM   221  C C   . LEU A 1 56  ? -6.893  1.122   3.041   1.00 9.49  ? 35  LEU A C   1 
ATOM   222  O O   . LEU A 1 56  ? -5.683  1.003   2.931   1.00 9.78  ? 35  LEU A O   1 
ATOM   223  C CB  . LEU A 1 56  ? -7.017  3.608   3.392   1.00 10.16 ? 35  LEU A CB  1 
ATOM   224  C CG  . LEU A 1 56  ? -7.818  4.098   2.193   1.00 11.25 ? 35  LEU A CG  1 
ATOM   225  C CD1 . LEU A 1 56  ? -9.254  4.390   2.602   1.00 11.67 ? 35  LEU A CD1 1 
ATOM   226  C CD2 . LEU A 1 56  ? -7.167  5.334   1.597   1.00 11.49 ? 35  LEU A CD2 1 
ATOM   227  N N   . LEU A 1 57  ? -7.790  0.340   2.440   1.00 8.60  ? 36  LEU A N   1 
ATOM   228  C CA  . LEU A 1 57  ? -7.432  -0.569  1.340   1.00 8.45  ? 36  LEU A CA  1 
ATOM   229  C C   . LEU A 1 57  ? -8.009  -0.031  0.035   1.00 8.52  ? 36  LEU A C   1 
ATOM   230  O O   . LEU A 1 57  ? -8.916  0.819   0.055   1.00 9.12  ? 36  LEU A O   1 
ATOM   231  C CB  . LEU A 1 57  ? -7.940  -1.996  1.608   1.00 8.18  ? 36  LEU A CB  1 
ATOM   232  C CG  . LEU A 1 57  ? -7.527  -2.646  2.939   1.00 8.32  ? 36  LEU A CG  1 
ATOM   233  C CD1 . LEU A 1 57  ? -8.080  -4.063  3.042   1.00 8.47  ? 36  LEU A CD1 1 
ATOM   234  C CD2 . LEU A 1 57  ? -6.013  -2.646  3.159   1.00 8.63  ? 36  LEU A CD2 1 
ATOM   235  N N   . VAL A 1 58  ? -7.455  -0.515  -1.067  1.00 8.97  ? 37  VAL A N   1 
ATOM   236  C CA  . VAL A 1 58  ? -7.907  -0.121  -2.422  1.00 8.90  ? 37  VAL A CA  1 
ATOM   237  C C   . VAL A 1 58  ? -8.267  -1.386  -3.189  1.00 9.38  ? 37  VAL A C   1 
ATOM   238  O O   . VAL A 1 58  ? -7.824  -2.487  -2.807  1.00 9.13  ? 37  VAL A O   1 
ATOM   239  C CB  . VAL A 1 58  ? -6.868  0.724   -3.158  1.00 9.00  ? 37  VAL A CB  1 
ATOM   240  C CG1 . VAL A 1 58  ? -6.580  2.016   -2.400  1.00 8.89  ? 37  VAL A CG1 1 
ATOM   241  C CG2 . VAL A 1 58  ? -5.589  -0.061  -3.397  1.00 8.20  ? 37  VAL A CG2 1 
ATOM   242  N N   . SER A 1 59  ? -9.061  -1.219  -4.236  1.00 9.71  ? 38  SER A N   1 
ATOM   243  C CA  . SER A 1 59  ? -9.457  -2.353  -5.098  1.00 11.25 ? 38  SER A CA  1 
ATOM   244  C C   . SER A 1 59  ? -8.298  -2.684  -6.056  1.00 12.56 ? 38  SER A C   1 
ATOM   245  O O   . SER A 1 59  ? -7.514  -1.782  -6.418  1.00 12.90 ? 38  SER A O   1 
ATOM   246  C CB  . SER A 1 59  ? -10.743 -2.041  -5.811  1.00 10.77 ? 38  SER A CB  1 
ATOM   247  O OG  . SER A 1 59  ? -10.606 -0.878  -6.585  1.00 12.27 ? 38  SER A OG  1 
ATOM   248  N N   . SER A 1 60  ? -8.170  -3.960  -6.426  1.00 14.44 ? 39  SER A N   1 
ATOM   249  C CA  . SER A 1 60  ? -7.270  -4.440  -7.508  1.00 16.69 ? 39  SER A CA  1 
ATOM   250  C C   . SER A 1 60  ? -7.815  -3.911  -8.836  1.00 18.50 ? 39  SER A C   1 
ATOM   251  O O   . SER A 1 60  ? -9.050  -3.879  -8.971  1.00 19.10 ? 39  SER A O   1 
ATOM   252  C CB  . SER A 1 60  ? -7.224  -5.964  -7.485  1.00 17.57 ? 39  SER A CB  1 
ATOM   253  O OG  . SER A 1 60  ? -6.829  -6.489  -8.735  1.00 19.58 ? 39  SER A OG  1 
ATOM   254  N N   . SER A 1 61  ? -6.969  -3.520  -9.784  1.00 23.44 ? 40  SER A N   1 
ATOM   255  C CA  . SER A 1 61  ? -7.428  -3.105  -11.139 1.00 27.68 ? 40  SER A CA  1 
ATOM   256  C C   . SER A 1 61  ? -7.858  -4.334  -11.947 1.00 29.94 ? 40  SER A C   1 
ATOM   257  O O   . SER A 1 61  ? -8.839  -4.218  -12.699 1.00 33.53 ? 40  SER A O   1 
ATOM   258  C CB  . SER A 1 61  ? -6.400  -2.307  -11.876 1.00 29.76 ? 40  SER A CB  1 
ATOM   259  O OG  . SER A 1 61  ? -5.136  -2.935  -11.819 1.00 33.52 ? 40  SER A OG  1 
ATOM   260  N N   . ARG A 1 62  ? -7.163  -5.463  -11.790 1.00 32.42 ? 41  ARG A N   1 
ATOM   261  C CA  . ARG A 1 62  ? -7.486  -6.733  -12.504 1.00 34.96 ? 41  ARG A CA  1 
ATOM   262  C C   . ARG A 1 62  ? -8.789  -7.337  -11.982 1.00 34.30 ? 41  ARG A C   1 
ATOM   263  O O   . ARG A 1 62  ? -9.535  -7.899  -12.805 1.00 35.58 ? 41  ARG A O   1 
ATOM   264  C CB  . ARG A 1 62  ? -6.368  -7.763  -12.348 1.00 39.25 ? 41  ARG A CB  1 
ATOM   265  C CG  . ARG A 1 62  ? -5.265  -7.615  -13.380 1.00 44.77 ? 41  ARG A CG  1 
ATOM   266  C CD  . ARG A 1 62  ? -5.576  -8.180  -14.758 1.00 48.09 ? 41  ARG A CD  1 
ATOM   267  N NE  . ARG A 1 62  ? -4.372  -8.802  -15.301 1.00 52.62 ? 41  ARG A NE  1 
ATOM   268  C CZ  . ARG A 1 62  ? -3.270  -8.147  -15.667 1.00 54.15 ? 41  ARG A CZ  1 
ATOM   269  N NH1 . ARG A 1 62  ? -3.203  -6.828  -15.573 1.00 54.43 ? 41  ARG A NH1 1 
ATOM   270  N NH2 . ARG A 1 62  ? -2.228  -8.819  -16.128 1.00 56.28 ? 41  ARG A NH2 1 
ATOM   271  N N   . HIS A 1 63  ? -9.032  -7.274  -10.667 1.00 32.09 ? 42  HIS A N   1 
ATOM   272  C CA  . HIS A 1 63  ? -10.232 -7.850  -10.008 1.00 30.42 ? 42  HIS A CA  1 
ATOM   273  C C   . HIS A 1 63  ? -10.822 -6.820  -9.049  1.00 29.63 ? 42  HIS A C   1 
ATOM   274  O O   . HIS A 1 63  ? -10.510 -6.837  -7.862  1.00 26.63 ? 42  HIS A O   1 
ATOM   275  C CB  . HIS A 1 63  ? -9.888  -9.176  -9.308  1.00 30.61 ? 42  HIS A CB  1 
ATOM   276  C CG  . HIS A 1 63  ? -9.155  -10.150 -10.169 1.00 30.04 ? 42  HIS A CG  1 
ATOM   277  N ND1 . HIS A 1 63  ? -7.784  -10.308 -10.100 1.00 29.98 ? 42  HIS A ND1 1 
ATOM   278  C CD2 . HIS A 1 63  ? -9.591  -11.014 -11.112 1.00 30.38 ? 42  HIS A CD2 1 
ATOM   279  C CE1 . HIS A 1 63  ? -7.405  -11.223 -10.964 1.00 31.30 ? 42  HIS A CE1 1 
ATOM   280  N NE2 . HIS A 1 63  ? -8.495  -11.671 -11.598 1.00 31.08 ? 42  HIS A NE2 1 
ATOM   281  N N   . PRO A 1 64  ? -11.680 -5.894  -9.540  1.00 28.78 ? 43  PRO A N   1 
ATOM   282  C CA  . PRO A 1 64  ? -12.220 -4.809  -8.712  1.00 27.39 ? 43  PRO A CA  1 
ATOM   283  C C   . PRO A 1 64  ? -12.996 -5.199  -7.444  1.00 27.50 ? 43  PRO A C   1 
ATOM   284  O O   . PRO A 1 64  ? -13.235 -4.326  -6.625  1.00 26.93 ? 43  PRO A O   1 
ATOM   285  C CB  . PRO A 1 64  ? -13.150 -4.070  -9.686  1.00 28.02 ? 43  PRO A CB  1 
ATOM   286  C CG  . PRO A 1 64  ? -12.542 -4.337  -11.044 1.00 29.49 ? 43  PRO A CG  1 
ATOM   287  C CD  . PRO A 1 64  ? -12.081 -5.775  -10.954 1.00 29.35 ? 43  PRO A CD  1 
ATOM   288  N N   . ASP A 1 65  ? -13.347 -6.478  -7.286  1.00 26.92 ? 44  ASP A N   1 
ATOM   289  C CA  . ASP A 1 65  ? -14.058 -7.003  -6.090  1.00 28.68 ? 44  ASP A CA  1 
ATOM   290  C C   . ASP A 1 65  ? -13.037 -7.471  -5.040  1.00 23.71 ? 44  ASP A C   1 
ATOM   291  O O   . ASP A 1 65  ? -13.465 -7.932  -3.956  1.00 24.51 ? 44  ASP A O   1 
ATOM   292  C CB  . ASP A 1 65  ? -15.058 -8.107  -6.476  1.00 33.10 ? 44  ASP A CB  1 
ATOM   293  C CG  . ASP A 1 65  ? -14.553 -9.135  -7.486  1.00 40.23 ? 44  ASP A CG  1 
ATOM   294  O OD1 . ASP A 1 65  ? -13.353 -9.098  -7.821  1.00 42.03 ? 44  ASP A OD1 1 
ATOM   295  O OD2 . ASP A 1 65  ? -15.378 -9.975  -7.941  1.00 46.51 ? 44  ASP A OD2 1 
ATOM   296  N N   . ARG A 1 66  ? -11.736 -7.321  -5.308  1.00 19.20 ? 45  ARG A N   1 
ATOM   297  C CA  . ARG A 1 66  ? -10.669 -7.723  -4.358  1.00 16.50 ? 45  ARG A CA  1 
ATOM   298  C C   . ARG A 1 66  ? -10.008 -6.475  -3.774  1.00 13.88 ? 45  ARG A C   1 
ATOM   299  O O   . ARG A 1 66  ? -9.819  -5.518  -4.559  1.00 14.23 ? 45  ARG A O   1 
ATOM   300  C CB  . ARG A 1 66  ? -9.631  -8.581  -5.064  1.00 18.09 ? 45  ARG A CB  1 
ATOM   301  C CG  . ARG A 1 66  ? -10.222 -9.881  -5.583  1.00 19.99 ? 45  ARG A CG  1 
ATOM   302  C CD  . ARG A 1 66  ? -9.121  -10.676 -6.234  1.00 22.68 ? 45  ARG A CD  1 
ATOM   303  N NE  . ARG A 1 66  ? -9.655  -11.708 -7.111  1.00 25.35 ? 45  ARG A NE  1 
ATOM   304  C CZ  . ARG A 1 66  ? -8.903  -12.565 -7.793  1.00 26.39 ? 45  ARG A CZ  1 
ATOM   305  N NH1 . ARG A 1 66  ? -7.585  -12.519 -7.686  1.00 26.08 ? 45  ARG A NH1 1 
ATOM   306  N NH2 . ARG A 1 66  ? -9.477  -13.474 -8.571  1.00 28.25 ? 45  ARG A NH2 1 
ATOM   307  N N   . TRP A 1 67  ? -9.668  -6.541  -2.478  1.00 11.16 ? 46  TRP A N   1 
ATOM   308  C CA  . TRP A 1 67  ? -9.011  -5.457  -1.699  1.00 10.76 ? 46  TRP A CA  1 
ATOM   309  C C   . TRP A 1 67  ? -7.529  -5.753  -1.512  1.00 10.00 ? 46  TRP A C   1 
ATOM   310  O O   . TRP A 1 67  ? -7.161  -6.918  -1.259  1.00 11.09 ? 46  TRP A O   1 
ATOM   311  C CB  . TRP A 1 67  ? -9.681  -5.250  -0.341  1.00 11.55 ? 46  TRP A CB  1 
ATOM   312  C CG  . TRP A 1 67  ? -11.104 -4.818  -0.468  1.00 13.94 ? 46  TRP A CG  1 
ATOM   313  C CD1 . TRP A 1 67  ? -12.212 -5.580  -0.243  1.00 15.27 ? 46  TRP A CD1 1 
ATOM   314  C CD2 . TRP A 1 67  ? -11.579 -3.536  -0.910  1.00 15.19 ? 46  TRP A CD2 1 
ATOM   315  N NE1 . TRP A 1 67  ? -13.344 -4.850  -0.485  1.00 16.04 ? 46  TRP A NE1 1 
ATOM   316  C CE2 . TRP A 1 67  ? -12.989 -3.596  -0.910  1.00 16.36 ? 46  TRP A CE2 1 
ATOM   317  C CE3 . TRP A 1 67  ? -10.949 -2.344  -1.288  1.00 15.43 ? 46  TRP A CE3 1 
ATOM   318  C CZ2 . TRP A 1 67  ? -13.775 -2.506  -1.274  1.00 17.42 ? 46  TRP A CZ2 1 
ATOM   319  C CZ3 . TRP A 1 67  ? -11.722 -1.269  -1.657  1.00 16.09 ? 46  TRP A CZ3 1 
ATOM   320  C CH2 . TRP A 1 67  ? -13.119 -1.351  -1.647  1.00 16.99 ? 46  TRP A CH2 1 
ATOM   321  N N   . ILE A 1 68  ? -6.698  -4.708  -1.595  1.00 8.85  ? 47  ILE A N   1 
ATOM   322  C CA  . ILE A 1 68  ? -5.232  -4.844  -1.414  1.00 8.22  ? 47  ILE A CA  1 
ATOM   323  C C   . ILE A 1 68  ? -4.740  -3.620  -0.661  1.00 7.12  ? 47  ILE A C   1 
ATOM   324  O O   . ILE A 1 68  ? -5.406  -2.594  -0.653  1.00 7.51  ? 47  ILE A O   1 
ATOM   325  C CB  . ILE A 1 68  ? -4.528  -4.956  -2.785  1.00 9.04  ? 47  ILE A CB  1 
ATOM   326  C CG1 . ILE A 1 68  ? -4.731  -3.676  -3.589  1.00 10.44 ? 47  ILE A CG1 1 
ATOM   327  C CG2 . ILE A 1 68  ? -4.999  -6.186  -3.556  1.00 9.81  ? 47  ILE A CG2 1 
ATOM   328  C CD1 . ILE A 1 68  ? -4.098  -3.684  -4.957  1.00 11.24 ? 47  ILE A CD1 1 
ATOM   329  N N   . VAL A 1 69  ? -3.547  -3.740  -0.133  1.00 6.65  ? 48  VAL A N   1 
ATOM   330  C CA  . VAL A 1 69  ? -2.790  -2.612  0.466   1.00 6.46  ? 48  VAL A CA  1 
ATOM   331  C C   . VAL A 1 69  ? -2.243  -1.797  -0.691  1.00 6.68  ? 48  VAL A C   1 
ATOM   332  O O   . VAL A 1 69  ? -1.621  -2.342  -1.604  1.00 6.86  ? 48  VAL A O   1 
ATOM   333  C CB  . VAL A 1 69  ? -1.709  -3.144  1.413   1.00 6.52  ? 48  VAL A CB  1 
ATOM   334  C CG1 . VAL A 1 69  ? -0.826  -2.022  1.951   1.00 6.61  ? 48  VAL A CG1 1 
ATOM   335  C CG2 . VAL A 1 69  ? -2.330  -3.929  2.562   1.00 6.73  ? 48  VAL A CG2 1 
ATOM   336  N N   . PRO A 1 70  ? -2.451  -0.472  -0.706  1.00 7.15  ? 49  PRO A N   1 
ATOM   337  C CA  . PRO A 1 70  ? -1.893  0.348   -1.776  1.00 7.64  ? 49  PRO A CA  1 
ATOM   338  C C   . PRO A 1 70  ? -0.355  0.324   -1.771  1.00 8.07  ? 49  PRO A C   1 
ATOM   339  O O   . PRO A 1 70  ? 0.260   0.431   -0.722  1.00 8.40  ? 49  PRO A O   1 
ATOM   340  C CB  . PRO A 1 70  ? -2.435  1.745   -1.459  1.00 7.69  ? 49  PRO A CB  1 
ATOM   341  C CG  . PRO A 1 70  ? -2.766  1.715   0.013   1.00 7.89  ? 49  PRO A CG  1 
ATOM   342  C CD  . PRO A 1 70  ? -3.221  0.301   0.278   1.00 7.42  ? 49  PRO A CD  1 
ATOM   343  N N   . GLY A 1 71  ? 0.251   0.212   -2.958  1.00 8.70  ? 50  GLY A N   1 
ATOM   344  C CA  . GLY A 1 71  ? 1.706   0.152   -3.098  1.00 9.14  ? 50  GLY A CA  1 
ATOM   345  C C   . GLY A 1 71  ? 2.069   -0.096  -4.547  1.00 9.65  ? 50  GLY A C   1 
ATOM   346  O O   . GLY A 1 71  ? 1.161   -0.314  -5.367  1.00 9.85  ? 50  GLY A O   1 
ATOM   347  N N   . GLY A 1 72  ? 3.340   -0.110  -4.854  1.00 9.44  ? 51  GLY A N   1 
ATOM   348  C CA  . GLY A 1 72  ? 3.774   -0.389  -6.232  1.00 10.04 ? 51  GLY A CA  1 
ATOM   349  C C   . GLY A 1 72  ? 5.253   -0.193  -6.391  1.00 10.06 ? 51  GLY A C   1 
ATOM   350  O O   . GLY A 1 72  ? 5.948   -0.036  -5.383  1.00 9.54  ? 51  GLY A O   1 
ATOM   351  N N   . GLY A 1 73  ? 5.714   -0.146  -7.641  1.00 10.43 ? 52  GLY A N   1 
ATOM   352  C CA  . GLY A 1 73  ? 7.138   -0.225  -7.950  1.00 10.31 ? 52  GLY A CA  1 
ATOM   353  C C   . GLY A 1 73  ? 7.874   1.025   -7.532  1.00 10.60 ? 52  GLY A C   1 
ATOM   354  O O   . GLY A 1 73  ? 7.336   2.132   -7.693  1.00 11.05 ? 52  GLY A O   1 
ATOM   355  N N   . MET A 1 74  ? 9.103   0.859   -7.068  1.00 10.66 ? 53  MET A N   1 
ATOM   356  C CA  A MET A 1 74  ? 10.047  1.985   -6.844  0.51 11.19 ? 53  MET A CA  1 
ATOM   357  C CA  B MET A 1 74  ? 10.058  1.976   -6.854  0.49 10.98 ? 53  MET A CA  1 
ATOM   358  C C   . MET A 1 74  ? 10.664  2.393   -8.198  1.00 11.75 ? 53  MET A C   1 
ATOM   359  O O   . MET A 1 74  ? 10.910  1.493   -9.040  1.00 11.81 ? 53  MET A O   1 
ATOM   360  C CB  A MET A 1 74  ? 11.124  1.587   -5.831  0.51 11.49 ? 53  MET A CB  1 
ATOM   361  C CB  B MET A 1 74  ? 11.200  1.537   -5.950  0.49 10.93 ? 53  MET A CB  1 
ATOM   362  C CG  A MET A 1 74  ? 10.557  1.313   -4.420  0.51 11.90 ? 53  MET A CG  1 
ATOM   363  C CG  B MET A 1 74  ? 10.759  1.113   -4.578  0.49 11.12 ? 53  MET A CG  1 
ATOM   364  S SD  A MET A 1 74  ? 11.675  0.457   -3.264  0.51 12.96 ? 53  MET A SD  1 
ATOM   365  S SD  B MET A 1 74  ? 12.235  1.080   -3.590  0.49 11.55 ? 53  MET A SD  1 
ATOM   366  C CE  A MET A 1 74  ? 13.029  1.627   -3.156  0.51 13.16 ? 53  MET A CE  1 
ATOM   367  C CE  B MET A 1 74  ? 11.793  -0.135  -2.351  0.49 10.94 ? 53  MET A CE  1 
ATOM   368  N N   . GLU A 1 75  ? 10.883  3.692   -8.389  1.00 12.35 ? 54  GLU A N   1 
ATOM   369  C CA  . GLU A 1 75  ? 11.512  4.225   -9.626  1.00 13.75 ? 54  GLU A CA  1 
ATOM   370  C C   . GLU A 1 75  ? 13.022  4.196   -9.427  1.00 11.41 ? 54  GLU A C   1 
ATOM   371  O O   . GLU A 1 75  ? 13.509  4.082   -8.309  1.00 10.18 ? 54  GLU A O   1 
ATOM   372  C CB  . GLU A 1 75  ? 10.977  5.625   -9.906  1.00 17.13 ? 54  GLU A CB  1 
ATOM   373  C CG  . GLU A 1 75  ? 9.522   5.647   -10.343 1.00 21.09 ? 54  GLU A CG  1 
ATOM   374  C CD  . GLU A 1 75  ? 8.939   7.049   -10.420 1.00 24.94 ? 54  GLU A CD  1 
ATOM   375  O OE1 . GLU A 1 75  ? 9.610   7.990   -9.958  1.00 29.21 ? 54  GLU A OE1 1 
ATOM   376  O OE2 . GLU A 1 75  ? 7.811   7.193   -10.932 1.00 33.41 ? 54  GLU A OE2 1 
ATOM   377  N N   . PRO A 1 76  ? 13.836  4.297   -10.507 1.00 10.91 ? 55  PRO A N   1 
ATOM   378  C CA  . PRO A 1 76  ? 15.280  4.321   -10.334 1.00 11.70 ? 55  PRO A CA  1 
ATOM   379  C C   . PRO A 1 76  ? 15.736  5.421   -9.365  1.00 12.22 ? 55  PRO A C   1 
ATOM   380  O O   . PRO A 1 76  ? 15.229  6.544   -9.465  1.00 12.61 ? 55  PRO A O   1 
ATOM   381  C CB  . PRO A 1 76  ? 15.800  4.557   -11.763 1.00 10.87 ? 55  PRO A CB  1 
ATOM   382  C CG  . PRO A 1 76  ? 14.701  4.023   -12.656 1.00 11.04 ? 55  PRO A CG  1 
ATOM   383  C CD  . PRO A 1 76  ? 13.405  4.293   -11.911 1.00 11.52 ? 55  PRO A CD  1 
ATOM   384  N N   . GLU A 1 77  ? 16.597  5.044   -8.430  1.00 13.15 ? 56  GLU A N   1 
ATOM   385  C CA  . GLU A 1 77  ? 17.261  5.888   -7.407  1.00 15.67 ? 56  GLU A CA  1 
ATOM   386  C C   . GLU A 1 77  ? 16.220  6.486   -6.445  1.00 16.00 ? 56  GLU A C   1 
ATOM   387  O O   . GLU A 1 77  ? 16.594  7.395   -5.678  1.00 16.15 ? 56  GLU A O   1 
ATOM   388  C CB  . GLU A 1 77  ? 18.099  6.972   -8.093  1.00 18.21 ? 56  GLU A CB  1 
ATOM   389  C CG  . GLU A 1 77  ? 19.126  6.384   -9.046  1.00 21.39 ? 56  GLU A CG  1 
ATOM   390  C CD  . GLU A 1 77  ? 20.086  7.381   -9.665  1.00 26.97 ? 56  GLU A CD  1 
ATOM   391  O OE1 . GLU A 1 77  ? 19.760  8.567   -9.664  1.00 32.56 ? 56  GLU A OE1 1 
ATOM   392  O OE2 . GLU A 1 77  ? 21.149  6.958   -10.153 1.00 31.79 ? 56  GLU A OE2 1 
ATOM   393  N N   . GLU A 1 78  ? 14.986  5.992   -6.452  1.00 14.39 ? 57  GLU A N   1 
ATOM   394  C CA  . GLU A 1 78  ? 13.907  6.571   -5.595  1.00 14.13 ? 57  GLU A CA  1 
ATOM   395  C C   . GLU A 1 78  ? 13.988  5.958   -4.192  1.00 14.01 ? 57  GLU A C   1 
ATOM   396  O O   . GLU A 1 78  ? 13.942  4.713   -4.069  1.00 13.73 ? 57  GLU A O   1 
ATOM   397  C CB  . GLU A 1 78  ? 12.555  6.331   -6.255  1.00 14.11 ? 57  GLU A CB  1 
ATOM   398  C CG  . GLU A 1 78  ? 11.389  7.006   -5.535  1.00 14.23 ? 57  GLU A CG  1 
ATOM   399  C CD  . GLU A 1 78  ? 10.036  6.754   -6.160  1.00 15.58 ? 57  GLU A CD  1 
ATOM   400  O OE1 . GLU A 1 78  ? 9.820   5.647   -6.692  1.00 14.28 ? 57  GLU A OE1 1 
ATOM   401  O OE2 . GLU A 1 78  ? 9.178   7.688   -6.136  1.00 16.12 ? 57  GLU A OE2 1 
ATOM   402  N N   . GLU A 1 79  ? 14.099  6.786   -3.157  1.00 14.89 ? 58  GLU A N   1 
ATOM   403  C CA  . GLU A 1 79  ? 14.083  6.306   -1.749  1.00 16.66 ? 58  GLU A CA  1 
ATOM   404  C C   . GLU A 1 79  ? 12.780  5.541   -1.522  1.00 14.49 ? 58  GLU A C   1 
ATOM   405  O O   . GLU A 1 79  ? 11.743  5.951   -2.027  1.00 12.49 ? 58  GLU A O   1 
ATOM   406  C CB  . GLU A 1 79  ? 14.238  7.471   -0.777  1.00 21.46 ? 58  GLU A CB  1 
ATOM   407  C CG  . GLU A 1 79  ? 15.561  8.203   -0.965  1.00 27.81 ? 58  GLU A CG  1 
ATOM   408  C CD  . GLU A 1 79  ? 16.337  8.512   0.302   1.00 35.83 ? 58  GLU A CD  1 
ATOM   409  O OE1 . GLU A 1 79  ? 15.735  9.084   1.237   1.00 46.05 ? 58  GLU A OE1 1 
ATOM   410  O OE2 . GLU A 1 79  ? 17.545  8.167   0.360   1.00 41.70 ? 58  GLU A OE2 1 
ATOM   411  N N   . PRO A 1 80  ? 12.789  4.404   -0.793  1.00 13.29 ? 59  PRO A N   1 
ATOM   412  C CA  . PRO A 1 80  ? 11.567  3.620   -0.592  1.00 12.66 ? 59  PRO A CA  1 
ATOM   413  C C   . PRO A 1 80  ? 10.439  4.436   0.076   1.00 11.33 ? 59  PRO A C   1 
ATOM   414  O O   . PRO A 1 80  ? 9.293   4.290   -0.323  1.00 10.28 ? 59  PRO A O   1 
ATOM   415  C CB  . PRO A 1 80  ? 11.976  2.431   0.300   1.00 13.62 ? 59  PRO A CB  1 
ATOM   416  C CG  . PRO A 1 80  ? 13.458  2.590   0.591   1.00 14.82 ? 59  PRO A CG  1 
ATOM   417  C CD  . PRO A 1 80  ? 13.981  3.753   -0.225  1.00 14.28 ? 59  PRO A CD  1 
ATOM   418  N N   . SER A 1 81  ? 10.785  5.296   1.036   1.00 11.35 ? 60  SER A N   1 
ATOM   419  C CA  . SER A 1 81  ? 9.793   6.157   1.752   1.00 12.07 ? 60  SER A CA  1 
ATOM   420  C C   . SER A 1 81  ? 9.133   7.113   0.754   1.00 12.43 ? 60  SER A C   1 
ATOM   421  O O   . SER A 1 81  ? 7.930   7.396   0.901   1.00 11.91 ? 60  SER A O   1 
ATOM   422  C CB  . SER A 1 81  ? 10.435  6.911   2.891   1.00 13.46 ? 60  SER A CB  1 
ATOM   423  O OG  . SER A 1 81  ? 11.469  7.757   2.429   1.00 15.53 ? 60  SER A OG  1 
ATOM   424  N N   . VAL A 1 82  ? 9.887   7.584   -0.246  1.00 12.01 ? 61  VAL A N   1 
ATOM   425  C CA  . VAL A 1 82  ? 9.371   8.531   -1.268  1.00 11.80 ? 61  VAL A CA  1 
ATOM   426  C C   . VAL A 1 82  ? 8.430   7.762   -2.185  1.00 10.38 ? 61  VAL A C   1 
ATOM   427  O O   . VAL A 1 82  ? 7.351   8.278   -2.475  1.00 9.32  ? 61  VAL A O   1 
ATOM   428  C CB  . VAL A 1 82  ? 10.522  9.212   -2.032  1.00 12.77 ? 61  VAL A CB  1 
ATOM   429  C CG1 . VAL A 1 82  ? 10.038  9.919   -3.285  1.00 13.76 ? 61  VAL A CG1 1 
ATOM   430  C CG2 . VAL A 1 82  ? 11.266  10.162  -1.118  1.00 13.20 ? 61  VAL A CG2 1 
ATOM   431  N N   . ALA A 1 83  ? 8.827   6.548   -2.581  1.00 9.55  ? 62  ALA A N   1 
ATOM   432  C CA  . ALA A 1 83  ? 7.997   5.668   -3.434  1.00 9.41  ? 62  ALA A CA  1 
ATOM   433  C C   . ALA A 1 83  ? 6.674   5.365   -2.706  1.00 9.10  ? 62  ALA A C   1 
ATOM   434  O O   . ALA A 1 83  ? 5.606   5.334   -3.360  1.00 8.70  ? 62  ALA A O   1 
ATOM   435  C CB  . ALA A 1 83  ? 8.776   4.414   -3.732  1.00 9.71  ? 62  ALA A CB  1 
ATOM   436  N N   . ALA A 1 84  ? 6.746   5.093   -1.407  1.00 9.57  ? 63  ALA A N   1 
ATOM   437  C CA  . ALA A 1 84  ? 5.573   4.677   -0.609  1.00 9.61  ? 63  ALA A CA  1 
ATOM   438  C C   . ALA A 1 84  ? 4.534   5.792   -0.654  1.00 9.79  ? 63  ALA A C   1 
ATOM   439  O O   . ALA A 1 84  ? 3.371   5.514   -0.976  1.00 10.43 ? 63  ALA A O   1 
ATOM   440  C CB  . ALA A 1 84  ? 5.948   4.385   0.820   1.00 9.54  ? 63  ALA A CB  1 
ATOM   441  N N   . VAL A 1 85  ? 4.972   7.012   -0.346  1.00 10.42 ? 64  VAL A N   1 
ATOM   442  C CA  . VAL A 1 85  ? 4.104   8.232   -0.344  1.00 11.57 ? 64  VAL A CA  1 
ATOM   443  C C   . VAL A 1 85  ? 3.533   8.486   -1.747  1.00 10.93 ? 64  VAL A C   1 
ATOM   444  O O   . VAL A 1 85  ? 2.340   8.795   -1.876  1.00 10.51 ? 64  VAL A O   1 
ATOM   445  C CB  . VAL A 1 85  ? 4.889   9.434   0.209   1.00 13.46 ? 64  VAL A CB  1 
ATOM   446  C CG1 . VAL A 1 85  ? 4.218   10.761  -0.087  1.00 16.38 ? 64  VAL A CG1 1 
ATOM   447  C CG2 . VAL A 1 85  ? 5.123   9.246   1.698   1.00 14.18 ? 64  VAL A CG2 1 
ATOM   448  N N   . ARG A 1 86  ? 4.348   8.351   -2.792  1.00 9.82  ? 65  ARG A N   1 
ATOM   449  C CA  . ARG A 1 86  ? 3.892   8.598   -4.168  1.00 10.40 ? 65  ARG A CA  1 
ATOM   450  C C   . ARG A 1 86  ? 2.826   7.569   -4.549  1.00 10.35 ? 65  ARG A C   1 
ATOM   451  O O   . ARG A 1 86  ? 1.779   7.954   -5.125  1.00 10.76 ? 65  ARG A O   1 
ATOM   452  C CB  . ARG A 1 86  ? 5.085   8.517   -5.125  1.00 10.77 ? 65  ARG A CB  1 
ATOM   453  C CG  . ARG A 1 86  ? 4.683   8.594   -6.582  1.00 12.67 ? 65  ARG A CG  1 
ATOM   454  C CD  . ARG A 1 86  ? 5.870   8.490   -7.518  1.00 14.00 ? 65  ARG A CD  1 
ATOM   455  N NE  . ARG A 1 86  ? 6.663   7.290   -7.285  1.00 14.51 ? 65  ARG A NE  1 
ATOM   456  C CZ  . ARG A 1 86  ? 6.311   6.064   -7.655  1.00 15.59 ? 65  ARG A CZ  1 
ATOM   457  N NH1 . ARG A 1 86  ? 5.165   5.844   -8.274  1.00 16.89 ? 65  ARG A NH1 1 
ATOM   458  N NH2 . ARG A 1 86  ? 7.107   5.045   -7.397  1.00 16.03 ? 65  ARG A NH2 1 
ATOM   459  N N   . GLU A 1 87  ? 3.082   6.293   -4.254  1.00 10.49 ? 66  GLU A N   1 
ATOM   460  C CA  . GLU A 1 87  ? 2.157   5.198   -4.651  1.00 11.65 ? 66  GLU A CA  1 
ATOM   461  C C   . GLU A 1 87  ? 0.794   5.368   -3.972  1.00 11.11 ? 66  GLU A C   1 
ATOM   462  O O   . GLU A 1 87  ? -0.219  5.123   -4.620  1.00 12.18 ? 66  GLU A O   1 
ATOM   463  C CB  . GLU A 1 87  ? 2.750   3.830   -4.320  1.00 14.15 ? 66  GLU A CB  1 
ATOM   464  C CG  . GLU A 1 87  ? 3.831   3.452   -5.294  1.00 16.92 ? 66  GLU A CG  1 
ATOM   465  C CD  . GLU A 1 87  ? 3.338   3.129   -6.688  1.00 19.60 ? 66  GLU A CD  1 
ATOM   466  O OE1 . GLU A 1 87  ? 4.172   3.127   -7.611  1.00 22.96 ? 66  GLU A OE1 1 
ATOM   467  O OE2 . GLU A 1 87  ? 2.121   2.896   -6.854  1.00 22.77 ? 66  GLU A OE2 1 
ATOM   468  N N   A VAL A 1 88  ? 0.792   5.709   -2.690  0.50 10.89 ? 67  VAL A N   1 
ATOM   469  N N   B VAL A 1 88  ? 0.759   5.764   -2.699  0.50 11.13 ? 67  VAL A N   1 
ATOM   470  C CA  A VAL A 1 88  ? -0.462  5.910   -1.918  0.50 10.82 ? 67  VAL A CA  1 
ATOM   471  C CA  B VAL A 1 88  ? -0.523  5.895   -1.941  0.50 11.19 ? 67  VAL A CA  1 
ATOM   472  C C   A VAL A 1 88  ? -1.230  7.089   -2.530  0.50 11.05 ? 67  VAL A C   1 
ATOM   473  C C   B VAL A 1 88  ? -1.245  7.185   -2.350  0.50 11.28 ? 67  VAL A C   1 
ATOM   474  O O   A VAL A 1 88  ? -2.460  6.962   -2.697  0.50 10.20 ? 67  VAL A O   1 
ATOM   475  O O   B VAL A 1 88  ? -2.468  7.254   -2.148  0.50 10.36 ? 67  VAL A O   1 
ATOM   476  C CB  A VAL A 1 88  ? -0.178  6.101   -0.423  0.50 10.78 ? 67  VAL A CB  1 
ATOM   477  C CB  B VAL A 1 88  ? -0.324  5.797   -0.420  0.50 11.32 ? 67  VAL A CB  1 
ATOM   478  C CG1 A VAL A 1 88  ? -1.295  6.857   0.258   0.50 10.67 ? 67  VAL A CG1 1 
ATOM   479  C CG1 B VAL A 1 88  ? 0.469   4.547   -0.079  0.50 11.54 ? 67  VAL A CG1 1 
ATOM   480  C CG2 A VAL A 1 88  ? 0.070   4.771   0.261   0.50 10.93 ? 67  VAL A CG2 1 
ATOM   481  C CG2 B VAL A 1 88  ? 0.309   7.044   0.184   0.50 11.63 ? 67  VAL A CG2 1 
ATOM   482  N N   . CYS A 1 89  ? -0.536  8.170   -2.900  1.00 11.38 ? 68  CYS A N   1 
ATOM   483  C CA  . CYS A 1 89  ? -1.185  9.350   -3.523  1.00 12.60 ? 68  CYS A CA  1 
ATOM   484  C C   . CYS A 1 89  ? -1.873  8.898   -4.824  1.00 12.61 ? 68  CYS A C   1 
ATOM   485  O O   . CYS A 1 89  ? -3.062  9.224   -5.019  1.00 12.46 ? 68  CYS A O   1 
ATOM   486  C CB  . CYS A 1 89  ? -0.180  10.466  -3.738  1.00 14.33 ? 68  CYS A CB  1 
ATOM   487  S SG  . CYS A 1 89  ? -0.931  11.889  -4.571  1.00 20.15 ? 68  CYS A SG  1 
ATOM   488  N N   . GLU A 1 90  ? -1.143  8.188   -5.692  1.00 13.53 ? 69  GLU A N   1 
ATOM   489  C CA  . GLU A 1 90  ? -1.605  7.739   -7.031  1.00 15.03 ? 69  GLU A CA  1 
ATOM   490  C C   . GLU A 1 90  ? -2.757  6.744   -6.890  1.00 13.57 ? 69  GLU A C   1 
ATOM   491  O O   . GLU A 1 90  ? -3.755  6.838   -7.642  1.00 13.29 ? 69  GLU A O   1 
ATOM   492  C CB  . GLU A 1 90  ? -0.468  7.050   -7.799  1.00 17.57 ? 69  GLU A CB  1 
ATOM   493  C CG  . GLU A 1 90  ? 0.679   7.954   -8.198  1.00 21.77 ? 69  GLU A CG  1 
ATOM   494  C CD  . GLU A 1 90  ? 1.850   7.232   -8.873  1.00 26.17 ? 69  GLU A CD  1 
ATOM   495  O OE1 . GLU A 1 90  ? 2.774   7.917   -9.332  1.00 28.60 ? 69  GLU A OE1 1 
ATOM   496  O OE2 . GLU A 1 90  ? 1.839   5.968   -8.938  1.00 31.74 ? 69  GLU A OE2 1 
ATOM   497  N N   . GLU A 1 91  ? -2.636  5.781   -5.971  1.00 11.99 ? 70  GLU A N   1 
ATOM   498  C CA  . GLU A 1 91  ? -3.565  4.632   -5.918  1.00 12.28 ? 70  GLU A CA  1 
ATOM   499  C C   . GLU A 1 91  ? -4.747  4.924   -5.002  1.00 10.68 ? 70  GLU A C   1 
ATOM   500  O O   . GLU A 1 91  ? -5.850  4.446   -5.317  1.00 11.01 ? 70  GLU A O   1 
ATOM   501  C CB  . GLU A 1 91  ? -2.860  3.386   -5.384  1.00 13.51 ? 70  GLU A CB  1 
ATOM   502  C CG  . GLU A 1 91  ? -1.805  2.879   -6.325  1.00 15.69 ? 70  GLU A CG  1 
ATOM   503  C CD  . GLU A 1 91  ? -1.491  1.402   -6.168  1.00 18.45 ? 70  GLU A CD  1 
ATOM   504  O OE1 . GLU A 1 91  ? -0.773  0.878   -7.059  1.00 19.85 ? 70  GLU A OE1 1 
ATOM   505  O OE2 . GLU A 1 91  ? -1.965  0.791   -5.183  1.00 16.74 ? 70  GLU A OE2 1 
ATOM   506  N N   . ALA A 1 92  ? -4.511  5.601   -3.881  1.00 10.18 ? 71  ALA A N   1 
ATOM   507  C CA  . ALA A 1 92  ? -5.531  5.790   -2.819  1.00 9.58  ? 71  ALA A CA  1 
ATOM   508  C C   . ALA A 1 92  ? -6.010  7.244   -2.685  1.00 9.87  ? 71  ALA A C   1 
ATOM   509  O O   . ALA A 1 92  ? -7.001  7.460   -1.955  1.00 9.55  ? 71  ALA A O   1 
ATOM   510  C CB  . ALA A 1 92  ? -5.000  5.271   -1.517  1.00 9.45  ? 71  ALA A CB  1 
ATOM   511  N N   . GLY A 1 93  ? -5.348  8.213   -3.305  1.00 9.87  ? 72  GLY A N   1 
ATOM   512  C CA  . GLY A 1 93  ? -5.788  9.620   -3.235  1.00 10.46 ? 72  GLY A CA  1 
ATOM   513  C C   . GLY A 1 93  ? -5.726  10.145  -1.810  1.00 10.81 ? 72  GLY A C   1 
ATOM   514  O O   . GLY A 1 93  ? -6.630  10.915  -1.421  1.00 10.85 ? 72  GLY A O   1 
ATOM   515  N N   . VAL A 1 94  ? -4.711  9.740   -1.038  1.00 10.13 ? 73  VAL A N   1 
ATOM   516  C CA  . VAL A 1 94  ? -4.537  10.266  0.340   1.00 10.04 ? 73  VAL A CA  1 
ATOM   517  C C   . VAL A 1 94  ? -3.110  10.749  0.536   1.00 9.74  ? 73  VAL A C   1 
ATOM   518  O O   . VAL A 1 94  ? -2.182  10.273  -0.149  1.00 9.95  ? 73  VAL A O   1 
ATOM   519  C CB  . VAL A 1 94  ? -4.955  9.272   1.442   1.00 10.41 ? 73  VAL A CB  1 
ATOM   520  C CG1 . VAL A 1 94  ? -6.402  8.854   1.266   1.00 10.32 ? 73  VAL A CG1 1 
ATOM   521  C CG2 . VAL A 1 94  ? -4.033  8.070   1.552   1.00 11.03 ? 73  VAL A CG2 1 
ATOM   522  N N   . LYS A 1 95  ? -2.963  11.668  1.482   1.00 9.91  ? 74  LYS A N   1 
ATOM   523  C CA  . LYS A 1 95  ? -1.659  12.181  1.944   1.00 9.92  ? 74  LYS A CA  1 
ATOM   524  C C   . LYS A 1 95  ? -1.660  12.171  3.467   1.00 9.60  ? 74  LYS A C   1 
ATOM   525  O O   . LYS A 1 95  ? -2.739  12.212  4.093   1.00 8.52  ? 74  LYS A O   1 
ATOM   526  C CB  . LYS A 1 95  ? -1.384  13.586  1.391   1.00 11.61 ? 74  LYS A CB  1 
ATOM   527  C CG  . LYS A 1 95  ? -1.243  13.635  -0.129  1.00 13.76 ? 74  LYS A CG  1 
ATOM   528  C CD  . LYS A 1 95  ? -0.965  14.999  -0.688  1.00 17.28 ? 74  LYS A CD  1 
ATOM   529  C CE  . LYS A 1 95  ? -1.114  15.044  -2.195  1.00 20.20 ? 74  LYS A CE  1 
ATOM   530  N NZ  . LYS A 1 95  ? -0.311  14.006  -2.886  1.00 23.66 ? 74  LYS A NZ  1 
ATOM   531  N N   . GLY A 1 96  ? -0.472  12.208  4.061   1.00 10.10 ? 75  GLY A N   1 
ATOM   532  C CA  . GLY A 1 96  ? -0.402  12.330  5.516   1.00 10.65 ? 75  GLY A CA  1 
ATOM   533  C C   . GLY A 1 96  ? 1.021   12.373  6.006   1.00 11.27 ? 75  GLY A C   1 
ATOM   534  O O   . GLY A 1 96  ? 1.914   12.761  5.223   1.00 11.55 ? 75  GLY A O   1 
ATOM   535  N N   . THR A 1 97  ? 1.196   11.970  7.257   1.00 12.15 ? 76  THR A N   1 
ATOM   536  C CA  . THR A 1 97  ? 2.477   11.976  7.996   1.00 13.00 ? 76  THR A CA  1 
ATOM   537  C C   . THR A 1 97  ? 3.064   10.570  7.927   1.00 12.79 ? 76  THR A C   1 
ATOM   538  O O   . THR A 1 97  ? 2.481   9.677   8.509   1.00 11.36 ? 76  THR A O   1 
ATOM   539  C CB  . THR A 1 97  ? 2.254   12.426  9.439   1.00 15.09 ? 76  THR A CB  1 
ATOM   540  O OG1 . THR A 1 97  ? 1.599   13.690  9.325   1.00 16.67 ? 76  THR A OG1 1 
ATOM   541  C CG2 . THR A 1 97  ? 3.556   12.558  10.195  1.00 16.41 ? 76  THR A CG2 1 
ATOM   542  N N   . LEU A 1 98  ? 4.160   10.405  7.196   1.00 12.77 ? 77  LEU A N   1 
ATOM   543  C CA  . LEU A 1 98  ? 4.837   9.091   7.108   1.00 13.34 ? 77  LEU A CA  1 
ATOM   544  C C   . LEU A 1 98  ? 5.424   8.754   8.473   1.00 13.62 ? 77  LEU A C   1 
ATOM   545  O O   . LEU A 1 98  ? 6.069   9.628   9.088   1.00 14.17 ? 77  LEU A O   1 
ATOM   546  C CB  . LEU A 1 98  ? 5.908   9.157   6.025   1.00 14.96 ? 77  LEU A CB  1 
ATOM   547  C CG  . LEU A 1 98  ? 6.537   7.809   5.693   1.00 16.62 ? 77  LEU A CG  1 
ATOM   548  C CD1 . LEU A 1 98  ? 5.560   6.932   4.909   1.00 16.35 ? 77  LEU A CD1 1 
ATOM   549  C CD2 . LEU A 1 98  ? 7.816   8.020   4.922   1.00 18.96 ? 77  LEU A CD2 1 
ATOM   550  N N   . GLY A 1 99  ? 5.206   7.529   8.936   1.00 13.50 ? 78  GLY A N   1 
ATOM   551  C CA  . GLY A 1 99  ? 5.799   7.014   10.180  1.00 13.87 ? 78  GLY A CA  1 
ATOM   552  C C   . GLY A 1 99  ? 6.878   5.990   9.890   1.00 13.40 ? 78  GLY A C   1 
ATOM   553  O O   . GLY A 1 99  ? 7.520   6.044   8.809   1.00 14.85 ? 78  GLY A O   1 
ATOM   554  N N   . ARG A 1 100 ? 6.998   5.043   10.809  1.00 15.32 ? 79  ARG A N   1 
ATOM   555  C CA  . ARG A 1 100 ? 8.061   4.003   10.851  1.00 16.33 ? 79  ARG A CA  1 
ATOM   556  C C   . ARG A 1 100 ? 7.982   3.075   9.641   1.00 13.95 ? 79  ARG A C   1 
ATOM   557  O O   . ARG A 1 100 ? 6.872   2.771   9.155   1.00 12.38 ? 79  ARG A O   1 
ATOM   558  C CB  . ARG A 1 100 ? 7.927   3.188   12.145  1.00 20.01 ? 79  ARG A CB  1 
ATOM   559  C CG  . ARG A 1 100 ? 6.676   2.321   12.255  1.00 24.17 ? 79  ARG A CG  1 
ATOM   560  C CD  . ARG A 1 100 ? 6.365   1.946   13.705  1.00 30.14 ? 79  ARG A CD  1 
ATOM   561  N NE  . ARG A 1 100 ? 5.190   1.087   13.864  1.00 32.71 ? 79  ARG A NE  1 
ATOM   562  C CZ  . ARG A 1 100 ? 3.933   1.501   14.108  1.00 37.78 ? 79  ARG A CZ  1 
ATOM   563  N NH1 . ARG A 1 100 ? 3.633   2.788   14.234  1.00 36.39 ? 79  ARG A NH1 1 
ATOM   564  N NH2 . ARG A 1 100 ? 2.965   0.607   14.227  1.00 39.24 ? 79  ARG A NH2 1 
ATOM   565  N N   . LEU A 1 101 ? 9.149   2.594   9.214   1.00 13.84 ? 80  LEU A N   1 
ATOM   566  C CA  . LEU A 1 101 ? 9.254   1.377   8.385   1.00 13.46 ? 80  LEU A CA  1 
ATOM   567  C C   . LEU A 1 101 ? 8.782   0.219   9.268   1.00 11.80 ? 80  LEU A C   1 
ATOM   568  O O   . LEU A 1 101 ? 9.332   0.029   10.369  1.00 11.82 ? 80  LEU A O   1 
ATOM   569  C CB  . LEU A 1 101 ? 10.701  1.211   7.910   1.00 13.73 ? 80  LEU A CB  1 
ATOM   570  C CG  . LEU A 1 101 ? 10.998  -0.047  7.095   1.00 14.43 ? 80  LEU A CG  1 
ATOM   571  C CD1 . LEU A 1 101 ? 10.257  -0.038  5.770   1.00 13.97 ? 80  LEU A CD1 1 
ATOM   572  C CD2 . LEU A 1 101 ? 12.496  -0.186  6.859   1.00 14.84 ? 80  LEU A CD2 1 
ATOM   573  N N   . VAL A 1 102 ? 7.798   -0.556  8.802   1.00 10.00 ? 81  VAL A N   1 
ATOM   574  C CA  . VAL A 1 102 ? 7.301   -1.762  9.514   1.00 10.13 ? 81  VAL A CA  1 
ATOM   575  C C   . VAL A 1 102 ? 8.286   -2.901  9.248   1.00 9.11  ? 81  VAL A C   1 
ATOM   576  O O   . VAL A 1 102 ? 8.629   -3.655  10.176  1.00 9.14  ? 81  VAL A O   1 
ATOM   577  C CB  . VAL A 1 102 ? 5.879   -2.132  9.043   1.00 11.04 ? 81  VAL A CB  1 
ATOM   578  C CG1 . VAL A 1 102 ? 5.436   -3.487  9.550   1.00 11.52 ? 81  VAL A CG1 1 
ATOM   579  C CG2 . VAL A 1 102 ? 4.884   -1.035  9.422   1.00 11.47 ? 81  VAL A CG2 1 
ATOM   580  N N   . GLY A 1 103 ? 8.684   -3.064  7.992   1.00 8.36  ? 82  GLY A N   1 
ATOM   581  C CA  . GLY A 1 103 ? 9.558   -4.168  7.601   1.00 8.95  ? 82  GLY A CA  1 
ATOM   582  C C   . GLY A 1 103 ? 9.668   -4.277  6.102   1.00 8.79  ? 82  GLY A C   1 
ATOM   583  O O   . GLY A 1 103 ? 9.090   -3.446  5.378   1.00 8.17  ? 82  GLY A O   1 
ATOM   584  N N   . ILE A 1 104 ? 10.455  -5.248  5.673   1.00 8.91  ? 83  ILE A N   1 
ATOM   585  C CA  . ILE A 1 104 ? 10.698  -5.561  4.243   1.00 9.29  ? 83  ILE A CA  1 
ATOM   586  C C   . ILE A 1 104 ? 10.139  -6.969  4.042   1.00 8.82  ? 83  ILE A C   1 
ATOM   587  O O   . ILE A 1 104 ? 10.585  -7.899  4.741   1.00 8.55  ? 83  ILE A O   1 
ATOM   588  C CB  . ILE A 1 104 ? 12.185  -5.437  3.896   1.00 10.79 ? 83  ILE A CB  1 
ATOM   589  C CG1 . ILE A 1 104 ? 12.749  -4.078  4.341   1.00 12.09 ? 83  ILE A CG1 1 
ATOM   590  C CG2 . ILE A 1 104 ? 12.379  -5.668  2.400   1.00 11.50 ? 83  ILE A CG2 1 
ATOM   591  C CD1 . ILE A 1 104 ? 14.258  -3.970  4.235   1.00 13.95 ? 83  ILE A CD1 1 
ATOM   592  N N   . PHE A 1 105 ? 9.190   -7.126  3.137   1.00 8.45  ? 84  PHE A N   1 
ATOM   593  C CA  . PHE A 1 105 ? 8.373   -8.350  3.004   1.00 8.53  ? 84  PHE A CA  1 
ATOM   594  C C   . PHE A 1 105 ? 8.502   -8.913  1.595   1.00 9.45  ? 84  PHE A C   1 
ATOM   595  O O   . PHE A 1 105 ? 8.268   -8.185  0.645   1.00 8.42  ? 84  PHE A O   1 
ATOM   596  C CB  . PHE A 1 105 ? 6.899   -8.028  3.257   1.00 8.16  ? 84  PHE A CB  1 
ATOM   597  C CG  . PHE A 1 105 ? 6.567   -7.617  4.670   1.00 8.14  ? 84  PHE A CG  1 
ATOM   598  C CD1 . PHE A 1 105 ? 6.867   -6.339  5.123   1.00 8.29  ? 84  PHE A CD1 1 
ATOM   599  C CD2 . PHE A 1 105 ? 5.981   -8.507  5.554   1.00 8.47  ? 84  PHE A CD2 1 
ATOM   600  C CE1 . PHE A 1 105 ? 6.553   -5.966  6.418   1.00 8.61  ? 84  PHE A CE1 1 
ATOM   601  C CE2 . PHE A 1 105 ? 5.648   -8.123  6.841   1.00 8.77  ? 84  PHE A CE2 1 
ATOM   602  C CZ  . PHE A 1 105 ? 5.968   -6.861  7.277   1.00 8.55  ? 84  PHE A CZ  1 
ATOM   603  N N   . GLU A 1 106 ? 8.830   -10.198 1.479   1.00 10.30 ? 85  GLU A N   1 
ATOM   604  C CA  . GLU A 1 106 ? 8.930   -10.856 0.167   1.00 11.48 ? 85  GLU A CA  1 
ATOM   605  C C   . GLU A 1 106 ? 7.627   -11.584 -0.139  1.00 11.16 ? 85  GLU A C   1 
ATOM   606  O O   . GLU A 1 106 ? 7.053   -12.190 0.771   1.00 11.88 ? 85  GLU A O   1 
ATOM   607  C CB  . GLU A 1 106 ? 10.090  -11.835 0.159   1.00 12.93 ? 85  GLU A CB  1 
ATOM   608  C CG  . GLU A 1 106 ? 11.403  -11.109 0.213   1.00 15.29 ? 85  GLU A CG  1 
ATOM   609  C CD  . GLU A 1 106 ? 12.608  -11.996 0.413   1.00 17.95 ? 85  GLU A CD  1 
ATOM   610  O OE1 . GLU A 1 106 ? 12.494  -13.230 0.137   1.00 18.79 ? 85  GLU A OE1 1 
ATOM   611  O OE2 . GLU A 1 106 ? 13.645  -11.430 0.845   1.00 21.81 ? 85  GLU A OE2 1 
ATOM   612  N N   . ASN A 1 107 ? 7.246   -11.546 -1.396  1.00 11.14 ? 86  ASN A N   1 
ATOM   613  C CA  . ASN A 1 107 ? 6.225   -12.423 -2.021  1.00 12.79 ? 86  ASN A CA  1 
ATOM   614  C C   . ASN A 1 107 ? 7.001   -13.312 -3.003  1.00 14.17 ? 86  ASN A C   1 
ATOM   615  O O   . ASN A 1 107 ? 7.299   -12.870 -4.134  1.00 13.65 ? 86  ASN A O   1 
ATOM   616  C CB  . ASN A 1 107 ? 5.078   -11.592 -2.582  1.00 14.18 ? 86  ASN A CB  1 
ATOM   617  C CG  . ASN A 1 107 ? 4.029   -12.455 -3.256  1.00 15.82 ? 86  ASN A CG  1 
ATOM   618  O OD1 . ASN A 1 107 ? 4.304   -13.620 -3.557  1.00 18.02 ? 86  ASN A OD1 1 
ATOM   619  N ND2 . ASN A 1 107 ? 2.858   -11.891 -3.518  1.00 16.47 ? 86  ASN A ND2 1 
ATOM   620  N N   . GLN A 1 108 ? 7.346   -14.520 -2.557  1.00 16.42 ? 87  GLN A N   1 
ATOM   621  C CA  . GLN A 1 108 ? 8.178   -15.474 -3.327  1.00 21.13 ? 87  GLN A CA  1 
ATOM   622  C C   . GLN A 1 108 ? 7.456   -15.822 -4.636  1.00 21.84 ? 87  GLN A C   1 
ATOM   623  O O   . GLN A 1 108 ? 8.139   -15.906 -5.673  1.00 21.83 ? 87  GLN A O   1 
ATOM   624  C CB  . GLN A 1 108 ? 8.494   -16.683 -2.450  1.00 25.62 ? 87  GLN A CB  1 
ATOM   625  C CG  . GLN A 1 108 ? 9.540   -17.615 -3.042  1.00 32.95 ? 87  GLN A CG  1 
ATOM   626  C CD  . GLN A 1 108 ? 10.403  -18.295 -2.006  1.00 39.31 ? 87  GLN A CD  1 
ATOM   627  O OE1 . GLN A 1 108 ? 10.285  -18.050 -0.805  1.00 46.07 ? 87  GLN A OE1 1 
ATOM   628  N NE2 . GLN A 1 108 ? 11.314  -19.136 -2.477  1.00 42.65 ? 87  GLN A NE2 1 
ATOM   629  N N   . GLU A 1 109 ? 6.125   -15.935 -4.625  1.00 23.21 ? 88  GLU A N   1 
ATOM   630  C CA  . GLU A 1 109 ? 5.329   -16.361 -5.811  1.00 25.10 ? 88  GLU A CA  1 
ATOM   631  C C   . GLU A 1 109 ? 5.451   -15.319 -6.923  1.00 23.74 ? 88  GLU A C   1 
ATOM   632  O O   . GLU A 1 109 ? 5.497   -15.716 -8.098  1.00 25.39 ? 88  GLU A O   1 
ATOM   633  C CB  . GLU A 1 109 ? 3.846   -16.546 -5.480  1.00 29.41 ? 88  GLU A CB  1 
ATOM   634  C CG  . GLU A 1 109 ? 3.539   -17.848 -4.773  1.00 35.28 ? 88  GLU A CG  1 
ATOM   635  C CD  . GLU A 1 109 ? 2.085   -17.981 -4.340  1.00 39.35 ? 88  GLU A CD  1 
ATOM   636  O OE1 . GLU A 1 109 ? 1.623   -19.130 -4.144  1.00 45.91 ? 88  GLU A OE1 1 
ATOM   637  O OE2 . GLU A 1 109 ? 1.417   -16.933 -4.195  1.00 43.20 ? 88  GLU A OE2 1 
ATOM   638  N N   . ARG A 1 110 ? 5.467   -14.033 -6.571  1.00 20.98 ? 89  ARG A N   1 
ATOM   639  C CA  . ARG A 1 110 ? 5.486   -12.931 -7.565  1.00 20.16 ? 89  ARG A CA  1 
ATOM   640  C C   . ARG A 1 110 ? 6.910   -12.375 -7.694  1.00 17.29 ? 89  ARG A C   1 
ATOM   641  O O   . ARG A 1 110 ? 7.100   -11.511 -8.563  1.00 17.11 ? 89  ARG A O   1 
ATOM   642  C CB  . ARG A 1 110 ? 4.499   -11.832 -7.153  1.00 22.86 ? 89  ARG A CB  1 
ATOM   643  C CG  . ARG A 1 110 ? 3.051   -12.302 -7.057  1.00 25.79 ? 89  ARG A CG  1 
ATOM   644  C CD  . ARG A 1 110 ? 2.087   -11.131 -7.000  1.00 29.84 ? 89  ARG A CD  1 
ATOM   645  N NE  . ARG A 1 110 ? 1.994   -10.470 -8.300  1.00 33.27 ? 89  ARG A NE  1 
ATOM   646  C CZ  . ARG A 1 110 ? 1.411   -9.292  -8.535  1.00 35.76 ? 89  ARG A CZ  1 
ATOM   647  N NH1 . ARG A 1 110 ? 0.868   -8.591  -7.549  1.00 34.46 ? 89  ARG A NH1 1 
ATOM   648  N NH2 . ARG A 1 110 ? 1.398   -8.809  -9.768  1.00 38.82 ? 89  ARG A NH2 1 
ATOM   649  N N   . LYS A 1 111 ? 7.857   -12.843 -6.880  1.00 15.60 ? 90  LYS A N   1 
ATOM   650  C CA  . LYS A 1 111 ? 9.250   -12.313 -6.822  1.00 16.74 ? 90  LYS A CA  1 
ATOM   651  C C   . LYS A 1 111 ? 9.156   -10.798 -6.621  1.00 14.21 ? 90  LYS A C   1 
ATOM   652  O O   . LYS A 1 111 ? 9.674   -10.035 -7.476  1.00 12.09 ? 90  LYS A O   1 
ATOM   653  C CB  . LYS A 1 111 ? 10.046  -12.639 -8.095  1.00 19.87 ? 90  LYS A CB  1 
ATOM   654  C CG  . LYS A 1 111 ? 10.067  -14.112 -8.478  1.00 24.95 ? 90  LYS A CG  1 
ATOM   655  C CD  . LYS A 1 111 ? 10.676  -14.991 -7.414  1.00 29.98 ? 90  LYS A CD  1 
ATOM   656  C CE  . LYS A 1 111 ? 10.394  -16.467 -7.615  1.00 33.99 ? 90  LYS A CE  1 
ATOM   657  N NZ  . LYS A 1 111 ? 10.585  -17.217 -6.352  1.00 38.12 ? 90  LYS A NZ  1 
ATOM   658  N N   . HIS A 1 112 ? 8.447   -10.399 -5.558  1.00 11.86 ? 91  HIS A N   1 
ATOM   659  C CA  . HIS A 1 112 ? 8.381   -9.003  -5.052  1.00 11.15 ? 91  HIS A CA  1 
ATOM   660  C C   . HIS A 1 112 ? 9.111   -8.882  -3.723  1.00 9.51  ? 91  HIS A C   1 
ATOM   661  O O   . HIS A 1 112 ? 9.032   -9.807  -2.905  1.00 9.51  ? 91  HIS A O   1 
ATOM   662  C CB  . HIS A 1 112 ? 6.929   -8.554  -4.866  1.00 11.80 ? 91  HIS A CB  1 
ATOM   663  C CG  . HIS A 1 112 ? 6.159   -8.418  -6.129  1.00 13.12 ? 91  HIS A CG  1 
ATOM   664  N ND1 . HIS A 1 112 ? 4.801   -8.157  -6.129  1.00 14.89 ? 91  HIS A ND1 1 
ATOM   665  C CD2 . HIS A 1 112 ? 6.537   -8.494  -7.426  1.00 15.56 ? 91  HIS A CD2 1 
ATOM   666  C CE1 . HIS A 1 112 ? 4.386   -8.033  -7.372  1.00 16.90 ? 91  HIS A CE1 1 
ATOM   667  N NE2 . HIS A 1 112 ? 5.427   -8.251  -8.196  1.00 16.12 ? 91  HIS A NE2 1 
ATOM   668  N N   . ARG A 1 113 ? 9.748   -7.741  -3.489  1.00 8.89  ? 92  ARG A N   1 
ATOM   669  C CA  . ARG A 1 113 ? 10.312  -7.354  -2.178  1.00 8.96  ? 92  ARG A CA  1 
ATOM   670  C C   . ARG A 1 113 ? 9.824   -5.945  -1.875  1.00 8.25  ? 92  ARG A C   1 
ATOM   671  O O   . ARG A 1 113 ? 10.147  -5.004  -2.641  1.00 8.56  ? 92  ARG A O   1 
ATOM   672  C CB  . ARG A 1 113 ? 11.837  -7.486  -2.138  1.00 10.04 ? 92  ARG A CB  1 
ATOM   673  C CG  . ARG A 1 113 ? 12.401  -7.216  -0.747  1.00 11.06 ? 92  ARG A CG  1 
ATOM   674  C CD  . ARG A 1 113 ? 13.887  -7.493  -0.649  1.00 12.18 ? 92  ARG A CD  1 
ATOM   675  N NE  . ARG A 1 113 ? 14.159  -8.916  -0.751  1.00 12.73 ? 92  ARG A NE  1 
ATOM   676  C CZ  . ARG A 1 113 ? 14.715  -9.542  -1.784  1.00 14.12 ? 92  ARG A CZ  1 
ATOM   677  N NH1 . ARG A 1 113 ? 15.123  -8.863  -2.845  1.00 14.22 ? 92  ARG A NH1 1 
ATOM   678  N NH2 . ARG A 1 113 ? 14.871  -10.857 -1.754  1.00 14.66 ? 92  ARG A NH2 1 
ATOM   679  N N   . THR A 1 114 ? 8.996   -5.820  -0.840  1.00 7.77  ? 93  THR A N   1 
ATOM   680  C CA  . THR A 1 114 ? 8.197   -4.601  -0.581  1.00 7.40  ? 93  THR A CA  1 
ATOM   681  C C   . THR A 1 114 ? 8.627   -3.988  0.754   1.00 7.15  ? 93  THR A C   1 
ATOM   682  O O   . THR A 1 114 ? 8.504   -4.660  1.806   1.00 6.90  ? 93  THR A O   1 
ATOM   683  C CB  . THR A 1 114 ? 6.699   -4.894  -0.604  1.00 7.55  ? 93  THR A CB  1 
ATOM   684  O OG1 . THR A 1 114 ? 6.402   -5.559  -1.838  1.00 7.10  ? 93  THR A OG1 1 
ATOM   685  C CG2 . THR A 1 114 ? 5.857   -3.645  -0.444  1.00 7.83  ? 93  THR A CG2 1 
ATOM   686  N N   . TYR A 1 115 ? 8.997   -2.718  0.728   1.00 7.26  ? 94  TYR A N   1 
ATOM   687  C CA  . TYR A 1 115 ? 9.174   -1.892  1.936   1.00 8.06  ? 94  TYR A CA  1 
ATOM   688  C C   . TYR A 1 115 ? 7.784   -1.426  2.374   1.00 7.71  ? 94  TYR A C   1 
ATOM   689  O O   . TYR A 1 115 ? 7.084   -0.781  1.559   1.00 7.61  ? 94  TYR A O   1 
ATOM   690  C CB  . TYR A 1 115 ? 10.090  -0.697  1.649   1.00 9.05  ? 94  TYR A CB  1 
ATOM   691  C CG  . TYR A 1 115 ? 11.561  -1.022  1.573   1.00 11.23 ? 94  TYR A CG  1 
ATOM   692  C CD1 . TYR A 1 115 ? 12.069  -1.727  0.502   1.00 13.22 ? 94  TYR A CD1 1 
ATOM   693  C CD2 . TYR A 1 115 ? 12.450  -0.564  2.531   1.00 13.02 ? 94  TYR A CD2 1 
ATOM   694  C CE1 . TYR A 1 115 ? 13.420  -2.036  0.415   1.00 16.01 ? 94  TYR A CE1 1 
ATOM   695  C CE2 . TYR A 1 115 ? 13.803  -0.858  2.459   1.00 15.50 ? 94  TYR A CE2 1 
ATOM   696  C CZ  . TYR A 1 115 ? 14.292  -1.572  1.381   1.00 16.90 ? 94  TYR A CZ  1 
ATOM   697  O OH  . TYR A 1 115 ? 15.625  -1.861  1.260   1.00 20.47 ? 94  TYR A OH  1 
ATOM   698  N N   . VAL A 1 116 ? 7.422   -1.663  3.628   1.00 7.72  ? 95  VAL A N   1 
ATOM   699  C CA  . VAL A 1 116 ? 6.076   -1.304  4.155   1.00 8.28  ? 95  VAL A CA  1 
ATOM   700  C C   . VAL A 1 116 ? 6.242   -0.255  5.245   1.00 8.60  ? 95  VAL A C   1 
ATOM   701  O O   . VAL A 1 116 ? 6.898   -0.548  6.232   1.00 8.64  ? 95  VAL A O   1 
ATOM   702  C CB  . VAL A 1 116 ? 5.326   -2.528  4.691   1.00 8.06  ? 95  VAL A CB  1 
ATOM   703  C CG1 . VAL A 1 116 ? 3.988   -2.150  5.323   1.00 8.36  ? 95  VAL A CG1 1 
ATOM   704  C CG2 . VAL A 1 116 ? 5.121   -3.562  3.595   1.00 8.18  ? 95  VAL A CG2 1 
ATOM   705  N N   . TYR A 1 117 ? 5.564   0.881   5.082   1.00 9.02  ? 96  TYR A N   1 
ATOM   706  C CA  . TYR A 1 117 ? 5.588   2.009   6.034   1.00 9.96  ? 96  TYR A CA  1 
ATOM   707  C C   . TYR A 1 117 ? 4.211   2.232   6.654   1.00 10.90 ? 96  TYR A C   1 
ATOM   708  O O   . TYR A 1 117 ? 3.172   1.896   6.073   1.00 11.73 ? 96  TYR A O   1 
ATOM   709  C CB  . TYR A 1 117 ? 5.985   3.293   5.318   1.00 9.78  ? 96  TYR A CB  1 
ATOM   710  C CG  . TYR A 1 117 ? 7.414   3.295   4.876   1.00 9.87  ? 96  TYR A CG  1 
ATOM   711  C CD1 . TYR A 1 117 ? 7.757   2.768   3.645   1.00 10.17 ? 96  TYR A CD1 1 
ATOM   712  C CD2 . TYR A 1 117 ? 8.416   3.807   5.682   1.00 10.39 ? 96  TYR A CD2 1 
ATOM   713  C CE1 . TYR A 1 117 ? 9.068   2.734   3.220   1.00 11.00 ? 96  TYR A CE1 1 
ATOM   714  C CE2 . TYR A 1 117 ? 9.737   3.794   5.264   1.00 11.06 ? 96  TYR A CE2 1 
ATOM   715  C CZ  . TYR A 1 117 ? 10.057  3.273   4.026   1.00 11.10 ? 96  TYR A CZ  1 
ATOM   716  O OH  . TYR A 1 117 ? 11.362  3.226   3.631   1.00 13.67 ? 96  TYR A OH  1 
ATOM   717  N N   . VAL A 1 118 ? 4.228   2.834   7.827   1.00 11.09 ? 97  VAL A N   1 
ATOM   718  C CA  . VAL A 1 118 ? 3.013   3.418   8.440   1.00 11.51 ? 97  VAL A CA  1 
ATOM   719  C C   . VAL A 1 118 ? 2.835   4.824   7.859   1.00 10.90 ? 97  VAL A C   1 
ATOM   720  O O   . VAL A 1 118 ? 3.825   5.600   7.785   1.00 10.43 ? 97  VAL A O   1 
ATOM   721  C CB  . VAL A 1 118 ? 3.123   3.422   9.971   1.00 13.46 ? 97  VAL A CB  1 
ATOM   722  C CG1 . VAL A 1 118 ? 2.015   4.255   10.611  1.00 14.42 ? 97  VAL A CG1 1 
ATOM   723  C CG2 . VAL A 1 118 ? 3.136   2.002   10.501  1.00 14.45 ? 97  VAL A CG2 1 
ATOM   724  N N   . LEU A 1 119 ? 1.599   5.163   7.485   1.00 10.00 ? 98  LEU A N   1 
ATOM   725  C CA  A LEU A 1 119 ? 1.211   6.547   7.096   0.50 9.96  ? 98  LEU A CA  1 
ATOM   726  C CA  B LEU A 1 119 ? 1.214   6.543   7.098   0.50 10.13 ? 98  LEU A CA  1 
ATOM   727  C C   . LEU A 1 119 ? -0.036  6.908   7.903   1.00 9.31  ? 98  LEU A C   1 
ATOM   728  O O   . LEU A 1 119 ? -0.958  6.109   7.908   1.00 9.63  ? 98  LEU A O   1 
ATOM   729  C CB  A LEU A 1 119 ? 0.943   6.631   5.588   0.50 10.20 ? 98  LEU A CB  1 
ATOM   730  C CB  B LEU A 1 119 ? 0.972   6.584   5.586   0.50 10.62 ? 98  LEU A CB  1 
ATOM   731  C CG  A LEU A 1 119 ? 0.542   8.010   5.043   0.50 10.48 ? 98  LEU A CG  1 
ATOM   732  C CG  B LEU A 1 119 ? 0.611   7.944   4.982   0.50 11.17 ? 98  LEU A CG  1 
ATOM   733  C CD1 A LEU A 1 119 ? 1.753   8.783   4.545   0.50 10.15 ? 98  LEU A CD1 1 
ATOM   734  C CD1 B LEU A 1 119 ? -0.843  8.275   5.217   0.50 11.06 ? 98  LEU A CD1 1 
ATOM   735  C CD2 A LEU A 1 119 ? -0.463  7.884   3.908   0.50 10.48 ? 98  LEU A CD2 1 
ATOM   736  C CD2 B LEU A 1 119 ? 1.492   9.055   5.515   0.50 11.21 ? 98  LEU A CD2 1 
ATOM   737  N N   . ILE A 1 120 ? -0.027  8.056   8.569   1.00 9.61  ? 99  ILE A N   1 
ATOM   738  C CA  . ILE A 1 120 ? -1.248  8.568   9.253   1.00 9.95  ? 99  ILE A CA  1 
ATOM   739  C C   . ILE A 1 120 ? -1.916  9.563   8.298   1.00 9.56  ? 99  ILE A C   1 
ATOM   740  O O   . ILE A 1 120 ? -1.323  10.613  8.012   1.00 9.25  ? 99  ILE A O   1 
ATOM   741  C CB  . ILE A 1 120 ? -0.924  9.188   10.621  1.00 11.06 ? 99  ILE A CB  1 
ATOM   742  C CG1 . ILE A 1 120 ? -0.088  8.267   11.515  1.00 11.94 ? 99  ILE A CG1 1 
ATOM   743  C CG2 . ILE A 1 120 ? -2.229  9.607   11.278  1.00 12.22 ? 99  ILE A CG2 1 
ATOM   744  C CD1 . ILE A 1 120 ? -0.688  6.890   11.710  1.00 12.30 ? 99  ILE A CD1 1 
ATOM   745  N N   . VAL A 1 121 ? -3.065  9.195   7.732   1.00 8.98  ? 100 VAL A N   1 
ATOM   746  C CA  . VAL A 1 121 ? -3.781  10.025  6.721   1.00 9.86  ? 100 VAL A CA  1 
ATOM   747  C C   . VAL A 1 121 ? -4.255  11.336  7.347   1.00 10.38 ? 100 VAL A C   1 
ATOM   748  O O   . VAL A 1 121 ? -4.939  11.292  8.412   1.00 11.58 ? 100 VAL A O   1 
ATOM   749  C CB  . VAL A 1 121 ? -4.950  9.231   6.124   1.00 9.75  ? 100 VAL A CB  1 
ATOM   750  C CG1 . VAL A 1 121 ? -5.776  10.090  5.181   1.00 9.83  ? 100 VAL A CG1 1 
ATOM   751  C CG2 . VAL A 1 121 ? -4.430  7.986   5.424   1.00 9.93  ? 100 VAL A CG2 1 
ATOM   752  N N   . THR A 1 122 ? -3.920  12.456  6.712   1.00 10.88 ? 101 THR A N   1 
ATOM   753  C CA  . THR A 1 122 ? -4.394  13.804  7.136   1.00 12.61 ? 101 THR A CA  1 
ATOM   754  C C   . THR A 1 122 ? -5.127  14.510  5.995   1.00 12.84 ? 101 THR A C   1 
ATOM   755  O O   . THR A 1 122 ? -5.794  15.511  6.312   1.00 14.16 ? 101 THR A O   1 
ATOM   756  C CB  . THR A 1 122 ? -3.255  14.672  7.690   1.00 12.71 ? 101 THR A CB  1 
ATOM   757  O OG1 . THR A 1 122 ? -2.356  14.928  6.612   1.00 13.65 ? 101 THR A OG1 1 
ATOM   758  C CG2 . THR A 1 122 ? -2.564  14.038  8.884   1.00 14.12 ? 101 THR A CG2 1 
ATOM   759  N N   . GLU A 1 123 ? -5.004  14.053  4.744   1.00 12.37 ? 102 GLU A N   1 
ATOM   760  C CA  . GLU A 1 123 ? -5.718  14.642  3.582   1.00 12.63 ? 102 GLU A CA  1 
ATOM   761  C C   . GLU A 1 123 ? -6.368  13.512  2.780   1.00 11.06 ? 102 GLU A C   1 
ATOM   762  O O   . GLU A 1 123 ? -5.658  12.559  2.410   1.00 10.25 ? 102 GLU A O   1 
ATOM   763  C CB  . GLU A 1 123 ? -4.785  15.449  2.677   1.00 14.77 ? 102 GLU A CB  1 
ATOM   764  C CG  . GLU A 1 123 ? -3.932  16.469  3.438   1.00 17.75 ? 102 GLU A CG  1 
ATOM   765  C CD  . GLU A 1 123 ? -3.200  17.468  2.550   1.00 20.33 ? 102 GLU A CD  1 
ATOM   766  O OE1 . GLU A 1 123 ? -3.084  17.177  1.312   1.00 17.96 ? 102 GLU A OE1 1 
ATOM   767  O OE2 . GLU A 1 123 ? -2.744  18.543  3.098   1.00 23.76 ? 102 GLU A OE2 1 
ATOM   768  N N   . VAL A 1 124 ? -7.642  13.667  2.448   1.00 9.58  ? 103 VAL A N   1 
ATOM   769  C CA  . VAL A 1 124 ? -8.378  12.737  1.546   1.00 10.29 ? 103 VAL A CA  1 
ATOM   770  C C   . VAL A 1 124 ? -8.808  13.544  0.328   1.00 11.04 ? 103 VAL A C   1 
ATOM   771  O O   . VAL A 1 124 ? -9.607  14.473  0.491   1.00 11.03 ? 103 VAL A O   1 
ATOM   772  C CB  . VAL A 1 124 ? -9.557  12.057  2.247   1.00 10.76 ? 103 VAL A CB  1 
ATOM   773  C CG1 . VAL A 1 124 ? -10.329 11.175  1.278   1.00 10.52 ? 103 VAL A CG1 1 
ATOM   774  C CG2 . VAL A 1 124 ? -9.073  11.245  3.448   1.00 10.80 ? 103 VAL A CG2 1 
ATOM   775  N N   . LEU A 1 125 ? -8.229  13.249  -0.824  1.00 11.83 ? 104 LEU A N   1 
ATOM   776  C CA  . LEU A 1 125 ? -8.512  13.956  -2.090  1.00 14.82 ? 104 LEU A CA  1 
ATOM   777  C C   . LEU A 1 125 ? -9.656  13.256  -2.824  1.00 15.99 ? 104 LEU A C   1 
ATOM   778  O O   . LEU A 1 125 ? -9.747  12.035  -2.735  1.00 15.05 ? 104 LEU A O   1 
ATOM   779  C CB  . LEU A 1 125 ? -7.256  13.945  -2.953  1.00 16.68 ? 104 LEU A CB  1 
ATOM   780  C CG  . LEU A 1 125 ? -6.053  14.648  -2.337  1.00 21.13 ? 104 LEU A CG  1 
ATOM   781  C CD1 . LEU A 1 125 ? -4.859  14.543  -3.270  1.00 23.74 ? 104 LEU A CD1 1 
ATOM   782  C CD2 . LEU A 1 125 ? -6.376  16.099  -2.034  1.00 23.81 ? 104 LEU A CD2 1 
ATOM   783  N N   . GLU A 1 126 ? -10.486 13.999  -3.558  1.00 17.55 ? 105 GLU A N   1 
ATOM   784  C CA  . GLU A 1 126 ? -11.732 13.425  -4.126  1.00 21.89 ? 105 GLU A CA  1 
ATOM   785  C C   . GLU A 1 126 ? -11.565 12.813  -5.521  1.00 23.99 ? 105 GLU A C   1 
ATOM   786  O O   . GLU A 1 126 ? -12.389 11.910  -5.823  1.00 29.36 ? 105 GLU A O   1 
ATOM   787  C CB  . GLU A 1 126 ? -12.837 14.471  -4.093  1.00 23.40 ? 105 GLU A CB  1 
ATOM   788  C CG  . GLU A 1 126 ? -13.339 14.671  -2.682  1.00 28.06 ? 105 GLU A CG  1 
ATOM   789  C CD  . GLU A 1 126 ? -13.430 13.389  -1.865  1.00 32.93 ? 105 GLU A CD  1 
ATOM   790  O OE1 . GLU A 1 126 ? -12.880 13.345  -0.728  1.00 33.36 ? 105 GLU A OE1 1 
ATOM   791  O OE2 . GLU A 1 126 ? -14.062 12.436  -2.363  1.00 38.65 ? 105 GLU A OE2 1 
ATOM   792  N N   . ASP A 1 127 ? -10.602 13.240  -6.336  1.00 25.04 ? 106 ASP A N   1 
ATOM   793  C CA  . ASP A 1 127 ? -10.525 12.806  -7.766  1.00 29.06 ? 106 ASP A CA  1 
ATOM   794  C C   . ASP A 1 127 ? -9.082  12.468  -8.148  1.00 29.87 ? 106 ASP A C   1 
ATOM   795  O O   . ASP A 1 127 ? -8.513  13.157  -9.029  1.00 37.34 ? 106 ASP A O   1 
ATOM   796  C CB  . ASP A 1 127 ? -11.063 13.882  -8.715  1.00 31.38 ? 106 ASP A CB  1 
ATOM   797  C CG  . ASP A 1 127 ? -12.564 14.053  -8.633  1.00 34.55 ? 106 ASP A CG  1 
ATOM   798  O OD1 . ASP A 1 127 ? -13.282 13.057  -8.889  1.00 36.53 ? 106 ASP A OD1 1 
ATOM   799  O OD2 . ASP A 1 127 ? -13.007 15.173  -8.306  1.00 38.19 ? 106 ASP A OD2 1 
ATOM   800  N N   . TRP A 1 128 ? -8.549  11.384  -7.593  1.00 23.03 ? 107 TRP A N   1 
ATOM   801  C CA  . TRP A 1 128 ? -7.105  11.051  -7.622  1.00 19.84 ? 107 TRP A CA  1 
ATOM   802  C C   . TRP A 1 128 ? -6.767  10.238  -8.880  1.00 18.28 ? 107 TRP A C   1 
ATOM   803  O O   . TRP A 1 128 ? -7.694  9.789   -9.584  1.00 18.80 ? 107 TRP A O   1 
ATOM   804  C CB  . TRP A 1 128 ? -6.703  10.330  -6.328  1.00 18.40 ? 107 TRP A CB  1 
ATOM   805  C CG  . TRP A 1 128 ? -7.290  8.958   -6.145  1.00 17.94 ? 107 TRP A CG  1 
ATOM   806  C CD1 . TRP A 1 128 ? -6.651  7.774   -6.375  1.00 17.45 ? 107 TRP A CD1 1 
ATOM   807  C CD2 . TRP A 1 128 ? -8.578  8.613   -5.599  1.00 17.83 ? 107 TRP A CD2 1 
ATOM   808  N NE1 . TRP A 1 128 ? -7.460  6.724   -6.052  1.00 16.96 ? 107 TRP A NE1 1 
ATOM   809  C CE2 . TRP A 1 128 ? -8.653  7.199   -5.580  1.00 17.60 ? 107 TRP A CE2 1 
ATOM   810  C CE3 . TRP A 1 128 ? -9.696  9.342   -5.171  1.00 17.88 ? 107 TRP A CE3 1 
ATOM   811  C CZ2 . TRP A 1 128 ? -9.788  6.510   -5.150  1.00 17.61 ? 107 TRP A CZ2 1 
ATOM   812  C CZ3 . TRP A 1 128 ? -10.810 8.665   -4.726  1.00 19.80 ? 107 TRP A CZ3 1 
ATOM   813  C CH2 . TRP A 1 128 ? -10.863 7.266   -4.719  1.00 18.88 ? 107 TRP A CH2 1 
ATOM   814  N N   . GLU A 1 129 ? -5.484  10.031  -9.125  1.00 18.93 ? 108 GLU A N   1 
ATOM   815  C CA  . GLU A 1 129 ? -4.977  9.505   -10.416 1.00 20.54 ? 108 GLU A CA  1 
ATOM   816  C C   . GLU A 1 129 ? -5.696  8.197   -10.776 1.00 19.98 ? 108 GLU A C   1 
ATOM   817  O O   . GLU A 1 129 ? -6.261  8.114   -11.882 1.00 18.33 ? 108 GLU A O   1 
ATOM   818  C CB  . GLU A 1 129 ? -3.464  9.364   -10.351 1.00 23.84 ? 108 GLU A CB  1 
ATOM   819  C CG  . GLU A 1 129 ? -2.865  8.947   -11.672 1.00 29.37 ? 108 GLU A CG  1 
ATOM   820  C CD  . GLU A 1 129 ? -1.350  8.942   -11.688 1.00 34.39 ? 108 GLU A CD  1 
ATOM   821  O OE1 . GLU A 1 129 ? -0.739  9.660   -10.860 1.00 38.96 ? 108 GLU A OE1 1 
ATOM   822  O OE2 . GLU A 1 129 ? -0.784  8.206   -12.519 1.00 42.13 ? 108 GLU A OE2 1 
ATOM   823  N N   . ASP A 1 130 ? -5.743  7.210   -9.868  1.00 18.44 ? 109 ASP A N   1 
ATOM   824  C CA  . ASP A 1 130 ? -6.273  5.864   -10.226 1.00 18.91 ? 109 ASP A CA  1 
ATOM   825  C C   . ASP A 1 130 ? -7.807  5.860   -10.256 1.00 19.08 ? 109 ASP A C   1 
ATOM   826  O O   . ASP A 1 130 ? -8.392  4.978   -10.955 1.00 19.51 ? 109 ASP A O   1 
ATOM   827  C CB  . ASP A 1 130 ? -5.686  4.782   -9.316  1.00 17.98 ? 109 ASP A CB  1 
ATOM   828  C CG  . ASP A 1 130 ? -4.288  4.356   -9.731  1.00 18.34 ? 109 ASP A CG  1 
ATOM   829  O OD1 . ASP A 1 130 ? -3.741  4.946   -10.695 1.00 20.37 ? 109 ASP A OD1 1 
ATOM   830  O OD2 . ASP A 1 130 ? -3.745  3.454   -9.086  1.00 17.67 ? 109 ASP A OD2 1 
ATOM   831  N N   . SER A 1 131 ? -8.470  6.765   -9.530  1.00 19.37 ? 110 SER A N   1 
ATOM   832  C CA  A SER A 1 131 ? -9.942  6.929   -9.614  0.50 20.98 ? 110 SER A CA  1 
ATOM   833  C CA  B SER A 1 131 ? -9.946  6.932   -9.611  0.50 21.32 ? 110 SER A CA  1 
ATOM   834  C C   . SER A 1 131 ? -10.303 7.414   -11.020 1.00 21.75 ? 110 SER A C   1 
ATOM   835  O O   . SER A 1 131 ? -11.157 6.770   -11.670 1.00 22.18 ? 110 SER A O   1 
ATOM   836  C CB  A SER A 1 131 ? -10.457 7.867   -8.574  0.50 20.22 ? 110 SER A CB  1 
ATOM   837  C CB  B SER A 1 131 ? -10.490 7.863   -8.554  0.50 20.95 ? 110 SER A CB  1 
ATOM   838  O OG  A SER A 1 131 ? -11.848 8.055   -8.745  0.50 20.07 ? 110 SER A OG  1 
ATOM   839  O OG  B SER A 1 131 ? -10.330 9.229   -8.919  0.50 21.51 ? 110 SER A OG  1 
ATOM   840  N N   . VAL A 1 132 ? -9.642  8.476   -11.461 1.00 23.44 ? 111 VAL A N   1 
ATOM   841  C CA  . VAL A 1 132 ? -9.880  9.093   -12.799 1.00 27.43 ? 111 VAL A CA  1 
ATOM   842  C C   . VAL A 1 132 ? -9.543  8.057   -13.879 1.00 27.38 ? 111 VAL A C   1 
ATOM   843  O O   . VAL A 1 132 ? -10.413 7.810   -14.731 1.00 28.85 ? 111 VAL A O   1 
ATOM   844  C CB  . VAL A 1 132 ? -9.090  10.408  -12.959 1.00 29.41 ? 111 VAL A CB  1 
ATOM   845  C CG1 . VAL A 1 132 ? -9.151  10.942  -14.384 1.00 31.37 ? 111 VAL A CG1 1 
ATOM   846  C CG2 . VAL A 1 132 ? -9.582  11.461  -11.980 1.00 30.63 ? 111 VAL A CG2 1 
ATOM   847  N N   . ASN A 1 133 ? -8.373  7.417   -13.789 1.00 28.81 ? 112 ASN A N   1 
ATOM   848  C CA  . ASN A 1 133 ? -7.760  6.637   -14.899 1.00 30.83 ? 112 ASN A CA  1 
ATOM   849  C C   . ASN A 1 133 ? -8.351  5.222   -15.003 1.00 30.90 ? 112 ASN A C   1 
ATOM   850  O O   . ASN A 1 133 ? -8.529  4.778   -16.150 1.00 30.79 ? 112 ASN A O   1 
ATOM   851  C CB  . ASN A 1 133 ? -6.232  6.629   -14.795 1.00 32.83 ? 112 ASN A CB  1 
ATOM   852  C CG  . ASN A 1 133 ? -5.622  7.989   -15.069 1.00 35.43 ? 112 ASN A CG  1 
ATOM   853  O OD1 . ASN A 1 133 ? -6.267  8.860   -15.651 1.00 39.02 ? 112 ASN A OD1 1 
ATOM   854  N ND2 . ASN A 1 133 ? -4.383  8.189   -14.652 1.00 39.19 ? 112 ASN A ND2 1 
ATOM   855  N N   . ILE A 1 134 ? -8.638  4.528   -13.887 1.00 29.02 ? 113 ILE A N   1 
ATOM   856  C CA  . ILE A 1 134 ? -9.079  3.096   -13.908 1.00 28.93 ? 113 ILE A CA  1 
ATOM   857  C C   . ILE A 1 134 ? -10.224 2.818   -12.917 1.00 25.91 ? 113 ILE A C   1 
ATOM   858  O O   . ILE A 1 134 ? -10.607 1.651   -12.810 1.00 27.73 ? 113 ILE A O   1 
ATOM   859  C CB  . ILE A 1 134 ? -7.874  2.154   -13.673 1.00 30.93 ? 113 ILE A CB  1 
ATOM   860  C CG1 . ILE A 1 134 ? -7.213  2.375   -12.310 1.00 32.40 ? 113 ILE A CG1 1 
ATOM   861  C CG2 . ILE A 1 134 ? -6.870  2.291   -14.807 1.00 31.92 ? 113 ILE A CG2 1 
ATOM   862  C CD1 . ILE A 1 134 ? -6.134  1.370   -11.979 1.00 33.79 ? 113 ILE A CD1 1 
ATOM   863  N N   . GLY A 1 135 ? -10.795 3.835   -12.273 1.00 23.18 ? 114 GLY A N   1 
ATOM   864  C CA  . GLY A 1 135 ? -11.939 3.695   -11.348 1.00 22.27 ? 114 GLY A CA  1 
ATOM   865  C C   . GLY A 1 135 ? -11.575 2.871   -10.128 1.00 21.65 ? 114 GLY A C   1 
ATOM   866  O O   . GLY A 1 135 ? -12.444 2.151   -9.619  1.00 20.81 ? 114 GLY A O   1 
ATOM   867  N N   . ARG A 1 136 ? -10.334 2.979   -9.640  1.00 20.44 ? 115 ARG A N   1 
ATOM   868  C CA  . ARG A 1 136 ? -9.921  2.260   -8.409  1.00 18.04 ? 115 ARG A CA  1 
ATOM   869  C C   . ARG A 1 136 ? -10.764 2.800   -7.255  1.00 18.08 ? 115 ARG A C   1 
ATOM   870  O O   . ARG A 1 136 ? -10.968 4.053   -7.171  1.00 19.54 ? 115 ARG A O   1 
ATOM   871  C CB  . ARG A 1 136 ? -8.412  2.386   -8.164  1.00 17.59 ? 115 ARG A CB  1 
ATOM   872  C CG  . ARG A 1 136 ? -7.860  1.276   -7.286  1.00 17.00 ? 115 ARG A CG  1 
ATOM   873  C CD  . ARG A 1 136 ? -6.432  1.471   -6.835  1.00 16.81 ? 115 ARG A CD  1 
ATOM   874  N NE  . ARG A 1 136 ? -5.435  1.378   -7.885  1.00 17.03 ? 115 ARG A NE  1 
ATOM   875  C CZ  . ARG A 1 136 ? -4.833  0.266   -8.296  1.00 18.24 ? 115 ARG A CZ  1 
ATOM   876  N NH1 . ARG A 1 136 ? -5.154  -0.913  -7.794  1.00 18.59 ? 115 ARG A NH1 1 
ATOM   877  N NH2 . ARG A 1 136 ? -3.915  0.333   -9.240  1.00 19.43 ? 115 ARG A NH2 1 
ATOM   878  N N   . LYS A 1 137 ? -11.221 1.902   -6.392  1.00 17.07 ? 116 LYS A N   1 
ATOM   879  C CA  . LYS A 1 137 ? -12.011 2.202   -5.170  1.00 17.34 ? 116 LYS A CA  1 
ATOM   880  C C   . LYS A 1 137 ? -11.091 2.198   -3.949  1.00 14.56 ? 116 LYS A C   1 
ATOM   881  O O   . LYS A 1 137 ? -10.018 1.573   -3.982  1.00 12.89 ? 116 LYS A O   1 
ATOM   882  C CB  . LYS A 1 137 ? -13.101 1.151   -4.960  1.00 20.38 ? 116 LYS A CB  1 
ATOM   883  C CG  . LYS A 1 137 ? -14.115 1.054   -6.093  1.00 25.47 ? 116 LYS A CG  1 
ATOM   884  C CD  . LYS A 1 137 ? -15.067 -0.108  -5.944  1.00 28.92 ? 116 LYS A CD  1 
ATOM   885  C CE  . LYS A 1 137 ? -14.411 -1.442  -6.234  1.00 31.10 ? 116 LYS A CE  1 
ATOM   886  N NZ  . LYS A 1 137 ? -15.425 -2.483  -6.530  1.00 33.79 ? 116 LYS A NZ  1 
ATOM   887  N N   . ARG A 1 138 ? -11.565 2.793   -2.869  1.00 13.79 ? 117 ARG A N   1 
ATOM   888  C CA  . ARG A 1 138 ? -10.878 2.787   -1.566  1.00 12.83 ? 117 ARG A CA  1 
ATOM   889  C C   . ARG A 1 138 ? -11.935 2.675   -0.479  1.00 12.52 ? 117 ARG A C   1 
ATOM   890  O O   . ARG A 1 138 ? -13.083 3.125   -0.671  1.00 12.94 ? 117 ARG A O   1 
ATOM   891  C CB  . ARG A 1 138 ? -10.051 4.061   -1.406  1.00 12.02 ? 117 ARG A CB  1 
ATOM   892  C CG  . ARG A 1 138 ? -10.888 5.325   -1.403  1.00 11.64 ? 117 ARG A CG  1 
ATOM   893  C CD  . ARG A 1 138 ? -10.032 6.565   -1.387  1.00 11.78 ? 117 ARG A CD  1 
ATOM   894  N NE  . ARG A 1 138 ? -10.939 7.702   -1.457  1.00 12.16 ? 117 ARG A NE  1 
ATOM   895  C CZ  . ARG A 1 138 ? -10.548 8.955   -1.654  1.00 12.20 ? 117 ARG A CZ  1 
ATOM   896  N NH1 . ARG A 1 138 ? -9.270  9.265   -1.782  1.00 12.08 ? 117 ARG A NH1 1 
ATOM   897  N NH2 . ARG A 1 138 ? -11.468 9.901   -1.728  1.00 12.06 ? 117 ARG A NH2 1 
ATOM   898  N N   . GLU A 1 139 ? -11.562 2.073   0.625   1.00 13.11 ? 118 GLU A N   1 
ATOM   899  C CA  . GLU A 1 139 ? -12.472 1.826   1.756   1.00 14.19 ? 118 GLU A CA  1 
ATOM   900  C C   . GLU A 1 139 ? -11.674 1.713   3.048   1.00 13.26 ? 118 GLU A C   1 
ATOM   901  O O   . GLU A 1 139 ? -10.604 1.076   3.045   1.00 11.39 ? 118 GLU A O   1 
ATOM   902  C CB  . GLU A 1 139 ? -13.261 0.552   1.459   1.00 17.25 ? 118 GLU A CB  1 
ATOM   903  C CG  . GLU A 1 139 ? -14.346 0.284   2.465   1.00 21.20 ? 118 GLU A CG  1 
ATOM   904  C CD  . GLU A 1 139 ? -15.432 -0.587  1.872   1.00 28.10 ? 118 GLU A CD  1 
ATOM   905  O OE1 . GLU A 1 139 ? -16.063 -0.139  0.869   1.00 33.01 ? 118 GLU A OE1 1 
ATOM   906  O OE2 . GLU A 1 139 ? -15.637 -1.703  2.406   1.00 31.78 ? 118 GLU A OE2 1 
ATOM   907  N N   . TRP A 1 140 ? -12.216 2.276   4.121   1.00 13.87 ? 119 TRP A N   1 
ATOM   908  C CA  . TRP A 1 140 ? -11.708 2.107   5.500   1.00 14.32 ? 119 TRP A CA  1 
ATOM   909  C C   . TRP A 1 140 ? -12.144 0.746   6.052   1.00 14.26 ? 119 TRP A C   1 
ATOM   910  O O   . TRP A 1 140 ? -13.343 0.386   5.876   1.00 15.35 ? 119 TRP A O   1 
ATOM   911  C CB  . TRP A 1 140 ? -12.209 3.237   6.397   1.00 14.86 ? 119 TRP A CB  1 
ATOM   912  C CG  . TRP A 1 140 ? -11.680 4.594   6.065   1.00 15.33 ? 119 TRP A CG  1 
ATOM   913  C CD1 . TRP A 1 140 ? -12.406 5.649   5.599   1.00 16.37 ? 119 TRP A CD1 1 
ATOM   914  C CD2 . TRP A 1 140 ? -10.325 5.071   6.203   1.00 14.71 ? 119 TRP A CD2 1 
ATOM   915  N NE1 . TRP A 1 140 ? -11.606 6.748   5.445   1.00 16.87 ? 119 TRP A NE1 1 
ATOM   916  C CE2 . TRP A 1 140 ? -10.316 6.414   5.769   1.00 15.13 ? 119 TRP A CE2 1 
ATOM   917  C CE3 . TRP A 1 140 ? -9.112  4.489   6.587   1.00 14.27 ? 119 TRP A CE3 1 
ATOM   918  C CZ2 . TRP A 1 140 ? -9.159  7.194   5.783   1.00 15.24 ? 119 TRP A CZ2 1 
ATOM   919  C CZ3 . TRP A 1 140 ? -7.972  5.261   6.597   1.00 13.81 ? 119 TRP A CZ3 1 
ATOM   920  C CH2 . TRP A 1 140 ? -7.996  6.595   6.195   1.00 14.56 ? 119 TRP A CH2 1 
ATOM   921  N N   . PHE A 1 141 ? -11.212 0.047   6.698   1.00 13.17 ? 120 PHE A N   1 
ATOM   922  C CA  . PHE A 1 141 ? -11.409 -1.267  7.361   1.00 13.04 ? 120 PHE A CA  1 
ATOM   923  C C   . PHE A 1 141 ? -10.882 -1.193  8.783   1.00 13.87 ? 120 PHE A C   1 
ATOM   924  O O   . PHE A 1 141 ? -9.740  -0.779  8.954   1.00 13.48 ? 120 PHE A O   1 
ATOM   925  C CB  . PHE A 1 141 ? -10.659 -2.373  6.615   1.00 12.69 ? 120 PHE A CB  1 
ATOM   926  C CG  . PHE A 1 141 ? -11.286 -2.776  5.306   1.00 12.32 ? 120 PHE A CG  1 
ATOM   927  C CD1 . PHE A 1 141 ? -11.044 -2.050  4.154   1.00 12.13 ? 120 PHE A CD1 1 
ATOM   928  C CD2 . PHE A 1 141 ? -12.069 -3.912  5.211   1.00 13.35 ? 120 PHE A CD2 1 
ATOM   929  C CE1 . PHE A 1 141 ? -11.611 -2.420  2.948   1.00 11.91 ? 120 PHE A CE1 1 
ATOM   930  C CE2 . PHE A 1 141 ? -12.654 -4.265  4.006   1.00 13.07 ? 120 PHE A CE2 1 
ATOM   931  C CZ  . PHE A 1 141 ? -12.412 -3.529  2.873   1.00 12.77 ? 120 PHE A CZ  1 
ATOM   932  N N   . LYS A 1 142 ? -11.634 -1.693  9.775   1.00 15.16 ? 121 LYS A N   1 
ATOM   933  C CA  . LYS A 1 142 ? -11.000 -2.036  11.068  1.00 17.28 ? 121 LYS A CA  1 
ATOM   934  C C   . LYS A 1 142 ? -9.854  -3.013  10.766  1.00 15.92 ? 121 LYS A C   1 
ATOM   935  O O   . LYS A 1 142 ? -10.025 -3.855  9.855   1.00 14.51 ? 121 LYS A O   1 
ATOM   936  C CB  . LYS A 1 142 ? -11.993 -2.663  12.047  1.00 20.85 ? 121 LYS A CB  1 
ATOM   937  C CG  . LYS A 1 142 ? -13.093 -1.739  12.538  1.00 26.54 ? 121 LYS A CG  1 
ATOM   938  C CD  . LYS A 1 142 ? -14.020 -2.406  13.542  1.00 30.53 ? 121 LYS A CD  1 
ATOM   939  C CE  . LYS A 1 142 ? -15.095 -3.238  12.880  1.00 34.89 ? 121 LYS A CE  1 
ATOM   940  N NZ  . LYS A 1 142 ? -16.143 -3.641  13.851  1.00 39.63 ? 121 LYS A NZ  1 
ATOM   941  N N   . ILE A 1 143 ? -8.756  -2.929  11.509  1.00 15.52 ? 122 ILE A N   1 
ATOM   942  C CA  . ILE A 1 143 ? -7.540  -3.777  11.303  1.00 16.71 ? 122 ILE A CA  1 
ATOM   943  C C   . ILE A 1 143 ? -7.943  -5.249  11.165  1.00 16.54 ? 122 ILE A C   1 
ATOM   944  O O   . ILE A 1 143 ? -7.453  -5.906  10.240  1.00 14.76 ? 122 ILE A O   1 
ATOM   945  C CB  . ILE A 1 143 ? -6.505  -3.608  12.431  1.00 18.39 ? 122 ILE A CB  1 
ATOM   946  C CG1 . ILE A 1 143 ? -6.170  -2.142  12.678  1.00 21.22 ? 122 ILE A CG1 1 
ATOM   947  C CG2 . ILE A 1 143 ? -5.240  -4.406  12.128  1.00 18.73 ? 122 ILE A CG2 1 
ATOM   948  C CD1 . ILE A 1 143 ? -5.870  -1.373  11.416  1.00 22.67 ? 122 ILE A CD1 1 
ATOM   949  N N   . GLU A 1 144 ? -8.745  -5.782  12.089  1.00 16.93 ? 123 GLU A N   1 
ATOM   950  C CA  . GLU A 1 144 ? -9.096  -7.228  12.053  1.00 18.45 ? 123 GLU A CA  1 
ATOM   951  C C   . GLU A 1 144 ? -9.813  -7.567  10.740  1.00 15.45 ? 123 GLU A C   1 
ATOM   952  O O   . GLU A 1 144 ? -9.532  -8.650  10.198  1.00 15.51 ? 123 GLU A O   1 
ATOM   953  C CB  . GLU A 1 144 ? -9.918  -7.628  13.284  1.00 23.27 ? 123 GLU A CB  1 
ATOM   954  C CG  . GLU A 1 144 ? -9.109  -7.632  14.574  1.00 29.30 ? 123 GLU A CG  1 
ATOM   955  C CD  . GLU A 1 144 ? -7.778  -8.377  14.538  1.00 36.24 ? 123 GLU A CD  1 
ATOM   956  O OE1 . GLU A 1 144 ? -7.713  -9.470  13.913  1.00 41.12 ? 123 GLU A OE1 1 
ATOM   957  O OE2 . GLU A 1 144 ? -6.788  -7.856  15.122  1.00 42.01 ? 123 GLU A OE2 1 
ATOM   958  N N   . ASP A 1 145 ? -10.650 -6.674  10.206  1.00 14.30 ? 124 ASP A N   1 
ATOM   959  C CA  . ASP A 1 145 ? -11.406 -6.932  8.944   1.00 14.27 ? 124 ASP A CA  1 
ATOM   960  C C   . ASP A 1 145 ? -10.449 -6.822  7.733   1.00 12.53 ? 124 ASP A C   1 
ATOM   961  O O   . ASP A 1 145 ? -10.642 -7.526  6.733   1.00 11.90 ? 124 ASP A O   1 
ATOM   962  C CB  . ASP A 1 145 ? -12.600 -5.984  8.812   1.00 16.15 ? 124 ASP A CB  1 
ATOM   963  C CG  . ASP A 1 145 ? -13.686 -6.241  9.856   1.00 18.94 ? 124 ASP A CG  1 
ATOM   964  O OD1 . ASP A 1 145 ? -13.793 -7.395  10.310  1.00 20.55 ? 124 ASP A OD1 1 
ATOM   965  O OD2 . ASP A 1 145 ? -14.388 -5.288  10.217  1.00 21.71 ? 124 ASP A OD2 1 
ATOM   966  N N   . ALA A 1 146 ? -9.469  -5.924  7.785   1.00 11.32 ? 125 ALA A N   1 
ATOM   967  C CA  . ALA A 1 146 ? -8.443  -5.804  6.719   1.00 10.88 ? 125 ALA A CA  1 
ATOM   968  C C   . ALA A 1 146 ? -7.675  -7.122  6.625   1.00 10.99 ? 125 ALA A C   1 
ATOM   969  O O   . ALA A 1 146 ? -7.467  -7.634  5.500   1.00 10.87 ? 125 ALA A O   1 
ATOM   970  C CB  . ALA A 1 146 ? -7.504  -4.640  6.991   1.00 10.64 ? 125 ALA A CB  1 
ATOM   971  N N   . ILE A 1 147 ? -7.218  -7.644  7.756   1.00 11.68 ? 126 ILE A N   1 
ATOM   972  C CA  . ILE A 1 147 ? -6.464  -8.927  7.801   1.00 12.73 ? 126 ILE A CA  1 
ATOM   973  C C   . ILE A 1 147 ? -7.373  -9.997  7.173   1.00 13.24 ? 126 ILE A C   1 
ATOM   974  O O   . ILE A 1 147 ? -6.898  -10.721 6.305   1.00 12.87 ? 126 ILE A O   1 
ATOM   975  C CB  . ILE A 1 147 ? -6.040  -9.265  9.237   1.00 13.28 ? 126 ILE A CB  1 
ATOM   976  C CG1 . ILE A 1 147 ? -4.996  -8.265  9.749   1.00 14.35 ? 126 ILE A CG1 1 
ATOM   977  C CG2 . ILE A 1 147 ? -5.557  -10.708 9.331   1.00 14.33 ? 126 ILE A CG2 1 
ATOM   978  C CD1 . ILE A 1 147 ? -4.683  -8.404  11.195  1.00 15.07 ? 126 ILE A CD1 1 
ATOM   979  N N   . LYS A 1 148 ? -8.654  -10.026 7.539   1.00 13.39 ? 127 LYS A N   1 
ATOM   980  C CA  . LYS A 1 148 ? -9.629  -11.028 7.008   1.00 14.02 ? 127 LYS A CA  1 
ATOM   981  C C   . LYS A 1 148 ? -9.731  -10.959 5.489   1.00 12.97 ? 127 LYS A C   1 
ATOM   982  O O   . LYS A 1 148 ? -9.566  -12.005 4.848   1.00 13.60 ? 127 LYS A O   1 
ATOM   983  C CB  . LYS A 1 148 ? -10.995 -10.844 7.675   1.00 15.64 ? 127 LYS A CB  1 
ATOM   984  C CG  . LYS A 1 148 ? -11.035 -11.437 9.069   1.00 18.60 ? 127 LYS A CG  1 
ATOM   985  C CD  . LYS A 1 148 ? -12.370 -11.293 9.739   1.00 21.14 ? 127 LYS A CD  1 
ATOM   986  C CE  . LYS A 1 148 ? -12.402 -11.958 11.094  1.00 23.96 ? 127 LYS A CE  1 
ATOM   987  N NZ  . LYS A 1 148 ? -13.630 -11.570 11.829  1.00 26.91 ? 127 LYS A NZ  1 
ATOM   988  N N   . VAL A 1 149 ? -9.963  -9.787  4.913   1.00 11.23 ? 128 VAL A N   1 
ATOM   989  C CA  . VAL A 1 149 ? -10.191 -9.676  3.443   1.00 11.56 ? 128 VAL A CA  1 
ATOM   990  C C   . VAL A 1 149 ? -8.889  -9.912  2.667   1.00 10.76 ? 128 VAL A C   1 
ATOM   991  O O   . VAL A 1 149 ? -8.994  -10.251 1.487   1.00 11.56 ? 128 VAL A O   1 
ATOM   992  C CB  . VAL A 1 149 ? -10.910 -8.378  3.025   1.00 12.48 ? 128 VAL A CB  1 
ATOM   993  C CG1 . VAL A 1 149 ? -12.261 -8.275  3.728   1.00 13.37 ? 128 VAL A CG1 1 
ATOM   994  C CG2 . VAL A 1 149 ? -10.087 -7.109  3.237   1.00 12.61 ? 128 VAL A CG2 1 
ATOM   995  N N   . LEU A 1 150 ? -7.705  -9.685  3.254   1.00 9.88  ? 129 LEU A N   1 
ATOM   996  C CA  . LEU A 1 150 ? -6.411  -9.886  2.532   1.00 9.71  ? 129 LEU A CA  1 
ATOM   997  C C   . LEU A 1 150 ? -5.967  -11.349 2.560   1.00 10.65 ? 129 LEU A C   1 
ATOM   998  O O   . LEU A 1 150 ? -5.172  -11.748 1.674   1.00 11.35 ? 129 LEU A O   1 
ATOM   999  C CB  . LEU A 1 150 ? -5.344  -9.005  3.199   1.00 8.58  ? 129 LEU A CB  1 
ATOM   1000 C CG  . LEU A 1 150 ? -5.567  -7.505  3.067   1.00 8.11  ? 129 LEU A CG  1 
ATOM   1001 C CD1 . LEU A 1 150 ? -4.629  -6.769  4.017   1.00 7.79  ? 129 LEU A CD1 1 
ATOM   1002 C CD2 . LEU A 1 150 ? -5.324  -7.052  1.627   1.00 8.12  ? 129 LEU A CD2 1 
ATOM   1003 N N   . GLN A 1 151 ? -6.434  -12.141 3.532   1.00 11.30 ? 130 GLN A N   1 
ATOM   1004 C CA  . GLN A 1 151 ? -5.856  -13.473 3.838   1.00 12.89 ? 130 GLN A CA  1 
ATOM   1005 C C   . GLN A 1 151 ? -5.843  -14.382 2.601   1.00 11.44 ? 130 GLN A C   1 
ATOM   1006 O O   . GLN A 1 151 ? -4.842  -15.065 2.389   1.00 12.10 ? 130 GLN A O   1 
ATOM   1007 C CB  . GLN A 1 151 ? -6.643  -14.098 4.987   1.00 15.30 ? 130 GLN A CB  1 
ATOM   1008 C CG  . GLN A 1 151 ? -5.927  -15.261 5.632   1.00 19.66 ? 130 GLN A CG  1 
ATOM   1009 C CD  . GLN A 1 151 ? -4.678  -14.798 6.348   1.00 21.50 ? 130 GLN A CD  1 
ATOM   1010 O OE1 . GLN A 1 151 ? -4.728  -14.276 7.459   1.00 25.94 ? 130 GLN A OE1 1 
ATOM   1011 N NE2 . GLN A 1 151 ? -3.551  -14.999 5.699   1.00 23.08 ? 130 GLN A NE2 1 
ATOM   1012 N N   . TYR A 1 152 ? -6.908  -14.412 1.810   1.00 10.47 ? 131 TYR A N   1 
ATOM   1013 C CA  . TYR A 1 152 ? -7.099  -15.441 0.759   1.00 10.63 ? 131 TYR A CA  1 
ATOM   1014 C C   . TYR A 1 152 ? -6.142  -15.221 -0.421  1.00 10.63 ? 131 TYR A C   1 
ATOM   1015 O O   . TYR A 1 152 ? -5.479  -16.146 -0.845  1.00 10.63 ? 131 TYR A O   1 
ATOM   1016 C CB  . TYR A 1 152 ? -8.521  -15.448 0.201   1.00 10.41 ? 131 TYR A CB  1 
ATOM   1017 C CG  . TYR A 1 152 ? -8.701  -16.543 -0.813  1.00 11.11 ? 131 TYR A CG  1 
ATOM   1018 C CD1 . TYR A 1 152 ? -8.651  -17.876 -0.426  1.00 11.38 ? 131 TYR A CD1 1 
ATOM   1019 C CD2 . TYR A 1 152 ? -8.802  -16.266 -2.161  1.00 11.71 ? 131 TYR A CD2 1 
ATOM   1020 C CE1 . TYR A 1 152 ? -8.773  -18.893 -1.354  1.00 11.43 ? 131 TYR A CE1 1 
ATOM   1021 C CE2 . TYR A 1 152 ? -8.925  -17.271 -3.100  1.00 12.22 ? 131 TYR A CE2 1 
ATOM   1022 C CZ  . TYR A 1 152 ? -8.881  -18.587 -2.697  1.00 11.88 ? 131 TYR A CZ  1 
ATOM   1023 O OH  . TYR A 1 152 ? -9.020  -19.575 -3.625  1.00 13.67 ? 131 TYR A OH  1 
ATOM   1024 N N   . HIS A 1 153 ? -6.094  -14.012 -0.964  1.00 11.02 ? 132 HIS A N   1 
ATOM   1025 C CA  . HIS A 1 153 ? -5.293  -13.730 -2.185  1.00 11.47 ? 132 HIS A CA  1 
ATOM   1026 C C   . HIS A 1 153 ? -3.943  -13.129 -1.787  1.00 10.51 ? 132 HIS A C   1 
ATOM   1027 O O   . HIS A 1 153 ? -2.991  -13.253 -2.587  1.00 10.17 ? 132 HIS A O   1 
ATOM   1028 C CB  . HIS A 1 153 ? -6.040  -12.783 -3.114  1.00 13.34 ? 132 HIS A CB  1 
ATOM   1029 C CG  . HIS A 1 153 ? -7.194  -13.401 -3.830  1.00 15.30 ? 132 HIS A CG  1 
ATOM   1030 N ND1 . HIS A 1 153 ? -7.026  -14.405 -4.760  1.00 17.56 ? 132 HIS A ND1 1 
ATOM   1031 C CD2 . HIS A 1 153 ? -8.508  -13.116 -3.802  1.00 16.83 ? 132 HIS A CD2 1 
ATOM   1032 C CE1 . HIS A 1 153 ? -8.208  -14.708 -5.283  1.00 18.51 ? 132 HIS A CE1 1 
ATOM   1033 N NE2 . HIS A 1 153 ? -9.134  -13.947 -4.697  1.00 17.42 ? 132 HIS A NE2 1 
ATOM   1034 N N   . LYS A 1 154 ? -3.868  -12.478 -0.628  1.00 9.53  ? 133 LYS A N   1 
ATOM   1035 C CA  . LYS A 1 154 ? -2.676  -11.660 -0.263  1.00 9.55  ? 133 LYS A CA  1 
ATOM   1036 C C   . LYS A 1 154 ? -2.247  -11.953 1.167   1.00 9.36  ? 133 LYS A C   1 
ATOM   1037 O O   . LYS A 1 154 ? -2.123  -11.040 1.978   1.00 9.28  ? 133 LYS A O   1 
ATOM   1038 C CB  . LYS A 1 154 ? -2.969  -10.165 -0.468  1.00 9.93  ? 133 LYS A CB  1 
ATOM   1039 C CG  . LYS A 1 154 ? -3.279  -9.713  -1.882  1.00 10.95 ? 133 LYS A CG  1 
ATOM   1040 C CD  . LYS A 1 154 ? -2.178  -9.962  -2.884  1.00 11.63 ? 133 LYS A CD  1 
ATOM   1041 C CE  . LYS A 1 154 ? -2.402  -9.201  -4.172  1.00 13.39 ? 133 LYS A CE  1 
ATOM   1042 N NZ  . LYS A 1 154 ? -1.363  -9.530  -5.176  1.00 14.94 ? 133 LYS A NZ  1 
ATOM   1043 N N   . PRO A 1 155 ? -1.924  -13.223 1.511   1.00 9.25  ? 134 PRO A N   1 
ATOM   1044 C CA  . PRO A 1 155 ? -1.486  -13.563 2.858   1.00 8.81  ? 134 PRO A CA  1 
ATOM   1045 C C   . PRO A 1 155 ? -0.246  -12.780 3.306   1.00 8.41  ? 134 PRO A C   1 
ATOM   1046 O O   . PRO A 1 155 ? -0.164  -12.499 4.454   1.00 7.96  ? 134 PRO A O   1 
ATOM   1047 C CB  . PRO A 1 155 ? -1.239  -15.079 2.811   1.00 9.62  ? 134 PRO A CB  1 
ATOM   1048 C CG  . PRO A 1 155 ? -1.079  -15.389 1.328   1.00 9.92  ? 134 PRO A CG  1 
ATOM   1049 C CD  . PRO A 1 155 ? -2.006  -14.409 0.641   1.00 9.81  ? 134 PRO A CD  1 
ATOM   1050 N N   . VAL A 1 156 ? 0.660   -12.437 2.393   1.00 8.09  ? 135 VAL A N   1 
ATOM   1051 C CA  . VAL A 1 156 ? 1.838   -11.602 2.782   1.00 8.69  ? 135 VAL A CA  1 
ATOM   1052 C C   . VAL A 1 156 ? 1.360   -10.199 3.195   1.00 8.48  ? 135 VAL A C   1 
ATOM   1053 O O   . VAL A 1 156 ? 1.858   -9.681  4.217   1.00 9.09  ? 135 VAL A O   1 
ATOM   1054 C CB  . VAL A 1 156 ? 2.909   -11.578 1.681   1.00 9.46  ? 135 VAL A CB  1 
ATOM   1055 C CG1 . VAL A 1 156 ? 4.092   -10.711 2.113   1.00 9.28  ? 135 VAL A CG1 1 
ATOM   1056 C CG2 . VAL A 1 156 ? 3.400   -12.981 1.389   1.00 10.37 ? 135 VAL A CG2 1 
ATOM   1057 N N   . GLN A 1 157 ? 0.409   -9.611  2.482   1.00 8.41  ? 136 GLN A N   1 
ATOM   1058 C CA  . GLN A 1 157 ? -0.136  -8.281  2.864   1.00 8.06  ? 136 GLN A CA  1 
ATOM   1059 C C   . GLN A 1 157 ? -0.872  -8.408  4.204   1.00 8.49  ? 136 GLN A C   1 
ATOM   1060 O O   . GLN A 1 157 ? -0.705  -7.535  5.065   1.00 8.38  ? 136 GLN A O   1 
ATOM   1061 C CB  . GLN A 1 157 ? -1.031  -7.677  1.793   1.00 7.78  ? 136 GLN A CB  1 
ATOM   1062 C CG  . GLN A 1 157 ? -0.336  -7.467  0.456   1.00 7.67  ? 136 GLN A CG  1 
ATOM   1063 C CD  . GLN A 1 157 ? -1.209  -6.767  -0.542  1.00 7.94  ? 136 GLN A CD  1 
ATOM   1064 O OE1 . GLN A 1 157 ? -2.302  -6.316  -0.226  1.00 7.89  ? 136 GLN A OE1 1 
ATOM   1065 N NE2 . GLN A 1 157 ? -0.763  -6.706  -1.790  1.00 8.25  ? 136 GLN A NE2 1 
ATOM   1066 N N   . ALA A 1 158 ? -1.620  -9.482  4.430   1.00 8.45  ? 137 ALA A N   1 
ATOM   1067 C CA  . ALA A 1 158 ? -2.220  -9.729  5.774   1.00 9.15  ? 137 ALA A CA  1 
ATOM   1068 C C   . ALA A 1 158 ? -1.115  -9.729  6.839   1.00 10.28 ? 137 ALA A C   1 
ATOM   1069 O O   . ALA A 1 158 ? -1.322  -9.146  7.901   1.00 11.26 ? 137 ALA A O   1 
ATOM   1070 C CB  . ALA A 1 158 ? -3.004  -11.011 5.772   1.00 9.54  ? 137 ALA A CB  1 
ATOM   1071 N N   . SER A 1 159 ? 0.056   -10.301 6.547   1.00 10.41 ? 138 SER A N   1 
ATOM   1072 C CA  . SER A 1 159 ? 1.186   -10.350 7.515   1.00 10.61 ? 138 SER A CA  1 
ATOM   1073 C C   . SER A 1 159 ? 1.740   -8.960  7.814   1.00 10.13 ? 138 SER A C   1 
ATOM   1074 O O   . SER A 1 159 ? 2.430   -8.835  8.848   1.00 11.41 ? 138 SER A O   1 
ATOM   1075 C CB  . SER A 1 159 ? 2.284   -11.332 7.111   1.00 11.41 ? 138 SER A CB  1 
ATOM   1076 O OG  . SER A 1 159 ? 3.096   -10.856 6.062   1.00 12.76 ? 138 SER A OG  1 
ATOM   1077 N N   . TYR A 1 160 ? 1.513   -7.951  6.966   1.00 9.59  ? 139 TYR A N   1 
ATOM   1078 C CA  . TYR A 1 160 ? 2.007   -6.575  7.237   1.00 9.80  ? 139 TYR A CA  1 
ATOM   1079 C C   . TYR A 1 160 ? 1.523   -6.115  8.625   1.00 11.09 ? 139 TYR A C   1 
ATOM   1080 O O   . TYR A 1 160 ? 2.226   -5.297  9.286   1.00 12.75 ? 139 TYR A O   1 
ATOM   1081 C CB  . TYR A 1 160 ? 1.513   -5.571  6.193   1.00 8.72  ? 139 TYR A CB  1 
ATOM   1082 C CG  . TYR A 1 160 ? 2.004   -5.752  4.777   1.00 7.95  ? 139 TYR A CG  1 
ATOM   1083 C CD1 . TYR A 1 160 ? 3.010   -6.646  4.440   1.00 7.89  ? 139 TYR A CD1 1 
ATOM   1084 C CD2 . TYR A 1 160 ? 1.495   -4.951  3.774   1.00 7.54  ? 139 TYR A CD2 1 
ATOM   1085 C CE1 . TYR A 1 160 ? 3.435   -6.781  3.119   1.00 7.95  ? 139 TYR A CE1 1 
ATOM   1086 C CE2 . TYR A 1 160 ? 1.932   -5.053  2.457   1.00 7.73  ? 139 TYR A CE2 1 
ATOM   1087 C CZ  . TYR A 1 160 ? 2.904   -5.982  2.128   1.00 7.98  ? 139 TYR A CZ  1 
ATOM   1088 O OH  . TYR A 1 160 ? 3.306   -6.090  0.816   1.00 9.34  ? 139 TYR A OH  1 
ATOM   1089 N N   . PHE A 1 161 ? 0.350   -6.583  9.041   1.00 13.11 ? 140 PHE A N   1 
ATOM   1090 C CA  . PHE A 1 161 ? -0.382  -6.093  10.237  1.00 15.46 ? 140 PHE A CA  1 
ATOM   1091 C C   . PHE A 1 161 ? -0.011  -6.902  11.481  1.00 20.55 ? 140 PHE A C   1 
ATOM   1092 O O   . PHE A 1 161 ? -0.401  -6.505  12.589  1.00 21.07 ? 140 PHE A O   1 
ATOM   1093 C CB  . PHE A 1 161 ? -1.894  -6.154  9.999   1.00 15.14 ? 140 PHE A CB  1 
ATOM   1094 C CG  . PHE A 1 161 ? -2.393  -5.206  8.939   1.00 14.41 ? 140 PHE A CG  1 
ATOM   1095 C CD1 . PHE A 1 161 ? -2.647  -3.873  9.229   1.00 14.56 ? 140 PHE A CD1 1 
ATOM   1096 C CD2 . PHE A 1 161 ? -2.549  -5.634  7.631   1.00 14.35 ? 140 PHE A CD2 1 
ATOM   1097 C CE1 . PHE A 1 161 ? -3.091  -3.011  8.241   1.00 14.50 ? 140 PHE A CE1 1 
ATOM   1098 C CE2 . PHE A 1 161 ? -2.979  -4.770  6.639   1.00 14.37 ? 140 PHE A CE2 1 
ATOM   1099 C CZ  . PHE A 1 161 ? -3.245  -3.456  6.946   1.00 14.31 ? 140 PHE A CZ  1 
ATOM   1100 N N   . GLU A 1 162 ? 0.695   -8.020  11.312  1.00 27.87 ? 141 GLU A N   1 
ATOM   1101 C CA  . GLU A 1 162 ? 0.781   -9.052  12.379  1.00 34.55 ? 141 GLU A CA  1 
ATOM   1102 C C   . GLU A 1 162 ? 1.864   -8.631  13.380  1.00 39.53 ? 141 GLU A C   1 
ATOM   1103 O O   . GLU A 1 162 ? 1.916   -9.233  14.465  1.00 48.39 ? 141 GLU A O   1 
ATOM   1104 C CB  . GLU A 1 162 ? 0.858   -10.432 11.723  1.00 38.17 ? 141 GLU A CB  1 
ATOM   1105 C CG  . GLU A 1 162 ? -0.483  -10.806 11.091  1.00 40.89 ? 141 GLU A CG  1 
ATOM   1106 C CD  . GLU A 1 162 ? -0.530  -12.024 10.176  1.00 44.98 ? 141 GLU A CD  1 
ATOM   1107 O OE1 . GLU A 1 162 ? -1.611  -12.281 9.589   1.00 45.54 ? 141 GLU A OE1 1 
ATOM   1108 O OE2 . GLU A 1 162 ? 0.507   -12.715 10.048  1.00 46.54 ? 141 GLU A OE2 1 
ATOM   1109 N N   . THR A 1 163 ? 2.606   -7.559  13.083  1.00 42.12 ? 142 THR A N   1 
ATOM   1110 C CA  . THR A 1 163 ? 3.504   -6.848  14.033  1.00 45.89 ? 142 THR A CA  1 
ATOM   1111 C C   . THR A 1 163 ? 2.656   -6.102  15.071  1.00 49.11 ? 142 THR A C   1 
ATOM   1112 O O   . THR A 1 163 ? 2.123   -5.015  14.819  1.00 48.91 ? 142 THR A O   1 
ATOM   1113 C CB  . THR A 1 163 ? 4.439   -5.880  13.295  1.00 49.38 ? 142 THR A CB  1 
ATOM   1114 O OG1 . THR A 1 163 ? 4.864   -6.484  12.073  1.00 49.40 ? 142 THR A OG1 1 
ATOM   1115 C CG2 . THR A 1 163 ? 5.643   -5.490  14.124  1.00 50.92 ? 142 THR A CG2 1 
HETATM 1116 C C1  . 4WZ B 2 .   ? -1.886  -10.662 -11.558 1.00 39.43 ? 401 4WZ A C1  1 
HETATM 1117 C C2  . 4WZ B 2 .   ? -3.029  -11.676 -11.363 1.00 38.83 ? 401 4WZ A C2  1 
HETATM 1118 C C3  . 4WZ B 2 .   ? -3.531  -11.589 -9.924  1.00 36.31 ? 401 4WZ A C3  1 
HETATM 1119 C C4  . 4WZ B 2 .   ? -3.922  -10.128 -9.558  1.00 32.63 ? 401 4WZ A C4  1 
HETATM 1120 C C5  . 4WZ B 2 .   ? -2.792  -9.174  -9.814  1.00 31.22 ? 401 4WZ A C5  1 
HETATM 1121 C C6  . 4WZ B 2 .   ? -2.362  -9.236  -11.254 1.00 33.89 ? 401 4WZ A C6  1 
HETATM 1122 O O55 . 4WZ B 2 .   ? -4.189  -5.431  -10.740 1.00 29.33 ? 401 4WZ A O55 1 
HETATM 1123 P PB5 . 4WZ B 2 .   ? -3.442  -4.461  -9.724  1.00 28.35 ? 401 4WZ A PB5 1 
HETATM 1124 O O65 . 4WZ B 2 .   ? -1.934  -4.163  -9.897  1.00 29.34 ? 401 4WZ A O65 1 
HETATM 1125 O O75 . 4WZ B 2 .   ? -4.278  -3.383  -9.101  1.00 30.26 ? 401 4WZ A O75 1 
HETATM 1126 C CB5 . 4WZ B 2 .   ? -3.439  -5.488  -8.208  1.00 26.41 ? 401 4WZ A CB5 1 
HETATM 1127 P PA5 . 4WZ B 2 .   ? -2.406  -6.988  -8.349  1.00 26.80 ? 401 4WZ A PA5 1 
HETATM 1128 O O25 . 4WZ B 2 .   ? -2.488  -7.667  -7.009  1.00 27.50 ? 401 4WZ A O25 1 
HETATM 1129 O O35 . 4WZ B 2 .   ? -1.004  -6.706  -8.973  1.00 29.54 ? 401 4WZ A O35 1 
HETATM 1130 O O15 . 4WZ B 2 .   ? -3.244  -7.861  -9.469  1.00 28.45 ? 401 4WZ A O15 1 
HETATM 1131 O O16 . 4WZ B 2 .   ? -1.285  -8.358  -11.428 1.00 32.28 ? 401 4WZ A O16 1 
HETATM 1132 P PA6 . 4WZ B 2 .   ? -1.326  -7.047  -12.357 1.00 34.81 ? 401 4WZ A PA6 1 
HETATM 1133 O O46 . 4WZ B 2 .   ? -0.423  -6.088  -11.609 1.00 30.43 ? 401 4WZ A O46 1 
HETATM 1134 O O36 . 4WZ B 2 .   ? -0.752  -7.631  -13.739 1.00 34.74 ? 401 4WZ A O36 1 
HETATM 1135 O O26 . 4WZ B 2 .   ? -2.813  -6.616  -12.474 1.00 35.19 ? 401 4WZ A O26 1 
HETATM 1136 O O14 . 4WZ B 2 .   ? -4.141  -10.102 -8.153  1.00 28.28 ? 401 4WZ A O14 1 
HETATM 1137 P PA4 . 4WZ B 2 .   ? -5.411  -9.571  -7.397  1.00 26.74 ? 401 4WZ A PA4 1 
HETATM 1138 O O24 . 4WZ B 2 .   ? -4.748  -8.346  -6.622  1.00 24.12 ? 401 4WZ A O24 1 
HETATM 1139 O O44 . 4WZ B 2 .   ? -6.372  -9.164  -8.509  1.00 26.86 ? 401 4WZ A O44 1 
HETATM 1140 O O34 . 4WZ B 2 .   ? -5.866  -10.836 -6.537  1.00 27.15 ? 401 4WZ A O34 1 
HETATM 1141 O O13 . 4WZ B 2 .   ? -4.708  -12.423 -9.747  1.00 39.14 ? 401 4WZ A O13 1 
HETATM 1142 P PA3 . 4WZ B 2 .   ? -4.620  -14.018 -9.521  1.00 41.88 ? 401 4WZ A PA3 1 
HETATM 1143 O O43 . 4WZ B 2 .   ? -3.276  -14.209 -8.917  1.00 42.29 ? 401 4WZ A O43 1 
HETATM 1144 O O33 . 4WZ B 2 .   ? -5.806  -14.380 -8.552  1.00 42.40 ? 401 4WZ A O33 1 
HETATM 1145 O O23 . 4WZ B 2 .   ? -4.844  -14.521 -10.985 1.00 45.43 ? 401 4WZ A O23 1 
HETATM 1146 O O12 . 4WZ B 2 .   ? -4.113  -11.372 -12.256 1.00 44.98 ? 401 4WZ A O12 1 
HETATM 1147 P PA2 . 4WZ B 2 .   ? -4.585  -12.355 -13.447 1.00 51.59 ? 401 4WZ A PA2 1 
HETATM 1148 O O42 . 4WZ B 2 .   ? -5.664  -13.190 -12.864 1.00 48.76 ? 401 4WZ A O42 1 
HETATM 1149 O O22 . 4WZ B 2 .   ? -5.084  -11.257 -14.481 1.00 52.52 ? 401 4WZ A O22 1 
HETATM 1150 O O32 . 4WZ B 2 .   ? -3.293  -13.125 -13.904 1.00 50.60 ? 401 4WZ A O32 1 
HETATM 1151 O O11 . 4WZ B 2 .   ? -1.398  -10.708 -12.919 1.00 47.39 ? 401 4WZ A O11 1 
HETATM 1152 P PA1 . 4WZ B 2 .   ? 0.143   -10.999 -13.250 1.00 53.48 ? 401 4WZ A PA1 1 
HETATM 1153 O O21 . 4WZ B 2 .   ? 0.583   -10.026 -14.311 1.00 55.42 ? 401 4WZ A O21 1 
HETATM 1154 O O31 . 4WZ B 2 .   ? 0.999   -11.130 -11.929 1.00 52.34 ? 401 4WZ A O31 1 
HETATM 1155 C CB1 . 4WZ B 2 .   ? -0.057  -12.642 -13.983 1.00 63.25 ? 401 4WZ A CB1 1 
HETATM 1156 P PB1 . 4WZ B 2 .   ? -0.518  -12.496 -15.716 1.00 73.57 ? 401 4WZ A PB1 1 
HETATM 1157 O O61 . 4WZ B 2 .   ? 0.816   -12.065 -16.416 1.00 75.31 ? 401 4WZ A O61 1 
HETATM 1158 O O71 . 4WZ B 2 .   ? -1.568  -11.422 -15.707 1.00 71.49 ? 401 4WZ A O71 1 
HETATM 1159 O O51 . 4WZ B 2 .   ? -1.079  -13.915 -16.072 1.00 74.30 ? 401 4WZ A O51 1 
HETATM 1160 S S   . SO4 C 3 .   ? 2.075   -8.028  -3.748  1.00 25.23 ? 402 SO4 A S   1 
HETATM 1161 O O1  . SO4 C 3 .   ? 1.914   -7.286  -2.529  1.00 29.62 ? 402 SO4 A O1  1 
HETATM 1162 O O2  . SO4 C 3 .   ? 1.188   -9.165  -3.779  1.00 26.04 ? 402 SO4 A O2  1 
HETATM 1163 O O3  . SO4 C 3 .   ? 3.443   -8.495  -3.809  1.00 26.07 ? 402 SO4 A O3  1 
HETATM 1164 O O4  . SO4 C 3 .   ? 1.774   -7.178  -4.882  1.00 27.77 ? 402 SO4 A O4  1 
HETATM 1165 S S   . SO4 D 3 .   ? 3.436   -3.553  -8.785  1.00 62.94 ? 403 SO4 A S   1 
HETATM 1166 O O1  . SO4 D 3 .   ? 3.788   -4.909  -8.896  1.00 69.68 ? 403 SO4 A O1  1 
HETATM 1167 O O2  . SO4 D 3 .   ? 2.290   -3.451  -7.977  1.00 58.87 ? 403 SO4 A O2  1 
HETATM 1168 O O3  . SO4 D 3 .   ? 4.532   -2.888  -8.242  1.00 57.42 ? 403 SO4 A O3  1 
HETATM 1169 O O4  . SO4 D 3 .   ? 3.148   -3.013  -10.032 1.00 61.74 ? 403 SO4 A O4  1 
HETATM 1170 O O   . HOH E 4 .   ? 0.818   -4.848  -9.015  1.00 34.26 ? 501 HOH A O   1 
HETATM 1171 O O   . HOH E 4 .   ? 0.820   -0.661  -7.967  1.00 37.96 ? 502 HOH A O   1 
HETATM 1172 O O   . HOH E 4 .   ? 20.106  -11.847 -9.839  1.00 37.93 ? 503 HOH A O   1 
HETATM 1173 O O   . HOH E 4 .   ? -11.903 17.127  -7.201  1.00 34.21 ? 504 HOH A O   1 
HETATM 1174 O O   . HOH E 4 .   ? 8.105   -3.661  12.629  1.00 21.75 ? 505 HOH A O   1 
HETATM 1175 O O   . HOH E 4 .   ? 11.005  -19.476 1.136   1.00 48.74 ? 506 HOH A O   1 
HETATM 1176 O O   . HOH E 4 .   ? 17.133  -1.559  3.294   1.00 31.45 ? 507 HOH A O   1 
HETATM 1177 O O   . HOH E 4 .   ? -8.494  -10.709 11.818  1.00 41.68 ? 508 HOH A O   1 
HETATM 1178 O O   . HOH E 4 .   ? -14.159 11.583  0.624   1.00 38.52 ? 509 HOH A O   1 
HETATM 1179 O O   . HOH E 4 .   ? 0.214   -3.422  -3.036  1.00 28.41 ? 510 HOH A O   1 
HETATM 1180 O O   . HOH E 4 .   ? 2.144   -4.939  -1.178  1.00 18.74 ? 511 HOH A O   1 
HETATM 1181 O O   . HOH E 4 .   ? -9.508  -13.428 2.695   1.00 10.85 ? 512 HOH A O   1 
HETATM 1182 O O   . HOH E 4 .   ? -3.610  5.819   -13.124 1.00 38.04 ? 513 HOH A O   1 
HETATM 1183 O O   . HOH E 4 .   ? -4.238  -12.831 -6.254  1.00 34.54 ? 514 HOH A O   1 
HETATM 1184 O O   . HOH E 4 .   ? 7.101   -12.877 3.272   1.00 34.05 ? 515 HOH A O   1 
HETATM 1185 O O   . HOH E 4 .   ? 9.554   10.240  -6.465  1.00 25.45 ? 516 HOH A O   1 
HETATM 1186 O O   . HOH E 4 .   ? 11.000  -14.966 -1.105  1.00 32.94 ? 517 HOH A O   1 
HETATM 1187 O O   . HOH E 4 .   ? -12.978 5.635   -7.679  1.00 38.57 ? 518 HOH A O   1 
HETATM 1188 O O   . HOH E 4 .   ? 20.420  -5.867  -4.518  1.00 35.86 ? 519 HOH A O   1 
HETATM 1189 O O   . HOH E 4 .   ? -10.162 -1.506  -9.240  1.00 23.14 ? 520 HOH A O   1 
HETATM 1190 O O   . HOH E 4 .   ? -7.830  -11.737 -0.354  1.00 17.36 ? 521 HOH A O   1 
HETATM 1191 O O   . HOH E 4 .   ? 11.001  -10.213 -10.546 1.00 39.07 ? 522 HOH A O   1 
HETATM 1192 O O   . HOH E 4 .   ? 22.915  8.108   -11.785 1.00 28.78 ? 523 HOH A O   1 
HETATM 1193 O O   . HOH E 4 .   ? 6.330   -8.210  -1.555  1.00 10.20 ? 524 HOH A O   1 
HETATM 1194 O O   . HOH E 4 .   ? -7.342  -9.483  -1.972  1.00 16.38 ? 525 HOH A O   1 
HETATM 1195 O O   . HOH E 4 .   ? -3.154  0.907   3.791   1.00 14.60 ? 526 HOH A O   1 
HETATM 1196 O O   . HOH E 4 .   ? 13.589  8.163   -10.826 1.00 49.90 ? 527 HOH A O   1 
HETATM 1197 O O   . HOH E 4 .   ? 13.234  4.198   5.297   1.00 31.60 ? 528 HOH A O   1 
HETATM 1198 O O   . HOH E 4 .   ? -11.723 -14.215 -5.366  1.00 46.38 ? 529 HOH A O   1 
HETATM 1199 O O   . HOH E 4 .   ? -13.043 -4.383  -3.943  1.00 41.13 ? 530 HOH A O   1 
HETATM 1200 O O   . HOH E 4 .   ? -5.031  -16.152 -5.227  1.00 39.11 ? 531 HOH A O   1 
HETATM 1201 O O   . HOH E 4 .   ? 0.575   -3.451  -10.726 1.00 33.70 ? 532 HOH A O   1 
HETATM 1202 O O   . HOH E 4 .   ? 3.995   11.822  3.765   1.00 36.45 ? 533 HOH A O   1 
HETATM 1203 O O   . HOH E 4 .   ? 16.115  6.148   1.467   1.00 42.56 ? 534 HOH A O   1 
HETATM 1204 O O   . HOH E 4 .   ? -15.811 -7.553  -2.646  1.00 39.58 ? 535 HOH A O   1 
HETATM 1205 O O   . HOH E 4 .   ? 1.429   -9.915  -1.176  1.00 28.33 ? 536 HOH A O   1 
HETATM 1206 O O   . HOH E 4 .   ? -9.612  -1.796  15.038  1.00 27.54 ? 537 HOH A O   1 
HETATM 1207 O O   . HOH E 4 .   ? 14.708  -14.750 0.614   1.00 24.99 ? 538 HOH A O   1 
HETATM 1208 O O   . HOH E 4 .   ? 3.257   -0.304  -9.730  1.00 34.29 ? 539 HOH A O   1 
HETATM 1209 O O   . HOH E 4 .   ? -7.956  -15.409 -9.887  1.00 45.82 ? 540 HOH A O   1 
HETATM 1210 O O   . HOH E 4 .   ? -1.581  -12.008 -6.325  1.00 34.39 ? 541 HOH A O   1 
HETATM 1211 O O   . HOH E 4 .   ? 10.586  10.339  2.799   1.00 32.22 ? 542 HOH A O   1 
HETATM 1212 O O   . HOH E 4 .   ? 3.730   -8.392  -0.634  1.00 18.64 ? 543 HOH A O   1 
HETATM 1213 O O   . HOH E 4 .   ? 9.765   -1.621  -9.426  1.00 15.15 ? 544 HOH A O   1 
HETATM 1214 O O   . HOH E 4 .   ? -14.220 -2.849  8.947   1.00 18.86 ? 545 HOH A O   1 
HETATM 1215 O O   . HOH E 4 .   ? -6.219  -9.465  -4.166  1.00 22.52 ? 546 HOH A O   1 
HETATM 1216 O O   . HOH E 4 .   ? 0.279   15.270  7.437   1.00 28.59 ? 547 HOH A O   1 
HETATM 1217 O O   . HOH E 4 .   ? -1.046  -14.182 6.639   1.00 25.52 ? 548 HOH A O   1 
HETATM 1218 O O   . HOH E 4 .   ? 8.447   -9.806  -10.332 1.00 43.13 ? 549 HOH A O   1 
HETATM 1219 O O   . HOH E 4 .   ? 19.037  -3.338  -4.378  1.00 36.67 ? 550 HOH A O   1 
HETATM 1220 O O   . HOH E 4 .   ? -3.552  10.975  -7.319  1.00 20.65 ? 551 HOH A O   1 
HETATM 1221 O O   . HOH E 4 .   ? -15.241 -1.631  5.400   1.00 38.89 ? 552 HOH A O   1 
HETATM 1222 O O   . HOH E 4 .   ? -4.400  10.998  14.819  1.00 41.74 ? 553 HOH A O   1 
HETATM 1223 O O   . HOH E 4 .   ? -9.915  -1.807  -13.729 1.00 48.50 ? 554 HOH A O   1 
HETATM 1224 O O   . HOH E 4 .   ? 7.149   12.224  8.679   1.00 41.08 ? 555 HOH A O   1 
HETATM 1225 O O   . HOH E 4 .   ? 6.738   11.018  -2.976  1.00 18.56 ? 556 HOH A O   1 
HETATM 1226 O O   . HOH E 4 .   ? 0.689   10.263  -0.070  1.00 14.28 ? 557 HOH A O   1 
HETATM 1227 O O   . HOH E 4 .   ? 13.529  5.764   2.492   1.00 18.24 ? 558 HOH A O   1 
HETATM 1228 O O   . HOH E 4 .   ? 15.879  -12.140 2.505   1.00 28.34 ? 559 HOH A O   1 
HETATM 1229 O O   . HOH E 4 .   ? 16.762  -14.641 -3.569  1.00 29.08 ? 560 HOH A O   1 
HETATM 1230 O O   . HOH E 4 .   ? -0.751  -5.796  -4.722  1.00 22.13 ? 561 HOH A O   1 
HETATM 1231 O O   . HOH E 4 .   ? 11.133  -4.919  -16.617 1.00 40.64 ? 562 HOH A O   1 
HETATM 1232 O O   . HOH E 4 .   ? -14.791 3.556   3.868   1.00 24.68 ? 563 HOH A O   1 
HETATM 1233 O O   . HOH E 4 .   ? 14.548  -2.102  -15.635 1.00 52.10 ? 564 HOH A O   1 
HETATM 1234 O O   . HOH E 4 .   ? -7.399  4.791   13.240  1.00 12.83 ? 565 HOH A O   1 
HETATM 1235 O O   . HOH E 4 .   ? 19.356  -3.077  -6.877  1.00 29.46 ? 566 HOH A O   1 
HETATM 1236 O O   . HOH E 4 .   ? 4.599   -10.388 10.001  1.00 26.84 ? 567 HOH A O   1 
HETATM 1237 O O   . HOH E 4 .   ? 13.080  -3.979  -2.464  1.00 15.76 ? 568 HOH A O   1 
HETATM 1238 O O   . HOH E 4 .   ? 5.452   12.767  6.048   1.00 27.00 ? 569 HOH A O   1 
HETATM 1239 O O   . HOH E 4 .   ? 0.621   -12.530 -0.547  1.00 18.13 ? 570 HOH A O   1 
HETATM 1240 O O   . HOH E 4 .   ? 1.654   11.838  2.059   1.00 15.76 ? 571 HOH A O   1 
HETATM 1241 O O   . HOH E 4 .   ? 10.243  6.726   7.913   1.00 30.65 ? 572 HOH A O   1 
HETATM 1242 O O   . HOH E 4 .   ? 5.049   5.200   13.033  1.00 21.98 ? 573 HOH A O   1 
HETATM 1243 O O   . HOH E 4 .   ? -10.435 -8.969  -0.955  1.00 13.94 ? 574 HOH A O   1 
HETATM 1244 O O   . HOH E 4 .   ? 14.038  9.726   -3.646  1.00 20.39 ? 575 HOH A O   1 
HETATM 1245 O O   . HOH E 4 .   ? -1.054  -1.351  -9.431  1.00 41.07 ? 576 HOH A O   1 
HETATM 1246 O O   . HOH E 4 .   ? 8.520   0.752   -10.942 1.00 35.32 ? 577 HOH A O   1 
HETATM 1247 O O   . HOH E 4 .   ? 6.371   -15.493 0.101   1.00 26.02 ? 578 HOH A O   1 
HETATM 1248 O O   . HOH E 4 .   ? -1.310  -1.961  -6.265  1.00 26.60 ? 579 HOH A O   1 
HETATM 1249 O O   . HOH E 4 .   ? -13.916 4.514   -3.584  1.00 20.64 ? 580 HOH A O   1 
HETATM 1250 O O   . HOH E 4 .   ? 2.117   12.712  -1.688  1.00 28.65 ? 581 HOH A O   1 
HETATM 1251 O O   . HOH E 4 .   ? -9.925  -4.459  14.514  1.00 22.24 ? 582 HOH A O   1 
HETATM 1252 O O   . HOH E 4 .   ? 13.945  9.080   -8.299  1.00 40.07 ? 583 HOH A O   1 
HETATM 1253 O O   . HOH E 4 .   ? 11.629  3.815   10.619  1.00 28.55 ? 584 HOH A O   1 
HETATM 1254 O O   . HOH E 4 .   ? 4.272   -16.273 -1.896  1.00 34.16 ? 585 HOH A O   1 
HETATM 1255 O O   . HOH E 4 .   ? 12.857  -9.303  3.013   1.00 27.63 ? 586 HOH A O   1 
HETATM 1256 O O   . HOH E 4 .   ? 7.676   10.460  -9.829  1.00 46.20 ? 587 HOH A O   1 
HETATM 1257 O O   . HOH E 4 .   ? 2.017   -3.611  11.962  1.00 45.12 ? 588 HOH A O   1 
HETATM 1258 O O   . HOH E 4 .   ? -12.093 9.837   6.009   1.00 46.89 ? 589 HOH A O   1 
HETATM 1259 O O   . HOH E 4 .   ? -14.088 7.614   -2.009  1.00 31.70 ? 590 HOH A O   1 
HETATM 1260 O O   . HOH E 4 .   ? 16.289  0.005   -1.258  1.00 45.10 ? 591 HOH A O   1 
HETATM 1261 O O   . HOH E 4 .   ? 1.184   11.741  12.981  1.00 40.90 ? 592 HOH A O   1 
HETATM 1262 O O   . HOH E 4 .   ? -12.826 -12.313 -8.167  1.00 51.13 ? 593 HOH A O   1 
HETATM 1263 O O   . HOH E 4 .   ? 22.173  -12.125 -6.167  1.00 40.79 ? 594 HOH A O   1 
HETATM 1264 O O   . HOH E 4 .   ? -10.210 5.205   13.553  1.00 29.74 ? 595 HOH A O   1 
HETATM 1265 O O   . HOH E 4 .   ? 8.542   10.827  1.679   1.00 43.78 ? 596 HOH A O   1 
HETATM 1266 O O   . HOH E 4 .   ? 16.590  -5.375  1.024   1.00 43.43 ? 597 HOH A O   1 
HETATM 1267 O O   . HOH E 4 .   ? 19.274  -9.130  -3.082  1.00 41.88 ? 598 HOH A O   1 
HETATM 1268 O O   . HOH E 4 .   ? -10.617 10.593  7.767   1.00 41.79 ? 599 HOH A O   1 
HETATM 1269 O O   . HOH E 4 .   ? 15.228  -15.497 -1.965  1.00 39.67 ? 600 HOH A O   1 
HETATM 1270 O O   . HOH E 4 .   ? -13.018 7.573   1.938   1.00 44.04 ? 601 HOH A O   1 
HETATM 1271 O O   . HOH E 4 .   ? 3.956   12.165  -3.374  1.00 35.82 ? 602 HOH A O   1 
HETATM 1272 O O   . HOH E 4 .   ? 18.537  -11.813 -11.889 1.00 36.62 ? 603 HOH A O   1 
HETATM 1273 O O   . HOH E 4 .   ? 3.079   7.035   12.940  1.00 31.84 ? 604 HOH A O   1 
HETATM 1274 O O   . HOH E 4 .   ? 7.575   11.585  -5.499  1.00 32.73 ? 605 HOH A O   1 
HETATM 1275 O O   . HOH E 4 .   ? 6.779   5.860   15.043  1.00 47.49 ? 606 HOH A O   1 
HETATM 1276 O O   . HOH E 4 .   ? 12.532  10.549  -6.160  1.00 40.41 ? 607 HOH A O   1 
HETATM 1277 O O   . HOH E 4 .   ? 7.718   12.335  -0.744  1.00 32.63 ? 608 HOH A O   1 
HETATM 1278 O O   . HOH E 4 .   ? 3.079   12.140  -5.785  1.00 45.33 ? 609 HOH A O   1 
HETATM 1279 O O   . HOH E 4 .   ? 2.729   14.162  0.636   1.00 39.35 ? 610 HOH A O   1 
# 
